data_6LMT
#
_entry.id   6LMT
#
_cell.length_a   1.00
_cell.length_b   1.00
_cell.length_c   1.00
_cell.angle_alpha   90.00
_cell.angle_beta   90.00
_cell.angle_gamma   90.00
#
_symmetry.space_group_name_H-M   'P 1'
#
loop_
_entity.id
_entity.type
_entity.pdbx_description
1 polymer 'Calcium homeostasis modulator 1'
2 non-polymer 'CHOLESTEROL HEMISUCCINATE'
#
_entity_poly.entity_id   1
_entity_poly.type   'polypeptide(L)'
_entity_poly.pdbx_seq_one_letter_code
;MDKFRMMFQFLQSNQESFMNGICGIMALASAQMYSSFEFSCPCMPEYNYTYGIGLLIIPPIWFFLLGFVLNNNVSVLAEE
WKRPTGRRTKDPSVLRYMLCSITQRSLIAPAVWVSVTLMDGKSFLCAFSINLDIEKFGNASLVIGMTETEKLKFLARIPC
KDLFEDNEVRVAATRYIKCISQACGWMFLLMMTFTAFLIRAIRPCFTQAAFLKTKYWSHYIDIERKMFDETCKEHAKSFA
KVCIHQYFENISGEMQNFHRHQSKDTSDAEEEEKQRSDEDKLLGIKAQEDMNKVLENLYFQ
;
_entity_poly.pdbx_strand_id   A,B,C,D,E,F,G,H
#
loop_
_chem_comp.id
_chem_comp.type
_chem_comp.name
_chem_comp.formula
Y01 non-polymer 'CHOLESTEROL HEMISUCCINATE' 'C31 H50 O4'
#
# COMPACT_ATOMS: atom_id res chain seq x y z
N MET A 7 3.44 17.41 -3.01
CA MET A 7 3.39 17.93 -1.66
C MET A 7 1.98 17.73 -1.09
N PHE A 8 1.43 16.54 -1.28
CA PHE A 8 0.04 16.28 -0.94
C PHE A 8 -0.15 15.47 0.33
N GLN A 9 0.78 14.55 0.64
CA GLN A 9 0.67 13.66 1.79
C GLN A 9 0.73 14.37 3.14
N PHE A 10 1.10 15.66 3.17
CA PHE A 10 1.37 16.33 4.44
C PHE A 10 0.08 16.60 5.18
N LEU A 11 -0.79 17.43 4.60
CA LEU A 11 -2.11 17.64 5.18
C LEU A 11 -3.06 16.47 4.90
N GLN A 12 -2.73 15.60 3.95
CA GLN A 12 -3.51 14.38 3.76
C GLN A 12 -3.40 13.46 4.97
N SER A 13 -2.17 13.25 5.45
CA SER A 13 -2.00 12.45 6.65
C SER A 13 -2.13 13.27 7.92
N ASN A 14 -2.20 14.60 7.80
CA ASN A 14 -2.41 15.45 8.97
C ASN A 14 -3.55 16.42 8.65
N GLN A 15 -4.78 15.94 8.84
CA GLN A 15 -5.96 16.80 8.86
C GLN A 15 -6.22 17.36 10.26
N GLU A 16 -5.18 17.95 10.85
CA GLU A 16 -5.26 18.69 12.09
C GLU A 16 -4.54 20.04 12.03
N SER A 17 -3.58 20.18 11.12
CA SER A 17 -2.80 21.40 10.97
C SER A 17 -3.57 22.53 10.29
N PHE A 18 -4.82 22.30 9.93
CA PHE A 18 -5.65 23.30 9.29
C PHE A 18 -6.13 24.32 10.30
N MET A 19 -6.63 25.43 9.78
CA MET A 19 -7.52 26.32 10.52
C MET A 19 -8.80 26.59 9.74
N ASN A 20 -8.82 26.28 8.44
CA ASN A 20 -10.03 26.03 7.67
C ASN A 20 -9.74 24.89 6.72
N GLY A 21 -10.75 24.08 6.46
CA GLY A 21 -10.57 22.84 5.74
C GLY A 21 -10.76 22.96 4.25
N ILE A 22 -11.77 23.72 3.83
CA ILE A 22 -12.08 23.85 2.41
C ILE A 22 -11.00 24.64 1.67
N CYS A 23 -10.29 25.54 2.36
CA CYS A 23 -9.25 26.30 1.69
C CYS A 23 -7.99 25.47 1.48
N GLY A 24 -7.70 24.55 2.41
CA GLY A 24 -6.59 23.64 2.19
C GLY A 24 -6.88 22.60 1.13
N ILE A 25 -8.13 22.18 1.01
CA ILE A 25 -8.51 21.24 -0.04
C ILE A 25 -8.46 21.90 -1.41
N MET A 26 -8.93 23.15 -1.50
CA MET A 26 -8.96 23.80 -2.81
C MET A 26 -7.58 24.23 -3.28
N ALA A 27 -6.66 24.51 -2.37
CA ALA A 27 -5.29 24.78 -2.79
C ALA A 27 -4.61 23.51 -3.27
N LEU A 28 -4.89 22.40 -2.60
CA LEU A 28 -4.45 21.09 -3.07
C LEU A 28 -5.07 20.75 -4.42
N ALA A 29 -6.34 21.06 -4.61
CA ALA A 29 -7.01 20.76 -5.87
C ALA A 29 -6.55 21.68 -6.99
N SER A 30 -6.15 22.91 -6.65
CA SER A 30 -5.66 23.84 -7.65
C SER A 30 -4.34 23.39 -8.24
N ALA A 31 -3.44 22.91 -7.41
CA ALA A 31 -2.15 22.47 -7.90
C ALA A 31 -2.20 21.09 -8.54
N GLN A 32 -3.13 20.24 -8.12
CA GLN A 32 -3.31 18.96 -8.77
C GLN A 32 -3.98 19.13 -10.12
N MET A 33 -4.85 20.12 -10.26
CA MET A 33 -5.44 20.41 -11.56
C MET A 33 -4.43 21.01 -12.52
N TYR A 34 -3.40 21.68 -12.00
CA TYR A 34 -2.33 22.14 -12.87
C TYR A 34 -1.52 20.96 -13.41
N SER A 35 -1.31 19.94 -12.59
CA SER A 35 -0.57 18.77 -13.04
C SER A 35 -1.34 17.97 -14.06
N SER A 36 -2.66 17.87 -13.90
CA SER A 36 -3.50 17.11 -14.80
C SER A 36 -3.78 17.85 -16.10
N PHE A 37 -3.60 19.16 -16.13
CA PHE A 37 -3.89 19.93 -17.32
C PHE A 37 -2.76 19.72 -18.31
N GLU A 38 -3.11 19.43 -19.55
CA GLU A 38 -2.10 19.21 -20.58
C GLU A 38 -1.95 20.52 -21.34
N PHE A 39 -0.85 21.20 -21.09
CA PHE A 39 -0.53 22.48 -21.71
C PHE A 39 -0.32 22.28 -23.19
N SER A 40 -1.10 22.95 -24.00
CA SER A 40 -1.02 22.79 -25.45
C SER A 40 -0.92 24.15 -26.10
N CYS A 41 0.28 24.70 -26.13
CA CYS A 41 0.54 25.98 -26.77
C CYS A 41 0.23 25.87 -28.25
N PRO A 42 -0.45 26.85 -28.85
CA PRO A 42 -0.81 26.76 -30.27
C PRO A 42 0.39 26.74 -31.19
N CYS A 43 1.49 27.38 -30.78
CA CYS A 43 2.70 27.58 -31.56
C CYS A 43 2.41 28.30 -32.87
N MET A 44 1.59 29.33 -32.78
CA MET A 44 1.23 30.26 -33.83
C MET A 44 1.36 31.66 -33.27
N PRO A 45 1.90 32.61 -34.03
CA PRO A 45 2.17 33.94 -33.47
C PRO A 45 0.95 34.80 -33.23
N GLU A 46 -0.24 34.37 -33.62
CA GLU A 46 -1.45 35.13 -33.36
C GLU A 46 -2.09 34.76 -32.03
N TYR A 47 -1.82 33.55 -31.57
CA TYR A 47 -2.60 32.94 -30.52
C TYR A 47 -1.77 32.56 -29.31
N ASN A 48 -0.44 32.68 -29.40
CA ASN A 48 0.43 32.24 -28.31
C ASN A 48 0.29 33.11 -27.08
N TYR A 49 0.16 34.42 -27.28
CA TYR A 49 0.05 35.34 -26.17
C TYR A 49 -1.26 35.13 -25.40
N THR A 50 -2.37 34.99 -26.11
CA THR A 50 -3.64 34.87 -25.41
C THR A 50 -3.80 33.51 -24.76
N TYR A 51 -3.17 32.48 -25.33
CA TYR A 51 -3.19 31.18 -24.68
C TYR A 51 -2.33 31.19 -23.43
N GLY A 52 -1.11 31.71 -23.53
CA GLY A 52 -0.20 31.68 -22.39
C GLY A 52 -0.62 32.60 -21.26
N ILE A 53 -1.12 33.78 -21.60
CA ILE A 53 -1.56 34.70 -20.56
C ILE A 53 -2.97 34.35 -20.10
N GLY A 54 -3.78 33.74 -20.96
CA GLY A 54 -5.09 33.28 -20.53
C GLY A 54 -5.04 32.15 -19.54
N LEU A 55 -4.05 31.28 -19.64
CA LEU A 55 -3.88 30.25 -18.63
C LEU A 55 -3.32 30.76 -17.33
N LEU A 56 -2.86 31.99 -17.29
CA LEU A 56 -2.42 32.60 -16.07
C LEU A 56 -3.50 33.46 -15.44
N ILE A 57 -4.52 33.86 -16.22
CA ILE A 57 -5.55 34.77 -15.75
C ILE A 57 -6.89 34.07 -15.53
N ILE A 58 -7.36 33.29 -16.50
CA ILE A 58 -8.70 32.71 -16.47
C ILE A 58 -8.88 31.62 -15.42
N PRO A 59 -7.99 30.64 -15.23
CA PRO A 59 -8.22 29.68 -14.13
C PRO A 59 -8.15 30.29 -12.74
N PRO A 60 -7.35 31.33 -12.43
CA PRO A 60 -7.54 31.98 -11.14
C PRO A 60 -8.89 32.66 -10.93
N ILE A 61 -9.49 33.23 -11.96
CA ILE A 61 -10.83 33.80 -11.83
C ILE A 61 -11.84 32.70 -11.53
N TRP A 62 -11.67 31.54 -12.16
CA TRP A 62 -12.58 30.44 -11.93
C TRP A 62 -12.42 29.82 -10.55
N PHE A 63 -11.19 29.67 -10.06
CA PHE A 63 -10.97 29.20 -8.70
C PHE A 63 -11.46 30.19 -7.66
N PHE A 64 -11.48 31.47 -7.99
CA PHE A 64 -12.01 32.47 -7.07
C PHE A 64 -13.53 32.38 -6.96
N LEU A 65 -14.21 32.25 -8.10
CA LEU A 65 -15.67 32.08 -8.09
C LEU A 65 -16.07 30.78 -7.45
N LEU A 66 -15.26 29.75 -7.62
CA LEU A 66 -15.54 28.45 -7.02
C LEU A 66 -15.41 28.50 -5.51
N GLY A 67 -14.59 29.41 -4.98
CA GLY A 67 -14.57 29.62 -3.55
C GLY A 67 -15.82 30.28 -3.03
N PHE A 68 -16.44 31.15 -3.82
CA PHE A 68 -17.73 31.72 -3.43
C PHE A 68 -18.87 30.74 -3.55
N VAL A 69 -18.84 29.85 -4.54
CA VAL A 69 -19.91 28.89 -4.73
C VAL A 69 -19.88 27.82 -3.64
N LEU A 70 -18.69 27.38 -3.24
CA LEU A 70 -18.58 26.34 -2.23
C LEU A 70 -18.75 26.86 -0.81
N ASN A 71 -18.71 28.17 -0.59
CA ASN A 71 -18.88 28.71 0.75
C ASN A 71 -20.38 28.83 1.04
N ASN A 72 -20.81 28.23 2.15
CA ASN A 72 -22.22 28.14 2.48
C ASN A 72 -22.74 29.36 3.25
N ASN A 73 -21.95 30.42 3.36
CA ASN A 73 -22.41 31.64 4.01
C ASN A 73 -22.67 32.76 3.02
N VAL A 74 -22.49 32.52 1.73
CA VAL A 74 -22.68 33.60 0.77
C VAL A 74 -24.15 33.82 0.45
N SER A 75 -25.00 32.83 0.69
CA SER A 75 -26.43 33.03 0.50
C SER A 75 -27.04 33.77 1.67
N VAL A 76 -26.51 33.53 2.87
CA VAL A 76 -27.02 34.22 4.07
C VAL A 76 -26.57 35.67 4.05
N LEU A 77 -25.36 35.91 3.56
CA LEU A 77 -24.88 37.28 3.37
C LEU A 77 -25.61 37.99 2.26
N ALA A 78 -25.94 37.29 1.18
CA ALA A 78 -26.72 37.92 0.12
C ALA A 78 -28.14 38.19 0.55
N GLU A 79 -28.68 37.38 1.45
CA GLU A 79 -29.98 37.64 2.04
C GLU A 79 -29.98 38.93 2.85
N GLU A 80 -28.94 39.14 3.65
CA GLU A 80 -28.86 40.33 4.49
C GLU A 80 -28.64 41.60 3.68
N TRP A 81 -27.89 41.51 2.59
CA TRP A 81 -27.63 42.72 1.81
C TRP A 81 -28.84 43.10 0.97
N LYS A 82 -29.67 42.13 0.58
CA LYS A 82 -30.84 42.43 -0.22
C LYS A 82 -31.92 43.13 0.60
N ARG A 83 -31.98 42.86 1.89
CA ARG A 83 -33.00 43.42 2.76
C ARG A 83 -32.71 44.90 3.03
N PRO A 84 -33.77 45.72 3.17
CA PRO A 84 -33.56 47.16 3.30
C PRO A 84 -32.96 47.56 4.65
N THR A 85 -32.45 48.78 4.69
CA THR A 85 -31.86 49.32 5.91
C THR A 85 -32.94 49.60 6.94
N GLY A 86 -32.73 49.10 8.15
CA GLY A 86 -33.76 49.14 9.18
C GLY A 86 -34.29 47.75 9.40
N ARG A 87 -34.51 47.03 8.29
CA ARG A 87 -34.87 45.62 8.38
C ARG A 87 -33.65 44.77 8.68
N ARG A 88 -32.45 45.24 8.31
CA ARG A 88 -31.21 44.51 8.51
C ARG A 88 -30.92 44.32 9.99
N THR A 89 -30.74 43.07 10.40
CA THR A 89 -30.44 42.77 11.79
C THR A 89 -28.96 42.91 12.11
N LYS A 90 -28.14 43.23 11.13
CA LYS A 90 -26.70 43.29 11.31
C LYS A 90 -26.16 44.69 11.08
N ASP A 91 -25.06 45.00 11.73
CA ASP A 91 -24.35 46.23 11.47
C ASP A 91 -23.67 46.13 10.11
N PRO A 92 -23.47 47.25 9.41
CA PRO A 92 -22.74 47.20 8.14
C PRO A 92 -21.28 46.83 8.27
N SER A 93 -20.66 47.00 9.45
CA SER A 93 -19.28 46.55 9.61
C SER A 93 -19.18 45.04 9.74
N VAL A 94 -20.21 44.40 10.29
CA VAL A 94 -20.22 42.94 10.38
C VAL A 94 -20.43 42.32 9.02
N LEU A 95 -21.23 42.95 8.17
CA LEU A 95 -21.41 42.47 6.81
C LEU A 95 -20.16 42.68 5.97
N ARG A 96 -19.49 43.83 6.16
CA ARG A 96 -18.23 44.05 5.45
C ARG A 96 -17.13 43.12 5.93
N TYR A 97 -17.12 42.79 7.21
CA TYR A 97 -16.09 41.89 7.72
C TYR A 97 -16.32 40.47 7.22
N MET A 98 -17.58 40.09 7.11
CA MET A 98 -17.96 38.76 6.65
C MET A 98 -17.59 38.55 5.18
N LEU A 99 -17.87 39.56 4.35
CA LEU A 99 -17.49 39.52 2.95
C LEU A 99 -15.97 39.49 2.78
N CYS A 100 -15.25 40.22 3.62
CA CYS A 100 -13.80 40.21 3.55
C CYS A 100 -13.22 38.87 4.00
N SER A 101 -13.89 38.18 4.91
CA SER A 101 -13.44 36.86 5.34
C SER A 101 -13.60 35.82 4.24
N ILE A 102 -14.73 35.85 3.53
CA ILE A 102 -14.96 34.91 2.44
C ILE A 102 -14.02 35.19 1.28
N THR A 103 -13.76 36.47 1.00
CA THR A 103 -12.90 36.85 -0.11
C THR A 103 -11.46 36.43 0.13
N GLN A 104 -10.97 36.57 1.36
CA GLN A 104 -9.57 36.23 1.64
C GLN A 104 -9.33 34.74 1.60
N ARG A 105 -10.29 33.91 1.99
CA ARG A 105 -10.10 32.48 1.84
C ARG A 105 -10.31 32.01 0.41
N SER A 106 -11.00 32.78 -0.41
CA SER A 106 -11.22 32.41 -1.78
C SER A 106 -10.06 32.78 -2.69
N LEU A 107 -9.03 33.42 -2.17
CA LEU A 107 -7.87 33.81 -2.93
C LEU A 107 -6.69 32.87 -2.78
N ILE A 108 -6.85 31.77 -2.05
CA ILE A 108 -5.74 30.85 -1.83
C ILE A 108 -5.49 29.99 -3.06
N ALA A 109 -6.52 29.34 -3.57
CA ALA A 109 -6.44 28.56 -4.80
C ALA A 109 -6.10 29.37 -6.06
N PRO A 110 -6.55 30.63 -6.24
CA PRO A 110 -5.94 31.45 -7.30
C PRO A 110 -4.47 31.71 -7.14
N ALA A 111 -4.01 31.93 -5.91
CA ALA A 111 -2.60 32.20 -5.68
C ALA A 111 -1.75 30.95 -5.88
N VAL A 112 -2.29 29.78 -5.54
CA VAL A 112 -1.59 28.53 -5.79
C VAL A 112 -1.46 28.28 -7.29
N TRP A 113 -2.49 28.59 -8.08
CA TRP A 113 -2.44 28.42 -9.52
C TRP A 113 -1.37 29.31 -10.15
N VAL A 114 -1.36 30.60 -9.79
CA VAL A 114 -0.41 31.54 -10.38
C VAL A 114 1.01 31.16 -10.03
N SER A 115 1.24 30.63 -8.84
CA SER A 115 2.58 30.26 -8.43
C SER A 115 3.08 29.00 -9.12
N VAL A 116 2.25 27.96 -9.24
CA VAL A 116 2.70 26.76 -9.97
C VAL A 116 2.85 27.06 -11.45
N THR A 117 2.10 28.01 -11.98
CA THR A 117 2.21 28.34 -13.39
C THR A 117 3.48 29.11 -13.69
N LEU A 118 3.86 30.00 -12.79
CA LEU A 118 5.09 30.75 -12.97
C LEU A 118 6.33 29.92 -12.66
N MET A 119 6.25 28.98 -11.71
CA MET A 119 7.40 28.13 -11.45
C MET A 119 7.61 27.10 -12.53
N ASP A 120 6.53 26.69 -13.21
CA ASP A 120 6.68 25.74 -14.29
C ASP A 120 7.25 26.40 -15.53
N GLY A 121 6.86 27.62 -15.82
CA GLY A 121 7.47 28.38 -16.88
C GLY A 121 6.84 28.26 -18.25
N LYS A 122 5.82 27.42 -18.43
CA LYS A 122 5.26 27.19 -19.75
C LYS A 122 4.38 28.32 -20.25
N SER A 123 3.69 29.03 -19.35
CA SER A 123 2.88 30.17 -19.78
C SER A 123 3.73 31.33 -20.28
N PHE A 124 4.89 31.55 -19.67
CA PHE A 124 5.77 32.57 -20.21
C PHE A 124 6.46 32.11 -21.48
N LEU A 125 6.73 30.80 -21.59
CA LEU A 125 7.37 30.30 -22.79
C LEU A 125 6.44 30.41 -23.98
N CYS A 126 5.15 30.15 -23.78
CA CYS A 126 4.20 30.29 -24.86
C CYS A 126 3.97 31.75 -25.19
N ALA A 127 3.76 32.60 -24.19
CA ALA A 127 3.37 33.98 -24.44
C ALA A 127 4.49 34.87 -24.96
N PHE A 128 5.75 34.57 -24.67
CA PHE A 128 6.84 35.52 -24.87
C PHE A 128 7.91 35.01 -25.81
N SER A 129 7.67 33.92 -26.52
CA SER A 129 8.71 33.39 -27.39
C SER A 129 8.82 34.15 -28.70
N ILE A 130 7.79 34.89 -29.11
CA ILE A 130 7.93 35.76 -30.27
C ILE A 130 8.58 37.08 -29.91
N ASN A 131 8.76 37.36 -28.63
CA ASN A 131 9.45 38.55 -28.16
C ASN A 131 10.93 38.32 -27.96
N LEU A 132 11.42 37.15 -28.33
CA LEU A 132 12.83 36.85 -28.13
C LEU A 132 13.70 37.56 -29.15
N ASP A 133 14.97 37.64 -28.82
CA ASP A 133 16.02 38.18 -29.69
C ASP A 133 16.95 37.00 -29.91
N ILE A 134 16.78 36.30 -31.03
CA ILE A 134 17.28 34.93 -31.13
C ILE A 134 18.78 34.86 -31.36
N GLU A 135 19.43 36.00 -31.56
CA GLU A 135 20.89 36.02 -31.72
C GLU A 135 21.63 35.77 -30.42
N LYS A 136 20.93 35.76 -29.29
CA LYS A 136 21.52 35.48 -27.99
C LYS A 136 21.59 34.00 -27.67
N PHE A 137 21.16 33.13 -28.57
CA PHE A 137 20.82 31.75 -28.24
C PHE A 137 21.48 30.71 -29.12
N GLY A 138 21.95 31.07 -30.32
CA GLY A 138 22.53 30.09 -31.20
C GLY A 138 23.19 30.68 -32.44
N ASN A 139 22.93 30.06 -33.60
CA ASN A 139 23.37 30.62 -34.87
C ASN A 139 22.71 31.96 -35.12
N ALA A 140 23.45 32.87 -35.75
CA ALA A 140 22.86 34.10 -36.25
C ALA A 140 22.23 33.92 -37.61
N SER A 141 22.58 32.84 -38.31
CA SER A 141 22.10 32.55 -39.65
C SER A 141 20.73 31.90 -39.67
N LEU A 142 20.05 31.84 -38.53
CA LEU A 142 18.70 31.28 -38.52
C LEU A 142 17.70 32.24 -39.15
N VAL A 143 17.57 33.45 -38.59
CA VAL A 143 16.53 34.37 -38.98
C VAL A 143 16.97 35.35 -40.06
N ILE A 144 18.08 35.09 -40.74
CA ILE A 144 18.37 35.80 -41.97
C ILE A 144 17.77 34.99 -43.10
N GLY A 145 17.43 35.66 -44.20
CA GLY A 145 16.70 35.02 -45.27
C GLY A 145 15.23 34.82 -45.01
N MET A 146 14.73 35.25 -43.85
CA MET A 146 13.31 35.18 -43.52
C MET A 146 12.70 36.57 -43.58
N THR A 147 11.38 36.59 -43.79
CA THR A 147 10.59 37.79 -43.67
C THR A 147 10.36 38.08 -42.19
N GLU A 148 9.87 39.28 -41.88
CA GLU A 148 9.41 39.55 -40.52
C GLU A 148 8.25 38.65 -40.13
N THR A 149 7.37 38.34 -41.07
CA THR A 149 6.27 37.41 -40.83
C THR A 149 6.79 35.99 -40.59
N GLU A 150 7.80 35.58 -41.36
CA GLU A 150 8.25 34.21 -41.27
C GLU A 150 9.08 33.95 -40.02
N LYS A 151 9.80 34.96 -39.53
CA LYS A 151 10.52 34.75 -38.29
C LYS A 151 9.61 34.82 -37.07
N LEU A 152 8.46 35.49 -37.18
CA LEU A 152 7.46 35.38 -36.12
C LEU A 152 6.87 33.99 -36.06
N LYS A 153 6.69 33.33 -37.21
CA LYS A 153 6.26 31.94 -37.20
C LYS A 153 7.35 31.03 -36.69
N PHE A 154 8.61 31.39 -36.93
CA PHE A 154 9.74 30.58 -36.48
C PHE A 154 9.89 30.63 -34.96
N LEU A 155 9.80 31.83 -34.39
CA LEU A 155 9.91 32.01 -32.95
C LEU A 155 8.70 31.50 -32.20
N ALA A 156 7.55 31.43 -32.84
CA ALA A 156 6.35 30.95 -32.17
C ALA A 156 6.39 29.46 -31.92
N ARG A 157 7.25 28.72 -32.61
CA ARG A 157 7.29 27.28 -32.47
C ARG A 157 8.30 26.81 -31.44
N ILE A 158 9.01 27.75 -30.81
CA ILE A 158 9.91 27.42 -29.70
C ILE A 158 9.27 26.65 -28.54
N PRO A 159 8.04 26.93 -28.09
CA PRO A 159 7.47 26.10 -27.02
C PRO A 159 7.16 24.66 -27.41
N CYS A 160 7.28 24.29 -28.68
CA CYS A 160 6.90 22.98 -29.18
C CYS A 160 8.17 22.25 -29.60
N LYS A 161 8.47 21.14 -28.93
CA LYS A 161 9.70 20.39 -29.22
C LYS A 161 9.63 19.75 -30.60
N ASP A 162 8.48 19.20 -30.95
CA ASP A 162 8.27 18.49 -32.19
C ASP A 162 7.87 19.39 -33.35
N LEU A 163 7.98 20.70 -33.19
CA LEU A 163 7.79 21.63 -34.28
C LEU A 163 8.97 22.56 -34.46
N PHE A 164 9.96 22.49 -33.57
CA PHE A 164 11.14 23.33 -33.64
C PHE A 164 12.32 22.39 -33.76
N GLU A 165 13.17 22.61 -34.76
CA GLU A 165 14.15 21.58 -35.10
C GLU A 165 15.51 21.81 -34.44
N ASP A 166 15.91 23.06 -34.21
CA ASP A 166 17.21 23.36 -33.64
C ASP A 166 17.10 23.22 -32.14
N ASN A 167 17.60 22.11 -31.60
CA ASN A 167 17.38 21.81 -30.20
C ASN A 167 18.24 22.68 -29.30
N GLU A 168 19.39 23.13 -29.79
CA GLU A 168 20.27 23.95 -28.98
C GLU A 168 19.69 25.34 -28.77
N VAL A 169 19.10 25.93 -29.80
CA VAL A 169 18.47 27.23 -29.67
C VAL A 169 17.20 27.13 -28.85
N ARG A 170 16.49 26.02 -28.98
CA ARG A 170 15.27 25.83 -28.21
C ARG A 170 15.56 25.64 -26.73
N VAL A 171 16.59 24.87 -26.39
CA VAL A 171 16.95 24.64 -24.99
C VAL A 171 17.47 25.92 -24.34
N ALA A 172 18.23 26.72 -25.09
CA ALA A 172 18.74 27.96 -24.53
C ALA A 172 17.64 29.00 -24.32
N ALA A 173 16.70 29.08 -25.26
CA ALA A 173 15.60 30.04 -25.11
C ALA A 173 14.59 29.60 -24.06
N THR A 174 14.40 28.30 -23.90
CA THR A 174 13.51 27.80 -22.87
C THR A 174 14.08 28.04 -21.49
N ARG A 175 15.39 27.86 -21.31
CA ARG A 175 16.01 28.10 -20.01
C ARG A 175 16.02 29.56 -19.63
N TYR A 176 16.18 30.44 -20.60
CA TYR A 176 16.15 31.87 -20.35
C TYR A 176 14.77 32.33 -19.91
N ILE A 177 13.72 31.86 -20.57
CA ILE A 177 12.39 32.32 -20.22
C ILE A 177 11.89 31.66 -18.94
N LYS A 178 12.25 30.41 -18.70
CA LYS A 178 11.84 29.76 -17.47
C LYS A 178 12.54 30.35 -16.24
N CYS A 179 13.75 30.85 -16.42
CA CYS A 179 14.43 31.61 -15.37
C CYS A 179 13.67 32.88 -15.01
N ILE A 180 13.24 33.65 -16.00
CA ILE A 180 12.49 34.88 -15.76
C ILE A 180 11.13 34.57 -15.15
N SER A 181 10.53 33.47 -15.56
CA SER A 181 9.23 33.06 -15.00
C SER A 181 9.36 32.62 -13.56
N GLN A 182 10.45 31.94 -13.22
CA GLN A 182 10.69 31.55 -11.83
C GLN A 182 11.05 32.75 -10.98
N ALA A 183 11.68 33.76 -11.56
CA ALA A 183 11.94 34.99 -10.83
C ALA A 183 10.64 35.73 -10.53
N CYS A 184 9.72 35.78 -11.49
CA CYS A 184 8.41 36.36 -11.24
C CYS A 184 7.60 35.53 -10.28
N GLY A 185 7.79 34.22 -10.28
CA GLY A 185 7.09 33.38 -9.33
C GLY A 185 7.56 33.55 -7.91
N TRP A 186 8.86 33.76 -7.71
CA TRP A 186 9.36 34.03 -6.38
C TRP A 186 9.02 35.44 -5.92
N MET A 187 8.98 36.42 -6.82
CA MET A 187 8.55 37.74 -6.41
C MET A 187 7.06 37.78 -6.13
N PHE A 188 6.27 36.98 -6.85
CA PHE A 188 4.85 36.88 -6.56
C PHE A 188 4.60 36.23 -5.21
N LEU A 189 5.31 35.15 -4.90
CA LEU A 189 5.17 34.49 -3.60
C LEU A 189 5.57 35.40 -2.47
N LEU A 190 6.59 36.20 -2.69
CA LEU A 190 7.13 37.05 -1.64
C LEU A 190 6.23 38.25 -1.38
N MET A 191 5.61 38.80 -2.42
CA MET A 191 4.67 39.90 -2.23
C MET A 191 3.37 39.43 -1.63
N MET A 192 2.91 38.24 -1.98
CA MET A 192 1.64 37.78 -1.42
C MET A 192 1.80 37.30 0.00
N THR A 193 2.98 36.82 0.37
CA THR A 193 3.20 36.42 1.75
C THR A 193 3.45 37.62 2.64
N PHE A 194 4.07 38.67 2.10
CA PHE A 194 4.25 39.88 2.87
C PHE A 194 2.95 40.65 3.01
N THR A 195 2.05 40.54 2.03
CA THR A 195 0.69 41.04 2.18
C THR A 195 -0.06 40.25 3.24
N ALA A 196 0.11 38.94 3.26
CA ALA A 196 -0.50 38.10 4.29
C ALA A 196 0.04 38.42 5.67
N PHE A 197 1.30 38.85 5.76
CA PHE A 197 1.87 39.22 7.05
C PHE A 197 1.28 40.52 7.57
N LEU A 198 1.13 41.52 6.70
CA LEU A 198 0.58 42.79 7.12
C LEU A 198 -0.90 42.70 7.43
N ILE A 199 -1.62 41.81 6.75
CA ILE A 199 -3.04 41.64 7.06
C ILE A 199 -3.21 40.91 8.39
N ARG A 200 -2.41 39.88 8.64
CA ARG A 200 -2.53 39.16 9.90
C ARG A 200 -1.80 39.82 11.06
N ALA A 201 -1.24 41.01 10.88
CA ALA A 201 -0.66 41.73 11.99
C ALA A 201 -1.33 43.05 12.28
N ILE A 202 -1.72 43.80 11.25
CA ILE A 202 -2.28 45.13 11.44
C ILE A 202 -3.81 45.08 11.56
N ARG A 203 -4.48 44.26 10.77
CA ARG A 203 -5.95 44.23 10.78
C ARG A 203 -6.57 43.68 12.06
N PRO A 204 -6.05 42.63 12.74
CA PRO A 204 -6.60 42.31 14.07
C PRO A 204 -6.29 43.32 15.16
N CYS A 205 -5.45 44.32 14.89
CA CYS A 205 -5.33 45.49 15.74
C CYS A 205 -6.38 46.54 15.44
N PHE A 206 -7.09 46.43 14.32
CA PHE A 206 -8.03 47.45 13.87
C PHE A 206 -9.47 46.96 13.79
N THR A 207 -9.71 45.78 13.23
CA THR A 207 -11.07 45.22 13.16
C THR A 207 -11.19 44.16 14.25
N GLN A 208 -11.54 44.60 15.45
CA GLN A 208 -11.87 43.71 16.54
C GLN A 208 -13.28 44.04 17.02
N ALA A 209 -13.98 43.00 17.48
CA ALA A 209 -15.38 42.87 17.90
C ALA A 209 -16.33 42.90 16.73
N ALA A 210 -15.88 43.25 15.52
CA ALA A 210 -16.55 42.80 14.32
C ALA A 210 -16.17 41.36 14.04
N PHE A 211 -14.90 41.03 14.32
CA PHE A 211 -14.43 39.66 14.28
C PHE A 211 -15.17 38.79 15.26
N LEU A 212 -15.51 39.32 16.42
CA LEU A 212 -16.22 38.52 17.42
C LEU A 212 -17.70 38.41 17.09
N LYS A 213 -18.28 39.43 16.46
CA LYS A 213 -19.67 39.31 16.01
C LYS A 213 -19.80 38.40 14.79
N THR A 214 -18.80 38.42 13.90
CA THR A 214 -18.83 37.55 12.74
C THR A 214 -18.58 36.11 13.13
N LYS A 215 -17.79 35.88 14.18
CA LYS A 215 -17.61 34.53 14.68
C LYS A 215 -18.87 34.00 15.34
N TYR A 216 -19.58 34.82 16.09
CA TYR A 216 -20.86 34.38 16.64
C TYR A 216 -21.88 34.14 15.54
N TRP A 217 -21.82 34.93 14.47
CA TRP A 217 -22.70 34.75 13.33
C TRP A 217 -22.44 33.43 12.63
N SER A 218 -21.18 33.05 12.48
CA SER A 218 -20.83 31.80 11.81
C SER A 218 -21.21 30.59 12.66
N HIS A 219 -21.00 30.66 13.97
CA HIS A 219 -21.44 29.58 14.84
C HIS A 219 -22.95 29.49 14.90
N TYR A 220 -23.65 30.62 14.80
CA TYR A 220 -25.11 30.58 14.84
C TYR A 220 -25.70 29.90 13.62
N ILE A 221 -25.03 30.03 12.47
CA ILE A 221 -25.53 29.41 11.25
C ILE A 221 -25.38 27.89 11.31
N ASP A 222 -24.21 27.40 11.72
CA ASP A 222 -24.00 25.96 11.83
C ASP A 222 -24.91 25.33 12.89
N ILE A 223 -25.23 26.06 13.95
CA ILE A 223 -26.16 25.55 14.95
C ILE A 223 -27.59 25.54 14.41
N GLU A 224 -27.99 26.59 13.69
CA GLU A 224 -29.36 26.68 13.20
C GLU A 224 -29.64 25.65 12.11
N ARG A 225 -28.64 25.35 11.27
CA ARG A 225 -28.82 24.32 10.24
C ARG A 225 -28.95 22.94 10.84
N LYS A 226 -28.07 22.61 11.79
CA LYS A 226 -28.12 21.29 12.42
C LYS A 226 -29.39 21.12 13.24
N MET A 227 -29.77 22.12 14.03
CA MET A 227 -30.94 21.98 14.88
C MET A 227 -32.22 21.93 14.08
N PHE A 228 -32.25 22.58 12.91
CA PHE A 228 -33.40 22.41 12.03
C PHE A 228 -33.46 21.01 11.43
N ASP A 229 -32.31 20.37 11.19
CA ASP A 229 -32.31 19.02 10.64
C ASP A 229 -32.85 18.01 11.64
N GLU A 230 -32.35 18.03 12.88
CA GLU A 230 -32.87 17.08 13.85
C GLU A 230 -34.28 17.41 14.32
N THR A 231 -34.74 18.65 14.17
CA THR A 231 -36.12 18.93 14.54
C THR A 231 -37.08 18.41 13.47
N CYS A 232 -36.67 18.50 12.20
CA CYS A 232 -37.47 17.88 11.13
C CYS A 232 -37.52 16.37 11.31
N LYS A 233 -36.42 15.76 11.77
CA LYS A 233 -36.42 14.30 11.93
C LYS A 233 -37.30 13.86 13.10
N GLU A 234 -37.37 14.62 14.18
CA GLU A 234 -38.25 14.20 15.26
C GLU A 234 -39.72 14.49 14.97
N HIS A 235 -40.02 15.54 14.20
CA HIS A 235 -41.38 15.74 13.73
C HIS A 235 -41.75 14.75 12.64
N ALA A 236 -40.77 14.17 11.95
CA ALA A 236 -41.08 13.07 11.03
C ALA A 236 -41.42 11.81 11.80
N LYS A 237 -40.63 11.49 12.84
CA LYS A 237 -40.80 10.24 13.58
C LYS A 237 -42.13 10.15 14.30
N SER A 238 -42.71 11.29 14.68
CA SER A 238 -44.06 11.30 15.21
C SER A 238 -45.06 10.83 14.16
N PHE A 239 -45.07 11.47 12.99
CA PHE A 239 -46.08 11.17 11.98
C PHE A 239 -45.79 9.87 11.24
N ALA A 240 -44.52 9.48 11.16
CA ALA A 240 -44.20 8.21 10.51
C ALA A 240 -44.60 7.03 11.36
N LYS A 241 -44.47 7.15 12.69
CA LYS A 241 -44.94 6.10 13.59
C LYS A 241 -46.45 5.95 13.50
N VAL A 242 -47.18 7.05 13.29
CA VAL A 242 -48.63 6.99 13.13
C VAL A 242 -49.00 6.23 11.87
N CYS A 243 -48.31 6.51 10.76
CA CYS A 243 -48.68 5.91 9.48
C CYS A 243 -48.32 4.44 9.41
N ILE A 244 -47.18 4.05 9.98
CA ILE A 244 -46.73 2.67 9.91
C ILE A 244 -47.62 1.78 10.77
N HIS A 245 -47.96 2.24 11.97
CA HIS A 245 -48.80 1.45 12.87
C HIS A 245 -50.21 1.30 12.31
N GLN A 246 -50.75 2.35 11.69
CA GLN A 246 -52.05 2.27 11.06
C GLN A 246 -52.04 1.39 9.82
N TYR A 247 -50.89 1.25 9.15
CA TYR A 247 -50.80 0.33 8.01
C TYR A 247 -50.91 -1.12 8.47
N PHE A 248 -50.19 -1.49 9.52
CA PHE A 248 -50.22 -2.87 9.99
C PHE A 248 -51.47 -3.21 10.79
N GLU A 249 -52.36 -2.25 11.06
CA GLU A 249 -53.66 -2.59 11.64
C GLU A 249 -54.48 -3.43 10.68
N ASN A 250 -54.37 -3.15 9.39
CA ASN A 250 -55.18 -3.85 8.40
C ASN A 250 -54.40 -5.01 7.79
N ILE A 251 -53.11 -4.83 7.56
CA ILE A 251 -52.36 -5.83 6.82
C ILE A 251 -52.01 -7.02 7.69
N SER A 252 -51.81 -6.81 9.01
CA SER A 252 -51.67 -7.95 9.92
C SER A 252 -52.98 -8.72 10.07
N GLY A 253 -54.12 -8.08 9.78
CA GLY A 253 -55.35 -8.84 9.64
C GLY A 253 -55.31 -9.79 8.47
N GLU A 254 -54.56 -9.42 7.43
CA GLU A 254 -54.32 -10.36 6.33
C GLU A 254 -53.14 -11.29 6.63
N MET A 255 -52.12 -10.81 7.33
CA MET A 255 -50.96 -11.63 7.69
C MET A 255 -51.28 -12.72 8.71
N GLN A 256 -52.47 -12.71 9.30
CA GLN A 256 -53.00 -13.87 10.03
C GLN A 256 -52.97 -15.12 9.17
N ASN A 257 -53.78 -15.14 8.12
CA ASN A 257 -53.84 -16.30 7.25
C ASN A 257 -52.64 -16.41 6.33
N PHE A 258 -51.92 -15.30 6.09
CA PHE A 258 -50.87 -15.31 5.09
C PHE A 258 -49.52 -15.75 5.66
N HIS A 259 -49.32 -15.65 6.98
CA HIS A 259 -48.07 -16.09 7.59
C HIS A 259 -48.31 -16.85 8.88
N ARG A 260 -49.42 -17.59 8.96
CA ARG A 260 -49.61 -18.56 10.03
C ARG A 260 -50.38 -19.76 9.51
N MET B 7 -7.49 13.22 -9.64
CA MET B 7 -8.01 14.08 -8.58
C MET B 7 -9.06 13.31 -7.76
N PHE B 8 -8.74 12.06 -7.42
CA PHE B 8 -9.72 11.18 -6.80
C PHE B 8 -9.52 10.98 -5.32
N GLN B 9 -8.27 10.99 -4.84
CA GLN B 9 -7.94 10.75 -3.43
C GLN B 9 -8.47 11.80 -2.47
N PHE B 10 -8.96 12.93 -2.97
CA PHE B 10 -9.29 14.05 -2.08
C PHE B 10 -10.56 13.76 -1.31
N LEU B 11 -11.68 13.61 -2.01
CA LEU B 11 -12.91 13.19 -1.35
C LEU B 11 -12.91 11.70 -1.03
N GLN B 12 -12.02 10.91 -1.64
CA GLN B 12 -11.88 9.51 -1.25
C GLN B 12 -11.37 9.38 0.17
N SER B 13 -10.33 10.14 0.51
CA SER B 13 -9.83 10.14 1.87
C SER B 13 -10.58 11.13 2.76
N ASN B 14 -11.43 11.98 2.17
CA ASN B 14 -12.23 12.91 2.97
C ASN B 14 -13.68 12.77 2.50
N GLN B 15 -14.38 11.78 3.04
CA GLN B 15 -15.83 11.69 2.93
C GLN B 15 -16.53 12.48 4.04
N GLU B 16 -16.14 13.73 4.21
CA GLU B 16 -16.79 14.68 5.10
C GLU B 16 -17.02 16.03 4.44
N SER B 17 -16.26 16.37 3.40
CA SER B 17 -16.36 17.64 2.70
C SER B 17 -17.57 17.73 1.78
N PHE B 18 -18.39 16.67 1.73
CA PHE B 18 -19.57 16.64 0.90
C PHE B 18 -20.69 17.46 1.53
N MET B 19 -21.70 17.75 0.72
CA MET B 19 -23.00 18.14 1.21
C MET B 19 -24.09 17.27 0.60
N ASN B 20 -23.78 16.55 -0.48
CA ASN B 20 -24.51 15.35 -0.91
C ASN B 20 -23.48 14.36 -1.42
N GLY B 21 -23.76 13.08 -1.20
CA GLY B 21 -22.79 12.04 -1.44
C GLY B 21 -22.85 11.44 -2.82
N ILE B 22 -24.06 11.22 -3.33
CA ILE B 22 -24.22 10.58 -4.63
C ILE B 22 -23.78 11.51 -5.77
N CYS B 23 -23.84 12.83 -5.57
CA CYS B 23 -23.39 13.74 -6.62
C CYS B 23 -21.88 13.81 -6.70
N GLY B 24 -21.20 13.70 -5.57
CA GLY B 24 -19.75 13.62 -5.60
C GLY B 24 -19.23 12.32 -6.16
N ILE B 25 -19.96 11.23 -5.92
CA ILE B 25 -19.56 9.95 -6.48
C ILE B 25 -19.78 9.93 -7.99
N MET B 26 -20.90 10.48 -8.45
CA MET B 26 -21.16 10.42 -9.89
C MET B 26 -20.28 11.37 -10.68
N ALA B 27 -19.84 12.47 -10.09
CA ALA B 27 -18.88 13.32 -10.79
C ALA B 27 -17.51 12.65 -10.87
N LEU B 28 -17.13 11.95 -9.81
CA LEU B 28 -15.95 11.09 -9.83
C LEU B 28 -16.08 9.97 -10.85
N ALA B 29 -17.25 9.36 -10.94
CA ALA B 29 -17.46 8.28 -11.89
C ALA B 29 -17.53 8.78 -13.32
N SER B 30 -17.99 10.01 -13.52
CA SER B 30 -18.06 10.58 -14.86
C SER B 30 -16.69 10.82 -15.44
N ALA B 31 -15.77 11.34 -14.63
CA ALA B 31 -14.43 11.61 -15.12
C ALA B 31 -13.58 10.37 -15.20
N GLN B 32 -13.84 9.37 -14.36
CA GLN B 32 -13.13 8.10 -14.47
C GLN B 32 -13.61 7.31 -15.67
N MET B 33 -14.88 7.44 -16.02
CA MET B 33 -15.38 6.81 -17.22
C MET B 33 -14.84 7.46 -18.48
N TYR B 34 -14.50 8.75 -18.41
CA TYR B 34 -13.84 9.38 -19.54
C TYR B 34 -12.42 8.82 -19.73
N SER B 35 -11.74 8.53 -18.63
CA SER B 35 -10.39 7.99 -18.73
C SER B 35 -10.40 6.57 -19.26
N SER B 36 -11.40 5.78 -18.87
CA SER B 36 -11.50 4.40 -19.30
C SER B 36 -12.03 4.26 -20.72
N PHE B 37 -12.68 5.28 -21.25
CA PHE B 37 -13.24 5.20 -22.58
C PHE B 37 -12.12 5.35 -23.59
N GLU B 38 -12.08 4.47 -24.57
CA GLU B 38 -11.04 4.52 -25.59
C GLU B 38 -11.63 5.24 -26.78
N PHE B 39 -11.20 6.48 -26.97
CA PHE B 39 -11.67 7.33 -28.05
C PHE B 39 -11.21 6.76 -29.37
N SER B 40 -12.15 6.46 -30.25
CA SER B 40 -11.83 5.84 -31.54
C SER B 40 -12.50 6.61 -32.64
N CYS B 41 -11.87 7.71 -33.04
CA CYS B 41 -12.38 8.53 -34.14
C CYS B 41 -12.40 7.70 -35.42
N PRO B 42 -13.46 7.77 -36.22
CA PRO B 42 -13.53 6.95 -37.44
C PRO B 42 -12.48 7.29 -38.46
N CYS B 43 -12.04 8.55 -38.48
CA CYS B 43 -11.12 9.13 -39.46
C CYS B 43 -11.64 8.96 -40.88
N MET B 44 -12.93 9.25 -41.05
CA MET B 44 -13.65 9.29 -42.29
C MET B 44 -14.47 10.56 -42.31
N PRO B 45 -14.53 11.28 -43.44
CA PRO B 45 -15.18 12.59 -43.45
C PRO B 45 -16.70 12.56 -43.35
N GLU B 46 -17.33 11.40 -43.37
CA GLU B 46 -18.77 11.31 -43.23
C GLU B 46 -19.19 11.17 -41.78
N TYR B 47 -18.31 10.66 -40.95
CA TYR B 47 -18.66 10.15 -39.65
C TYR B 47 -17.91 10.84 -38.52
N ASN B 48 -16.92 11.68 -38.85
CA ASN B 48 -16.09 12.31 -37.83
C ASN B 48 -16.87 13.31 -36.99
N TYR B 49 -17.74 14.07 -37.63
CA TYR B 49 -18.50 15.08 -36.93
C TYR B 49 -19.49 14.45 -35.95
N THR B 50 -20.20 13.42 -36.38
CA THR B 50 -21.21 12.84 -35.50
C THR B 50 -20.58 12.03 -34.38
N TYR B 51 -19.40 11.46 -34.62
CA TYR B 51 -18.70 10.78 -33.55
C TYR B 51 -18.16 11.77 -32.53
N GLY B 52 -17.51 12.83 -33.00
CA GLY B 52 -16.90 13.79 -32.08
C GLY B 52 -17.90 14.62 -31.32
N ILE B 53 -18.98 15.02 -31.98
CA ILE B 53 -20.00 15.80 -31.30
C ILE B 53 -20.95 14.90 -30.54
N GLY B 54 -21.12 13.66 -30.98
CA GLY B 54 -21.93 12.71 -30.22
C GLY B 54 -21.30 12.31 -28.90
N LEU B 55 -19.99 12.25 -28.82
CA LEU B 55 -19.34 12.00 -27.54
C LEU B 55 -19.34 13.20 -26.62
N LEU B 56 -19.74 14.35 -27.11
CA LEU B 56 -19.89 15.52 -26.28
C LEU B 56 -21.33 15.71 -25.85
N ILE B 57 -22.29 15.10 -26.55
CA ILE B 57 -23.71 15.30 -26.30
C ILE B 57 -24.36 14.09 -25.63
N ILE B 58 -24.15 12.89 -26.16
CA ILE B 58 -24.87 11.70 -25.73
C ILE B 58 -24.47 11.22 -24.33
N PRO B 59 -23.19 11.12 -23.94
CA PRO B 59 -22.90 10.73 -22.54
C PRO B 59 -23.37 11.72 -21.50
N PRO B 60 -23.40 13.06 -21.72
CA PRO B 60 -24.09 13.90 -20.74
C PRO B 60 -25.58 13.65 -20.58
N ILE B 61 -26.30 13.31 -21.65
CA ILE B 61 -27.72 12.96 -21.54
C ILE B 61 -27.87 11.69 -20.70
N TRP B 62 -26.97 10.74 -20.89
CA TRP B 62 -27.05 9.49 -20.14
C TRP B 62 -26.70 9.68 -18.67
N PHE B 63 -25.69 10.50 -18.36
CA PHE B 63 -25.38 10.81 -16.96
C PHE B 63 -26.47 11.61 -16.29
N PHE B 64 -27.23 12.39 -17.06
CA PHE B 64 -28.36 13.13 -16.50
C PHE B 64 -29.51 12.20 -16.14
N LEU B 65 -29.85 11.26 -17.03
CA LEU B 65 -30.89 10.28 -16.73
C LEU B 65 -30.49 9.36 -15.60
N LEU B 66 -29.20 9.05 -15.51
CA LEU B 66 -28.71 8.20 -14.45
C LEU B 66 -28.81 8.89 -13.10
N GLY B 67 -28.77 10.21 -13.07
CA GLY B 67 -29.03 10.92 -11.84
C GLY B 67 -30.48 10.84 -11.40
N PHE B 68 -31.40 10.79 -12.35
CA PHE B 68 -32.81 10.57 -12.01
C PHE B 68 -33.10 9.15 -11.59
N VAL B 69 -32.42 8.17 -12.17
CA VAL B 69 -32.66 6.78 -11.83
C VAL B 69 -32.12 6.45 -10.44
N LEU B 70 -30.96 7.00 -10.10
CA LEU B 70 -30.36 6.71 -8.81
C LEU B 70 -30.96 7.51 -7.67
N ASN B 71 -31.74 8.55 -7.94
CA ASN B 71 -32.35 9.34 -6.90
C ASN B 71 -33.63 8.65 -6.44
N ASN B 72 -33.73 8.38 -5.14
CA ASN B 72 -34.83 7.61 -4.59
C ASN B 72 -36.06 8.45 -4.24
N ASN B 73 -36.10 9.71 -4.65
CA ASN B 73 -37.27 10.55 -4.43
C ASN B 73 -38.04 10.81 -5.70
N VAL B 74 -37.61 10.25 -6.83
CA VAL B 74 -38.31 10.54 -8.08
C VAL B 74 -39.57 9.70 -8.22
N SER B 75 -39.67 8.58 -7.52
CA SER B 75 -40.89 7.79 -7.54
C SER B 75 -41.94 8.41 -6.65
N VAL B 76 -41.52 9.01 -5.54
CA VAL B 76 -42.45 9.64 -4.61
C VAL B 76 -42.98 10.93 -5.22
N LEU B 77 -42.12 11.65 -5.95
CA LEU B 77 -42.54 12.83 -6.68
C LEU B 77 -43.44 12.47 -7.87
N ALA B 78 -43.16 11.36 -8.54
CA ALA B 78 -44.03 10.94 -9.64
C ALA B 78 -45.38 10.46 -9.12
N GLU B 79 -45.39 9.89 -7.91
CA GLU B 79 -46.64 9.52 -7.26
C GLU B 79 -47.51 10.75 -6.99
N GLU B 80 -46.91 11.82 -6.49
CA GLU B 80 -47.67 13.03 -6.17
C GLU B 80 -48.17 13.76 -7.40
N TRP B 81 -47.41 13.73 -8.50
CA TRP B 81 -47.85 14.43 -9.69
C TRP B 81 -48.94 13.67 -10.42
N LYS B 82 -48.96 12.34 -10.29
CA LYS B 82 -49.97 11.55 -10.96
C LYS B 82 -51.35 11.71 -10.30
N ARG B 83 -51.36 11.98 -9.00
CA ARG B 83 -52.60 12.10 -8.26
C ARG B 83 -53.30 13.41 -8.59
N PRO B 84 -54.65 13.41 -8.59
CA PRO B 84 -55.38 14.61 -9.03
C PRO B 84 -55.29 15.75 -8.03
N THR B 85 -55.63 16.95 -8.52
CA THR B 85 -55.63 18.14 -7.69
C THR B 85 -56.76 18.09 -6.67
N GLY B 86 -56.42 18.32 -5.41
CA GLY B 86 -57.36 18.13 -4.33
C GLY B 86 -56.97 16.90 -3.53
N ARG B 87 -56.58 15.85 -4.26
CA ARG B 87 -56.03 14.67 -3.61
C ARG B 87 -54.58 14.91 -3.20
N ARG B 88 -53.88 15.81 -3.90
CA ARG B 88 -52.48 16.11 -3.64
C ARG B 88 -52.30 16.72 -2.26
N THR B 89 -51.45 16.09 -1.45
CA THR B 89 -51.18 16.59 -0.11
C THR B 89 -50.14 17.69 -0.09
N LYS B 90 -49.57 18.05 -1.24
CA LYS B 90 -48.49 19.01 -1.31
C LYS B 90 -48.89 20.23 -2.12
N ASP B 91 -48.28 21.35 -1.80
CA ASP B 91 -48.44 22.54 -2.60
C ASP B 91 -47.68 22.36 -3.91
N PRO B 92 -48.14 23.01 -4.99
CA PRO B 92 -47.39 22.93 -6.26
C PRO B 92 -46.03 23.59 -6.22
N SER B 93 -45.78 24.52 -5.30
CA SER B 93 -44.44 25.10 -5.20
C SER B 93 -43.46 24.13 -4.55
N VAL B 94 -43.94 23.26 -3.65
CA VAL B 94 -43.07 22.27 -3.03
C VAL B 94 -42.71 21.19 -4.02
N LEU B 95 -43.63 20.83 -4.91
CA LEU B 95 -43.33 19.87 -5.96
C LEU B 95 -42.38 20.45 -6.99
N ARG B 96 -42.57 21.72 -7.34
CA ARG B 96 -41.64 22.36 -8.27
C ARG B 96 -40.26 22.54 -7.66
N TYR B 97 -40.19 22.81 -6.35
CA TYR B 97 -38.89 22.98 -5.72
C TYR B 97 -38.16 21.65 -5.63
N MET B 98 -38.91 20.58 -5.40
CA MET B 98 -38.36 19.25 -5.28
C MET B 98 -37.78 18.77 -6.61
N LEU B 99 -38.51 18.99 -7.69
CA LEU B 99 -38.03 18.66 -9.02
C LEU B 99 -36.80 19.47 -9.40
N CYS B 100 -36.77 20.73 -9.01
CA CYS B 100 -35.61 21.57 -9.29
C CYS B 100 -34.40 21.14 -8.48
N SER B 101 -34.60 20.59 -7.28
CA SER B 101 -33.50 20.08 -6.48
C SER B 101 -32.87 18.84 -7.09
N ILE B 102 -33.70 17.92 -7.57
CA ILE B 102 -33.20 16.70 -8.20
C ILE B 102 -32.50 17.03 -9.51
N THR B 103 -33.03 17.98 -10.28
CA THR B 103 -32.47 18.35 -11.57
C THR B 103 -31.10 18.99 -11.41
N GLN B 104 -30.94 19.85 -10.41
CA GLN B 104 -29.67 20.54 -10.24
C GLN B 104 -28.56 19.62 -9.77
N ARG B 105 -28.87 18.61 -8.97
CA ARG B 105 -27.83 17.66 -8.61
C ARG B 105 -27.54 16.66 -9.71
N SER B 106 -28.47 16.48 -10.65
CA SER B 106 -28.28 15.56 -11.74
C SER B 106 -27.48 16.17 -12.88
N LEU B 107 -27.11 17.43 -12.79
CA LEU B 107 -26.35 18.11 -13.82
C LEU B 107 -24.87 18.20 -13.51
N ILE B 108 -24.41 17.62 -12.42
CA ILE B 108 -23.00 17.71 -12.06
C ILE B 108 -22.15 16.79 -12.91
N ALA B 109 -22.51 15.52 -12.98
CA ALA B 109 -21.85 14.54 -13.84
C ALA B 109 -21.93 14.85 -15.33
N PRO B 110 -23.02 15.40 -15.89
CA PRO B 110 -22.93 15.92 -17.27
C PRO B 110 -21.94 17.05 -17.43
N ALA B 111 -21.85 17.95 -16.46
CA ALA B 111 -20.92 19.07 -16.56
C ALA B 111 -19.47 18.62 -16.41
N VAL B 112 -19.23 17.60 -15.60
CA VAL B 112 -17.89 17.03 -15.48
C VAL B 112 -17.47 16.36 -16.78
N TRP B 113 -18.39 15.67 -17.46
CA TRP B 113 -18.09 15.04 -18.73
C TRP B 113 -17.72 16.06 -19.80
N VAL B 114 -18.53 17.12 -19.94
CA VAL B 114 -18.29 18.13 -20.97
C VAL B 114 -16.97 18.83 -20.73
N SER B 115 -16.61 19.04 -19.47
CA SER B 115 -15.37 19.74 -19.17
C SER B 115 -14.14 18.88 -19.42
N VAL B 116 -14.14 17.60 -19.03
CA VAL B 116 -12.99 16.76 -19.33
C VAL B 116 -12.89 16.49 -20.82
N THR B 117 -13.99 16.51 -21.54
CA THR B 117 -13.96 16.27 -22.97
C THR B 117 -13.39 17.46 -23.72
N LEU B 118 -13.72 18.67 -23.28
CA LEU B 118 -13.18 19.86 -23.90
C LEU B 118 -11.74 20.13 -23.50
N MET B 119 -11.35 19.78 -22.28
CA MET B 119 -9.95 19.96 -21.91
C MET B 119 -9.04 18.93 -22.55
N ASP B 120 -9.56 17.75 -22.85
CA ASP B 120 -8.75 16.75 -23.53
C ASP B 120 -8.58 17.09 -25.00
N GLY B 121 -9.59 17.61 -25.65
CA GLY B 121 -9.45 18.11 -26.99
C GLY B 121 -9.72 17.14 -28.11
N LYS B 122 -10.00 15.87 -27.82
CA LYS B 122 -10.17 14.86 -28.86
C LYS B 122 -11.48 14.95 -29.59
N SER B 123 -12.56 15.39 -28.93
CA SER B 123 -13.84 15.55 -29.61
C SER B 123 -13.81 16.67 -30.62
N PHE B 124 -13.10 17.76 -30.32
CA PHE B 124 -12.97 18.81 -31.32
C PHE B 124 -12.00 18.39 -32.42
N LEU B 125 -10.99 17.60 -32.09
CA LEU B 125 -10.05 17.16 -33.11
C LEU B 125 -10.72 16.24 -34.10
N CYS B 126 -11.60 15.36 -33.62
CA CYS B 126 -12.31 14.48 -34.52
C CYS B 126 -13.35 15.26 -35.33
N ALA B 127 -14.13 16.11 -34.68
CA ALA B 127 -15.25 16.75 -35.35
C ALA B 127 -14.84 17.85 -36.32
N PHE B 128 -13.70 18.51 -36.13
CA PHE B 128 -13.40 19.75 -36.84
C PHE B 128 -12.14 19.67 -37.68
N SER B 129 -11.59 18.49 -37.90
CA SER B 129 -10.37 18.41 -38.67
C SER B 129 -10.59 18.51 -40.16
N ILE B 130 -11.81 18.26 -40.65
CA ILE B 130 -12.10 18.53 -42.05
C ILE B 130 -12.42 19.98 -42.30
N ASN B 131 -12.59 20.77 -41.26
CA ASN B 131 -12.82 22.20 -41.36
C ASN B 131 -11.53 22.99 -41.32
N LEU B 132 -10.39 22.33 -41.31
CA LEU B 132 -9.13 23.03 -41.23
C LEU B 132 -8.76 23.65 -42.56
N ASP B 133 -7.85 24.60 -42.48
CA ASP B 133 -7.25 25.27 -43.64
C ASP B 133 -5.77 24.91 -43.55
N ILE B 134 -5.37 23.88 -44.30
CA ILE B 134 -4.13 23.18 -43.97
C ILE B 134 -2.88 23.93 -44.39
N GLU B 135 -3.03 25.05 -45.08
CA GLU B 135 -1.88 25.88 -45.46
C GLU B 135 -1.29 26.64 -44.28
N LYS B 136 -1.96 26.64 -43.14
CA LYS B 136 -1.46 27.29 -41.93
C LYS B 136 -0.55 26.40 -41.11
N PHE B 137 -0.25 25.19 -41.56
CA PHE B 137 0.28 24.14 -40.69
C PHE B 137 1.53 23.47 -41.23
N GLY B 138 1.80 23.54 -42.53
CA GLY B 138 2.95 22.86 -43.08
C GLY B 138 3.25 23.19 -44.53
N ASN B 139 3.55 22.17 -45.33
CA ASN B 139 3.69 22.34 -46.76
C ASN B 139 2.38 22.80 -47.38
N ALA B 140 2.49 23.65 -48.40
CA ALA B 140 1.33 23.97 -49.22
C ALA B 140 1.08 22.95 -50.31
N SER B 141 2.10 22.13 -50.62
CA SER B 141 2.03 21.14 -51.67
C SER B 141 1.36 19.85 -51.24
N LEU B 142 0.73 19.83 -50.06
CA LEU B 142 0.00 18.64 -49.65
C LEU B 142 -1.29 18.48 -50.42
N VAL B 143 -2.18 19.47 -50.32
CA VAL B 143 -3.53 19.35 -50.86
C VAL B 143 -3.65 19.90 -52.27
N ILE B 144 -2.55 20.12 -52.97
CA ILE B 144 -2.61 20.32 -54.41
C ILE B 144 -2.48 18.96 -55.07
N GLY B 145 -3.04 18.82 -56.27
CA GLY B 145 -3.09 17.52 -56.90
C GLY B 145 -4.17 16.60 -56.37
N MET B 146 -4.94 17.04 -55.38
CA MET B 146 -6.06 16.29 -54.84
C MET B 146 -7.37 16.87 -55.30
N THR B 147 -8.40 16.03 -55.30
CA THR B 147 -9.77 16.45 -55.51
C THR B 147 -10.28 17.08 -54.22
N GLU B 148 -11.43 17.76 -54.30
CA GLU B 148 -12.11 18.20 -53.08
C GLU B 148 -12.51 17.01 -52.21
N THR B 149 -12.92 15.91 -52.82
CA THR B 149 -13.25 14.69 -52.10
C THR B 149 -12.02 14.09 -51.44
N GLU B 150 -10.88 14.11 -52.15
CA GLU B 150 -9.70 13.43 -51.64
C GLU B 150 -9.03 14.22 -50.53
N LYS B 151 -9.12 15.55 -50.55
CA LYS B 151 -8.57 16.31 -49.44
C LYS B 151 -9.46 16.27 -48.22
N LEU B 152 -10.76 16.02 -48.38
CA LEU B 152 -11.59 15.75 -47.22
C LEU B 152 -11.22 14.43 -46.56
N LYS B 153 -10.84 13.43 -47.35
CA LYS B 153 -10.35 12.20 -46.77
C LYS B 153 -8.98 12.39 -46.14
N PHE B 154 -8.19 13.30 -46.69
CA PHE B 154 -6.86 13.58 -46.15
C PHE B 154 -6.94 14.27 -44.80
N LEU B 155 -7.80 15.29 -44.69
CA LEU B 155 -7.97 16.04 -43.45
C LEU B 155 -8.70 15.24 -42.39
N ALA B 156 -9.49 14.26 -42.78
CA ALA B 156 -10.22 13.46 -41.81
C ALA B 156 -9.32 12.51 -41.04
N ARG B 157 -8.12 12.24 -41.53
CA ARG B 157 -7.23 11.30 -40.89
C ARG B 157 -6.26 11.97 -39.92
N ILE B 158 -6.34 13.30 -39.80
CA ILE B 158 -5.54 14.02 -38.79
C ILE B 158 -5.71 13.54 -37.35
N PRO B 159 -6.90 13.18 -36.85
CA PRO B 159 -6.96 12.65 -35.48
C PRO B 159 -6.30 11.29 -35.26
N CYS B 160 -5.84 10.63 -36.31
CA CYS B 160 -5.29 9.28 -36.24
C CYS B 160 -3.80 9.36 -36.55
N LYS B 161 -2.96 9.02 -35.57
CA LYS B 161 -1.51 9.10 -35.76
C LYS B 161 -1.02 8.08 -36.77
N ASP B 162 -1.56 6.88 -36.72
CA ASP B 162 -1.15 5.78 -37.57
C ASP B 162 -1.90 5.74 -38.90
N LEU B 163 -2.62 6.79 -39.25
CA LEU B 163 -3.22 6.91 -40.56
C LEU B 163 -2.83 8.21 -41.25
N PHE B 164 -2.10 9.09 -40.56
CA PHE B 164 -1.67 10.37 -41.11
C PHE B 164 -0.15 10.36 -41.05
N GLU B 165 0.49 10.64 -42.18
CA GLU B 165 1.92 10.37 -42.27
C GLU B 165 2.78 11.59 -41.96
N ASP B 166 2.31 12.80 -42.26
CA ASP B 166 3.11 14.00 -42.05
C ASP B 166 2.94 14.41 -40.60
N ASN B 167 3.94 14.12 -39.78
CA ASN B 167 3.80 14.31 -38.34
C ASN B 167 3.84 15.77 -37.97
N GLU B 168 4.54 16.59 -38.76
CA GLU B 168 4.64 18.02 -38.45
C GLU B 168 3.32 18.72 -38.67
N VAL B 169 2.61 18.40 -39.74
CA VAL B 169 1.31 18.99 -40.01
C VAL B 169 0.28 18.48 -39.02
N ARG B 170 0.41 17.22 -38.62
CA ARG B 170 -0.52 16.65 -37.66
C ARG B 170 -0.34 17.26 -36.28
N VAL B 171 0.90 17.46 -35.84
CA VAL B 171 1.17 18.03 -34.53
C VAL B 171 0.73 19.49 -34.48
N ALA B 172 0.93 20.23 -35.57
CA ALA B 172 0.52 21.63 -35.59
C ALA B 172 -0.99 21.78 -35.60
N ALA B 173 -1.69 20.93 -36.36
CA ALA B 173 -3.14 21.01 -36.40
C ALA B 173 -3.79 20.50 -35.13
N THR B 174 -3.17 19.52 -34.47
CA THR B 174 -3.68 19.03 -33.21
C THR B 174 -3.53 20.06 -32.11
N ARG B 175 -2.41 20.79 -32.08
CA ARG B 175 -2.20 21.81 -31.07
C ARG B 175 -3.13 23.00 -31.25
N TYR B 176 -3.42 23.35 -32.49
CA TYR B 176 -4.34 24.44 -32.77
C TYR B 176 -5.76 24.12 -32.33
N ILE B 177 -6.23 22.91 -32.61
CA ILE B 177 -7.60 22.56 -32.25
C ILE B 177 -7.73 22.28 -30.76
N LYS B 178 -6.71 21.70 -30.13
CA LYS B 178 -6.77 21.47 -28.70
C LYS B 178 -6.72 22.76 -27.90
N CYS B 179 -6.05 23.79 -28.43
CA CYS B 179 -6.09 25.12 -27.84
C CYS B 179 -7.49 25.71 -27.87
N ILE B 180 -8.19 25.61 -28.99
CA ILE B 180 -9.55 26.13 -29.10
C ILE B 180 -10.50 25.33 -28.22
N SER B 181 -10.27 24.04 -28.10
CA SER B 181 -11.10 23.19 -27.25
C SER B 181 -10.89 23.51 -25.78
N GLN B 182 -9.65 23.80 -25.38
CA GLN B 182 -9.39 24.19 -24.01
C GLN B 182 -9.91 25.58 -23.71
N ALA B 183 -9.97 26.45 -24.71
CA ALA B 183 -10.59 27.75 -24.53
C ALA B 183 -12.10 27.62 -24.33
N CYS B 184 -12.74 26.74 -25.08
CA CYS B 184 -14.16 26.47 -24.87
C CYS B 184 -14.41 25.75 -23.56
N GLY B 185 -13.46 24.94 -23.11
CA GLY B 185 -13.61 24.29 -21.82
C GLY B 185 -13.50 25.23 -20.66
N TRP B 186 -12.62 26.22 -20.75
CA TRP B 186 -12.54 27.24 -19.70
C TRP B 186 -13.69 28.20 -19.73
N MET B 187 -14.23 28.53 -20.91
CA MET B 187 -15.41 29.35 -20.96
C MET B 187 -16.65 28.60 -20.48
N PHE B 188 -16.70 27.29 -20.73
CA PHE B 188 -17.80 26.49 -20.21
C PHE B 188 -17.73 26.40 -18.70
N LEU B 189 -16.55 26.16 -18.12
CA LEU B 189 -16.42 26.10 -16.67
C LEU B 189 -16.77 27.42 -16.02
N LEU B 190 -16.43 28.52 -16.67
CA LEU B 190 -16.63 29.83 -16.11
C LEU B 190 -18.09 30.25 -16.17
N MET B 191 -18.80 29.87 -17.23
CA MET B 191 -20.23 30.16 -17.31
C MET B 191 -21.04 29.28 -16.38
N MET B 192 -20.65 28.03 -16.21
CA MET B 192 -21.43 27.17 -15.33
C MET B 192 -21.16 27.46 -13.87
N THR B 193 -19.99 27.96 -13.54
CA THR B 193 -19.72 28.33 -12.16
C THR B 193 -20.35 29.68 -11.82
N PHE B 194 -20.43 30.58 -12.79
CA PHE B 194 -21.11 31.84 -12.55
C PHE B 194 -22.62 31.66 -12.50
N THR B 195 -23.15 30.67 -13.23
CA THR B 195 -24.54 30.28 -13.06
C THR B 195 -24.78 29.67 -11.69
N ALA B 196 -23.84 28.86 -11.21
CA ALA B 196 -23.94 28.29 -9.88
C ALA B 196 -23.85 29.36 -8.80
N PHE B 197 -23.13 30.45 -9.08
CA PHE B 197 -23.04 31.52 -8.11
C PHE B 197 -24.35 32.30 -8.02
N LEU B 198 -24.98 32.58 -9.16
CA LEU B 198 -26.23 33.32 -9.15
C LEU B 198 -27.38 32.49 -8.61
N ILE B 199 -27.33 31.17 -8.79
CA ILE B 199 -28.38 30.33 -8.23
C ILE B 199 -28.21 30.21 -6.71
N ARG B 200 -26.99 30.06 -6.23
CA ARG B 200 -26.78 29.95 -4.79
C ARG B 200 -26.74 31.29 -4.08
N ALA B 201 -26.99 32.41 -4.76
CA ALA B 201 -27.10 33.69 -4.10
C ALA B 201 -28.46 34.33 -4.21
N ILE B 202 -29.10 34.23 -5.37
CA ILE B 202 -30.38 34.90 -5.60
C ILE B 202 -31.55 34.02 -5.24
N ARG B 203 -31.50 32.73 -5.56
CA ARG B 203 -32.64 31.84 -5.31
C ARG B 203 -32.94 31.56 -3.84
N PRO B 204 -31.97 31.39 -2.91
CA PRO B 204 -32.35 31.33 -1.49
C PRO B 204 -32.84 32.66 -0.91
N CYS B 205 -32.76 33.76 -1.65
CA CYS B 205 -33.46 34.98 -1.31
C CYS B 205 -34.90 34.98 -1.81
N PHE B 206 -35.27 34.06 -2.69
CA PHE B 206 -36.57 34.05 -3.33
C PHE B 206 -37.41 32.82 -3.01
N THR B 207 -36.82 31.62 -3.06
CA THR B 207 -37.53 30.39 -2.70
C THR B 207 -37.11 29.98 -1.29
N GLN B 208 -37.79 30.54 -0.30
CA GLN B 208 -37.62 30.13 1.08
C GLN B 208 -38.99 29.71 1.61
N ALA B 209 -38.96 28.73 2.51
CA ALA B 209 -40.03 27.97 3.16
C ALA B 209 -40.67 26.97 2.22
N ALA B 210 -40.40 27.03 0.92
CA ALA B 210 -40.53 25.85 0.08
C ALA B 210 -39.33 24.96 0.28
N PHE B 211 -38.16 25.59 0.47
CA PHE B 211 -36.95 24.88 0.86
C PHE B 211 -37.11 24.19 2.20
N LEU B 212 -37.83 24.81 3.12
CA LEU B 212 -38.01 24.21 4.43
C LEU B 212 -39.07 23.11 4.40
N LYS B 213 -40.08 23.25 3.53
CA LYS B 213 -41.05 22.17 3.38
C LYS B 213 -40.47 20.99 2.61
N THR B 214 -39.60 21.26 1.63
CA THR B 214 -38.98 20.18 0.88
C THR B 214 -37.94 19.46 1.74
N LYS B 215 -37.30 20.17 2.66
CA LYS B 215 -36.39 19.51 3.58
C LYS B 215 -37.13 18.63 4.58
N TYR B 216 -38.29 19.07 5.07
CA TYR B 216 -39.07 18.21 5.94
C TYR B 216 -39.61 17.01 5.17
N TRP B 217 -39.94 17.20 3.89
CA TRP B 217 -40.40 16.11 3.04
C TRP B 217 -39.30 15.06 2.84
N SER B 218 -38.07 15.50 2.65
CA SER B 218 -36.96 14.57 2.44
C SER B 218 -36.63 13.81 3.71
N HIS B 219 -36.65 14.49 4.86
CA HIS B 219 -36.43 13.79 6.13
C HIS B 219 -37.57 12.84 6.44
N TYR B 220 -38.80 13.18 6.05
CA TYR B 220 -39.92 12.30 6.33
C TYR B 220 -39.84 11.01 5.54
N ILE B 221 -39.28 11.06 4.33
CA ILE B 221 -39.16 9.86 3.51
C ILE B 221 -38.13 8.90 4.10
N ASP B 222 -36.95 9.41 4.48
CA ASP B 222 -35.93 8.56 5.07
C ASP B 222 -36.37 7.97 6.41
N ILE B 223 -37.20 8.71 7.17
CA ILE B 223 -37.72 8.17 8.42
C ILE B 223 -38.78 7.10 8.14
N GLU B 224 -39.65 7.34 7.16
CA GLU B 224 -40.74 6.39 6.88
C GLU B 224 -40.22 5.08 6.30
N ARG B 225 -39.16 5.14 5.48
CA ARG B 225 -38.56 3.92 4.94
C ARG B 225 -37.89 3.10 6.02
N LYS B 226 -37.10 3.75 6.88
CA LYS B 226 -36.42 3.02 7.94
C LYS B 226 -37.40 2.46 8.96
N MET B 227 -38.39 3.24 9.37
CA MET B 227 -39.32 2.76 10.39
C MET B 227 -40.23 1.66 9.86
N PHE B 228 -40.50 1.65 8.56
CA PHE B 228 -41.21 0.52 7.98
C PHE B 228 -40.34 -0.74 7.95
N ASP B 229 -39.02 -0.59 7.79
CA ASP B 229 -38.14 -1.76 7.78
C ASP B 229 -38.07 -2.42 9.15
N GLU B 230 -37.83 -1.63 10.20
CA GLU B 230 -37.77 -2.25 11.52
C GLU B 230 -39.13 -2.68 12.05
N THR B 231 -40.22 -2.13 11.53
CA THR B 231 -41.52 -2.62 11.97
C THR B 231 -41.85 -3.95 11.33
N CYS B 232 -41.45 -4.14 10.06
CA CYS B 232 -41.58 -5.45 9.43
C CYS B 232 -40.72 -6.48 10.15
N LYS B 233 -39.54 -6.09 10.63
CA LYS B 233 -38.67 -7.05 11.31
C LYS B 233 -39.22 -7.46 12.68
N GLU B 234 -39.86 -6.55 13.40
CA GLU B 234 -40.41 -6.95 14.69
C GLU B 234 -41.71 -7.73 14.54
N HIS B 235 -42.50 -7.46 13.50
CA HIS B 235 -43.64 -8.32 13.20
C HIS B 235 -43.23 -9.66 12.61
N ALA B 236 -42.02 -9.74 12.04
CA ALA B 236 -41.50 -11.05 11.65
C ALA B 236 -41.08 -11.85 12.87
N LYS B 237 -40.38 -11.21 13.82
CA LYS B 237 -39.84 -11.91 14.98
C LYS B 237 -40.92 -12.50 15.87
N SER B 238 -42.10 -11.88 15.89
CA SER B 238 -43.24 -12.49 16.59
C SER B 238 -43.62 -13.83 15.95
N PHE B 239 -43.89 -13.81 14.64
CA PHE B 239 -44.40 -15.01 13.97
C PHE B 239 -43.30 -16.03 13.72
N ALA B 240 -42.05 -15.59 13.60
CA ALA B 240 -40.97 -16.54 13.41
C ALA B 240 -40.65 -17.29 14.69
N LYS B 241 -40.76 -16.62 15.85
CA LYS B 241 -40.61 -17.31 17.12
C LYS B 241 -41.70 -18.35 17.33
N VAL B 242 -42.91 -18.08 16.84
CA VAL B 242 -43.99 -19.05 16.95
C VAL B 242 -43.69 -20.30 16.12
N CYS B 243 -43.20 -20.10 14.89
CA CYS B 243 -42.99 -21.23 13.99
C CYS B 243 -41.80 -22.08 14.41
N ILE B 244 -40.74 -21.46 14.90
CA ILE B 244 -39.53 -22.21 15.27
C ILE B 244 -39.78 -23.04 16.53
N HIS B 245 -40.47 -22.45 17.51
CA HIS B 245 -40.75 -23.17 18.75
C HIS B 245 -41.70 -24.33 18.51
N GLN B 246 -42.69 -24.14 17.64
CA GLN B 246 -43.61 -25.21 17.29
C GLN B 246 -42.93 -26.30 16.47
N TYR B 247 -41.88 -25.97 15.72
CA TYR B 247 -41.13 -27.00 15.00
C TYR B 247 -40.37 -27.92 15.97
N PHE B 248 -39.70 -27.36 16.96
CA PHE B 248 -38.94 -28.16 17.90
C PHE B 248 -39.81 -28.85 18.94
N GLU B 249 -41.12 -28.59 18.98
CA GLU B 249 -42.00 -29.38 19.84
C GLU B 249 -42.04 -30.83 19.38
N ASN B 250 -41.97 -31.06 18.08
CA ASN B 250 -42.08 -32.42 17.56
C ASN B 250 -40.70 -33.02 17.29
N ILE B 251 -39.77 -32.20 16.82
CA ILE B 251 -38.50 -32.75 16.39
C ILE B 251 -37.58 -33.04 17.58
N SER B 252 -37.70 -32.27 18.68
CA SER B 252 -37.01 -32.65 19.90
C SER B 252 -37.58 -33.92 20.53
N GLY B 253 -38.83 -34.25 20.20
CA GLY B 253 -39.33 -35.58 20.54
C GLY B 253 -38.60 -36.68 19.80
N GLU B 254 -38.12 -36.37 18.59
CA GLU B 254 -37.23 -37.29 17.89
C GLU B 254 -35.78 -37.13 18.33
N MET B 255 -35.33 -35.92 18.64
CA MET B 255 -33.96 -35.67 19.09
C MET B 255 -33.67 -36.25 20.47
N GLN B 256 -34.68 -36.73 21.19
CA GLN B 256 -34.47 -37.57 22.37
C GLN B 256 -33.60 -38.79 22.03
N ASN B 257 -34.12 -39.68 21.19
CA ASN B 257 -33.36 -40.86 20.83
C ASN B 257 -32.25 -40.58 19.84
N PHE B 258 -32.33 -39.46 19.11
CA PHE B 258 -31.38 -39.21 18.03
C PHE B 258 -30.12 -38.51 18.51
N HIS B 259 -30.16 -37.82 19.66
CA HIS B 259 -28.98 -37.15 20.19
C HIS B 259 -28.84 -37.34 21.69
N ARG B 260 -29.28 -38.49 22.20
CA ARG B 260 -28.95 -38.88 23.56
C ARG B 260 -28.78 -40.40 23.64
N MET C 7 -12.89 1.24 -12.54
CA MET C 7 -13.93 1.94 -11.80
C MET C 7 -14.38 1.08 -10.62
N PHE C 8 -13.42 0.52 -9.88
CA PHE C 8 -13.72 -0.46 -8.84
C PHE C 8 -13.60 0.09 -7.44
N GLN C 9 -12.68 1.04 -7.20
CA GLN C 9 -12.43 1.59 -5.87
C GLN C 9 -13.59 2.39 -5.29
N PHE C 10 -14.61 2.70 -6.09
CA PHE C 10 -15.65 3.63 -5.64
C PHE C 10 -16.56 2.96 -4.62
N LEU C 11 -17.27 1.91 -5.03
CA LEU C 11 -18.05 1.13 -4.09
C LEU C 11 -17.19 0.20 -3.25
N GLN C 12 -15.94 -0.06 -3.67
CA GLN C 12 -15.03 -0.82 -2.82
C GLN C 12 -14.70 -0.05 -1.54
N SER C 13 -14.39 1.23 -1.66
CA SER C 13 -14.15 2.04 -0.48
C SER C 13 -15.43 2.64 0.08
N ASN C 14 -16.55 2.51 -0.63
CA ASN C 14 -17.83 2.98 -0.12
C ASN C 14 -18.84 1.85 -0.28
N GLN C 15 -18.84 0.93 0.68
CA GLN C 15 -19.93 -0.05 0.83
C GLN C 15 -21.07 0.51 1.68
N GLU C 16 -21.54 1.71 1.29
CA GLU C 16 -22.72 2.32 1.87
C GLU C 16 -23.66 2.89 0.81
N SER C 17 -23.14 3.19 -0.38
CA SER C 17 -23.92 3.75 -1.48
C SER C 17 -24.84 2.73 -2.16
N PHE C 18 -24.82 1.49 -1.71
CA PHE C 18 -25.65 0.44 -2.27
C PHE C 18 -27.10 0.60 -1.81
N MET C 19 -27.97 -0.11 -2.51
CA MET C 19 -29.29 -0.43 -2.01
C MET C 19 -29.55 -1.94 -2.09
N ASN C 20 -28.75 -2.68 -2.86
CA ASN C 20 -28.55 -4.10 -2.71
C ASN C 20 -27.07 -4.38 -2.96
N GLY C 21 -26.55 -5.37 -2.25
CA GLY C 21 -25.12 -5.62 -2.24
C GLY C 21 -24.65 -6.60 -3.29
N ILE C 22 -25.41 -7.68 -3.48
CA ILE C 22 -25.01 -8.71 -4.42
C ILE C 22 -25.09 -8.23 -5.87
N CYS C 23 -25.97 -7.26 -6.17
CA CYS C 23 -26.06 -6.76 -7.53
C CYS C 23 -24.91 -5.82 -7.86
N GLY C 24 -24.41 -5.07 -6.88
CA GLY C 24 -23.23 -4.26 -7.11
C GLY C 24 -21.97 -5.09 -7.22
N ILE C 25 -21.90 -6.21 -6.49
CA ILE C 25 -20.75 -7.09 -6.60
C ILE C 25 -20.74 -7.80 -7.93
N MET C 26 -21.91 -8.25 -8.40
CA MET C 26 -21.93 -9.01 -9.65
C MET C 26 -21.73 -8.12 -10.87
N ALA C 27 -22.10 -6.85 -10.79
CA ALA C 27 -21.78 -5.93 -11.89
C ALA C 27 -20.29 -5.63 -11.93
N LEU C 28 -19.68 -5.49 -10.76
CA LEU C 28 -18.23 -5.39 -10.65
C LEU C 28 -17.54 -6.64 -11.15
N ALA C 29 -18.09 -7.82 -10.84
CA ALA C 29 -17.48 -9.06 -11.27
C ALA C 29 -17.68 -9.30 -12.76
N SER C 30 -18.77 -8.79 -13.32
CA SER C 30 -19.03 -8.93 -14.75
C SER C 30 -18.03 -8.16 -15.58
N ALA C 31 -17.72 -6.95 -15.17
CA ALA C 31 -16.77 -6.14 -15.92
C ALA C 31 -15.33 -6.54 -15.67
N GLN C 32 -15.03 -7.08 -14.49
CA GLN C 32 -13.69 -7.58 -14.24
C GLN C 32 -13.44 -8.89 -14.97
N MET C 33 -14.49 -9.69 -15.15
CA MET C 33 -14.36 -10.90 -15.95
C MET C 33 -14.20 -10.58 -17.43
N TYR C 34 -14.72 -9.44 -17.88
CA TYR C 34 -14.45 -9.03 -19.25
C TYR C 34 -12.99 -8.66 -19.44
N SER C 35 -12.38 -8.03 -18.43
CA SER C 35 -10.99 -7.64 -18.52
C SER C 35 -10.08 -8.86 -18.50
N SER C 36 -10.43 -9.86 -17.69
CA SER C 36 -9.62 -11.06 -17.56
C SER C 36 -9.80 -12.02 -18.73
N PHE C 37 -10.87 -11.89 -19.50
CA PHE C 37 -11.12 -12.80 -20.60
C PHE C 37 -10.21 -12.39 -21.76
N GLU C 38 -9.53 -13.37 -22.34
CA GLU C 38 -8.63 -13.10 -23.45
C GLU C 38 -9.41 -13.40 -24.71
N PHE C 39 -9.79 -12.33 -25.41
CA PHE C 39 -10.56 -12.43 -26.65
C PHE C 39 -9.70 -13.06 -27.72
N SER C 40 -10.16 -14.16 -28.27
CA SER C 40 -9.39 -14.89 -29.27
C SER C 40 -10.27 -15.18 -30.47
N CYS C 41 -10.40 -14.18 -31.34
CA CYS C 41 -11.16 -14.32 -32.56
C CYS C 41 -10.54 -15.41 -33.44
N PRO C 42 -11.33 -16.30 -34.04
CA PRO C 42 -10.76 -17.39 -34.83
C PRO C 42 -10.02 -16.90 -36.05
N CYS C 43 -10.44 -15.75 -36.60
CA CYS C 43 -9.95 -15.18 -37.86
C CYS C 43 -10.10 -16.15 -39.03
N MET C 44 -11.26 -16.78 -39.09
CA MET C 44 -11.73 -17.67 -40.13
C MET C 44 -13.14 -17.26 -40.49
N PRO C 45 -13.50 -17.22 -41.77
CA PRO C 45 -14.81 -16.69 -42.17
C PRO C 45 -15.99 -17.57 -41.84
N GLU C 46 -15.78 -18.78 -41.33
CA GLU C 46 -16.88 -19.64 -40.95
C GLU C 46 -17.28 -19.45 -39.51
N TYR C 47 -16.37 -18.97 -38.69
CA TYR C 47 -16.48 -19.03 -37.25
C TYR C 47 -16.43 -17.68 -36.60
N ASN C 48 -16.14 -16.61 -37.34
CA ASN C 48 -15.97 -15.29 -36.76
C ASN C 48 -17.29 -14.73 -36.24
N TYR C 49 -18.36 -14.95 -36.99
CA TYR C 49 -19.66 -14.42 -36.59
C TYR C 49 -20.15 -15.08 -35.31
N THR C 50 -20.05 -16.40 -35.21
CA THR C 50 -20.58 -17.08 -34.03
C THR C 50 -19.72 -16.84 -32.81
N TYR C 51 -18.42 -16.63 -33.01
CA TYR C 51 -17.58 -16.29 -31.88
C TYR C 51 -17.87 -14.88 -31.40
N GLY C 52 -17.94 -13.92 -32.31
CA GLY C 52 -18.15 -12.54 -31.91
C GLY C 52 -19.53 -12.26 -31.38
N ILE C 53 -20.54 -12.87 -31.96
CA ILE C 53 -21.89 -12.67 -31.46
C ILE C 53 -22.17 -13.59 -30.27
N GLY C 54 -21.51 -14.74 -30.20
CA GLY C 54 -21.65 -15.58 -29.04
C GLY C 54 -21.08 -15.00 -27.78
N LEU C 55 -20.00 -14.22 -27.88
CA LEU C 55 -19.48 -13.52 -26.72
C LEU C 55 -20.32 -12.33 -26.31
N LEU C 56 -21.27 -11.94 -27.13
CA LEU C 56 -22.19 -10.90 -26.76
C LEU C 56 -23.50 -11.46 -26.22
N ILE C 57 -23.80 -12.72 -26.49
CA ILE C 57 -25.07 -13.34 -26.11
C ILE C 57 -24.92 -14.32 -24.96
N ILE C 58 -23.96 -15.25 -25.05
CA ILE C 58 -23.85 -16.36 -24.09
C ILE C 58 -23.40 -15.92 -22.70
N PRO C 59 -22.38 -15.07 -22.50
CA PRO C 59 -22.07 -14.65 -21.12
C PRO C 59 -23.16 -13.82 -20.45
N PRO C 60 -23.97 -12.99 -21.14
CA PRO C 60 -25.14 -12.43 -20.43
C PRO C 60 -26.18 -13.44 -19.98
N ILE C 61 -26.41 -14.51 -20.72
CA ILE C 61 -27.32 -15.57 -20.28
C ILE C 61 -26.77 -16.24 -19.02
N TRP C 62 -25.47 -16.44 -18.98
CA TRP C 62 -24.85 -17.08 -17.83
C TRP C 62 -24.86 -16.17 -16.60
N PHE C 63 -24.59 -14.88 -16.76
CA PHE C 63 -24.68 -13.94 -15.64
C PHE C 63 -26.11 -13.78 -15.16
N PHE C 64 -27.09 -13.98 -16.03
CA PHE C 64 -28.49 -13.92 -15.62
C PHE C 64 -28.88 -15.11 -14.77
N LEU C 65 -28.48 -16.32 -15.19
CA LEU C 65 -28.73 -17.52 -14.41
C LEU C 65 -27.99 -17.50 -13.09
N LEU C 66 -26.80 -16.93 -13.09
CA LEU C 66 -26.01 -16.83 -11.88
C LEU C 66 -26.65 -15.88 -10.87
N GLY C 67 -27.43 -14.91 -11.34
CA GLY C 67 -28.20 -14.10 -10.43
C GLY C 67 -29.33 -14.85 -9.77
N PHE C 68 -29.93 -15.81 -10.48
CA PHE C 68 -30.95 -16.66 -9.88
C PHE C 68 -30.36 -17.70 -8.93
N VAL C 69 -29.16 -18.20 -9.20
CA VAL C 69 -28.54 -19.19 -8.35
C VAL C 69 -28.07 -18.56 -7.04
N LEU C 70 -27.53 -17.35 -7.11
CA LEU C 70 -27.03 -16.71 -5.90
C LEU C 70 -28.12 -16.06 -5.06
N ASN C 71 -29.32 -15.90 -5.57
CA ASN C 71 -30.40 -15.32 -4.79
C ASN C 71 -31.04 -16.40 -3.93
N ASN C 72 -31.10 -16.16 -2.63
CA ASN C 72 -31.56 -17.14 -1.67
C ASN C 72 -33.07 -17.15 -1.47
N ASN C 73 -33.83 -16.44 -2.30
CA ASN C 73 -35.28 -16.46 -2.23
C ASN C 73 -35.90 -17.22 -3.38
N VAL C 74 -35.11 -17.79 -4.27
CA VAL C 74 -35.69 -18.48 -5.41
C VAL C 74 -36.16 -19.88 -5.05
N SER C 75 -35.64 -20.46 -3.98
CA SER C 75 -36.11 -21.76 -3.52
C SER C 75 -37.42 -21.61 -2.77
N VAL C 76 -37.57 -20.51 -2.03
CA VAL C 76 -38.79 -20.27 -1.28
C VAL C 76 -39.92 -19.90 -2.22
N LEU C 77 -39.59 -19.17 -3.28
CA LEU C 77 -40.57 -18.87 -4.32
C LEU C 77 -40.93 -20.11 -5.14
N ALA C 78 -39.95 -20.98 -5.41
CA ALA C 78 -40.27 -22.21 -6.12
C ALA C 78 -41.08 -23.16 -5.26
N GLU C 79 -40.90 -23.11 -3.95
CA GLU C 79 -41.73 -23.86 -3.03
C GLU C 79 -43.18 -23.42 -3.09
N GLU C 80 -43.41 -22.11 -3.12
CA GLU C 80 -44.77 -21.58 -3.15
C GLU C 80 -45.48 -21.84 -4.47
N TRP C 81 -44.74 -21.83 -5.58
CA TRP C 81 -45.38 -22.05 -6.86
C TRP C 81 -45.70 -23.52 -7.09
N LYS C 82 -44.92 -24.42 -6.49
CA LYS C 82 -45.16 -25.85 -6.65
C LYS C 82 -46.41 -26.29 -5.90
N ARG C 83 -46.73 -25.62 -4.79
CA ARG C 83 -47.87 -26.00 -3.97
C ARG C 83 -49.18 -25.61 -4.65
N PRO C 84 -50.24 -26.41 -4.45
CA PRO C 84 -51.49 -26.18 -5.17
C PRO C 84 -52.22 -24.93 -4.69
N THR C 85 -53.17 -24.49 -5.52
CA THR C 85 -53.98 -23.32 -5.20
C THR C 85 -54.95 -23.65 -4.07
N GLY C 86 -54.96 -22.81 -3.05
CA GLY C 86 -55.71 -23.09 -1.84
C GLY C 86 -54.74 -23.42 -0.72
N ARG C 87 -53.72 -24.20 -1.06
CA ARG C 87 -52.64 -24.45 -0.11
C ARG C 87 -51.68 -23.27 -0.05
N ARG C 88 -51.61 -22.48 -1.14
CA ARG C 88 -50.72 -21.33 -1.22
C ARG C 88 -51.10 -20.27 -0.20
N THR C 89 -50.15 -19.89 0.64
CA THR C 89 -50.37 -18.87 1.65
C THR C 89 -50.23 -17.46 1.10
N LYS C 90 -49.87 -17.31 -0.16
CA LYS C 90 -49.59 -16.02 -0.74
C LYS C 90 -50.55 -15.71 -1.88
N ASP C 91 -50.80 -14.43 -2.08
CA ASP C 91 -51.55 -13.98 -3.23
C ASP C 91 -50.71 -14.16 -4.49
N PRO C 92 -51.35 -14.38 -5.64
CA PRO C 92 -50.57 -14.47 -6.89
C PRO C 92 -49.89 -13.19 -7.31
N SER C 93 -50.36 -12.02 -6.85
CA SER C 93 -49.67 -10.79 -7.16
C SER C 93 -48.38 -10.62 -6.36
N VAL C 94 -48.34 -11.18 -5.16
CA VAL C 94 -47.12 -11.12 -4.35
C VAL C 94 -46.07 -12.06 -4.92
N LEU C 95 -46.48 -13.19 -5.46
CA LEU C 95 -45.53 -14.10 -6.11
C LEU C 95 -45.03 -13.51 -7.43
N ARG C 96 -45.90 -12.86 -8.19
CA ARG C 96 -45.47 -12.20 -9.41
C ARG C 96 -44.56 -11.03 -9.13
N TYR C 97 -44.81 -10.31 -8.04
CA TYR C 97 -43.96 -9.16 -7.72
C TYR C 97 -42.59 -9.62 -7.25
N MET C 98 -42.56 -10.73 -6.54
CA MET C 98 -41.32 -11.31 -6.03
C MET C 98 -40.43 -11.80 -7.15
N LEU C 99 -41.02 -12.50 -8.13
CA LEU C 99 -40.30 -12.95 -9.30
C LEU C 99 -39.78 -11.78 -10.13
N CYS C 100 -40.57 -10.71 -10.23
CA CYS C 100 -40.13 -9.54 -10.97
C CYS C 100 -38.99 -8.83 -10.27
N SER C 101 -38.96 -8.88 -8.93
CA SER C 101 -37.88 -8.26 -8.17
C SER C 101 -36.56 -9.00 -8.38
N ILE C 102 -36.59 -10.33 -8.36
CA ILE C 102 -35.39 -11.12 -8.57
C ILE C 102 -34.89 -10.97 -10.00
N THR C 103 -35.81 -10.91 -10.96
CA THR C 103 -35.44 -10.82 -12.36
C THR C 103 -34.77 -9.49 -12.68
N GLN C 104 -35.27 -8.40 -12.10
CA GLN C 104 -34.72 -7.08 -12.38
C GLN C 104 -33.34 -6.89 -11.78
N ARG C 105 -33.06 -7.48 -10.63
CA ARG C 105 -31.70 -7.40 -10.11
C ARG C 105 -30.75 -8.35 -10.81
N SER C 106 -31.27 -9.38 -11.45
CA SER C 106 -30.43 -10.34 -12.15
C SER C 106 -30.05 -9.88 -13.54
N LEU C 107 -30.54 -8.72 -13.98
CA LEU C 107 -30.25 -8.18 -15.29
C LEU C 107 -29.16 -7.12 -15.27
N ILE C 108 -28.57 -6.84 -14.12
CA ILE C 108 -27.55 -5.79 -14.03
C ILE C 108 -26.23 -6.25 -14.61
N ALA C 109 -25.74 -7.40 -14.16
CA ALA C 109 -24.52 -8.01 -14.69
C ALA C 109 -24.60 -8.42 -16.16
N PRO C 110 -25.74 -8.90 -16.71
CA PRO C 110 -25.83 -8.99 -18.17
C PRO C 110 -25.73 -7.66 -18.89
N ALA C 111 -26.30 -6.60 -18.34
CA ALA C 111 -26.24 -5.31 -18.98
C ALA C 111 -24.85 -4.70 -18.91
N VAL C 112 -24.12 -4.96 -17.82
CA VAL C 112 -22.74 -4.52 -17.72
C VAL C 112 -21.86 -5.23 -18.72
N TRP C 113 -22.09 -6.53 -18.95
CA TRP C 113 -21.32 -7.28 -19.93
C TRP C 113 -21.54 -6.74 -21.34
N VAL C 114 -22.80 -6.53 -21.74
CA VAL C 114 -23.11 -6.08 -23.09
C VAL C 114 -22.52 -4.69 -23.33
N SER C 115 -22.50 -3.85 -22.30
CA SER C 115 -21.99 -2.50 -22.47
C SER C 115 -20.47 -2.47 -22.57
N VAL C 116 -19.74 -3.22 -21.74
CA VAL C 116 -18.28 -3.25 -21.88
C VAL C 116 -17.88 -3.94 -23.17
N THR C 117 -18.69 -4.86 -23.68
CA THR C 117 -18.35 -5.56 -24.90
C THR C 117 -18.55 -4.66 -26.11
N LEU C 118 -19.58 -3.85 -26.10
CA LEU C 118 -19.81 -2.92 -27.20
C LEU C 118 -18.90 -1.71 -27.15
N MET C 119 -18.50 -1.26 -25.96
CA MET C 119 -17.55 -0.15 -25.89
C MET C 119 -16.15 -0.57 -26.25
N ASP C 120 -15.80 -1.84 -26.02
CA ASP C 120 -14.49 -2.32 -26.39
C ASP C 120 -14.38 -2.53 -27.89
N GLY C 121 -15.44 -3.02 -28.52
CA GLY C 121 -15.47 -3.09 -29.96
C GLY C 121 -14.97 -4.37 -30.59
N LYS C 122 -14.46 -5.32 -29.81
CA LYS C 122 -13.85 -6.53 -30.38
C LYS C 122 -14.87 -7.53 -30.88
N SER C 123 -16.05 -7.62 -30.26
CA SER C 123 -17.08 -8.52 -30.75
C SER C 123 -17.63 -8.09 -32.10
N PHE C 124 -17.76 -6.79 -32.33
CA PHE C 124 -18.18 -6.35 -33.65
C PHE C 124 -17.05 -6.49 -34.66
N LEU C 125 -15.81 -6.32 -34.22
CA LEU C 125 -14.69 -6.45 -35.13
C LEU C 125 -14.54 -7.88 -35.60
N CYS C 126 -14.75 -8.84 -34.71
CA CYS C 126 -14.69 -10.23 -35.10
C CYS C 126 -15.88 -10.62 -35.97
N ALA C 127 -17.09 -10.23 -35.57
CA ALA C 127 -18.28 -10.70 -36.25
C ALA C 127 -18.53 -10.06 -37.61
N PHE C 128 -18.04 -8.84 -37.84
CA PHE C 128 -18.49 -8.05 -38.99
C PHE C 128 -17.35 -7.68 -39.93
N SER C 129 -16.17 -8.26 -39.78
CA SER C 129 -15.06 -7.88 -40.65
C SER C 129 -15.15 -8.51 -42.02
N ILE C 130 -15.91 -9.59 -42.19
CA ILE C 130 -16.13 -10.12 -43.53
C ILE C 130 -17.24 -9.39 -44.25
N ASN C 131 -17.97 -8.53 -43.55
CA ASN C 131 -19.01 -7.70 -44.13
C ASN C 131 -18.49 -6.35 -44.58
N LEU C 132 -17.19 -6.13 -44.50
CA LEU C 132 -16.62 -4.85 -44.88
C LEU C 132 -16.56 -4.70 -46.39
N ASP C 133 -16.43 -3.45 -46.80
CA ASP C 133 -16.24 -3.07 -48.19
C ASP C 133 -14.87 -2.42 -48.21
N ILE C 134 -13.83 -3.17 -48.59
CA ILE C 134 -12.48 -2.81 -48.21
C ILE C 134 -11.91 -1.68 -49.06
N GLU C 135 -12.62 -1.25 -50.10
CA GLU C 135 -12.18 -0.12 -50.91
C GLU C 135 -12.30 1.21 -50.20
N LYS C 136 -12.96 1.25 -49.04
CA LYS C 136 -13.10 2.46 -48.26
C LYS C 136 -11.93 2.71 -47.31
N PHE C 137 -10.92 1.84 -47.33
CA PHE C 137 -9.96 1.76 -46.24
C PHE C 137 -8.50 1.82 -46.67
N GLY C 138 -8.19 1.54 -47.92
CA GLY C 138 -6.81 1.54 -48.36
C GLY C 138 -6.61 1.40 -49.85
N ASN C 139 -5.67 0.55 -50.25
CA ASN C 139 -5.50 0.21 -51.67
C ASN C 139 -6.75 -0.48 -52.19
N ALA C 140 -7.06 -0.21 -53.46
CA ALA C 140 -8.08 -0.98 -54.15
C ALA C 140 -7.53 -2.26 -54.74
N SER C 141 -6.20 -2.35 -54.88
CA SER C 141 -5.53 -3.50 -55.47
C SER C 141 -5.33 -4.64 -54.51
N LEU C 142 -5.94 -4.58 -53.32
CA LEU C 142 -5.84 -5.70 -52.39
C LEU C 142 -6.67 -6.88 -52.85
N VAL C 143 -7.98 -6.68 -52.98
CA VAL C 143 -8.91 -7.77 -53.23
C VAL C 143 -9.19 -7.99 -54.70
N ILE C 144 -8.37 -7.44 -55.60
CA ILE C 144 -8.39 -7.88 -56.99
C ILE C 144 -7.39 -9.02 -57.10
N GLY C 145 -7.60 -9.90 -58.08
CA GLY C 145 -6.79 -11.10 -58.18
C GLY C 145 -7.14 -12.19 -57.18
N MET C 146 -8.12 -11.97 -56.32
CA MET C 146 -8.60 -12.96 -55.37
C MET C 146 -9.95 -13.51 -55.81
N THR C 147 -10.24 -14.71 -55.33
CA THR C 147 -11.55 -15.32 -55.49
C THR C 147 -12.48 -14.69 -54.45
N GLU C 148 -13.78 -14.93 -54.59
CA GLU C 148 -14.73 -14.56 -53.53
C GLU C 148 -14.42 -15.31 -52.23
N THR C 149 -14.01 -16.56 -52.34
CA THR C 149 -13.59 -17.34 -51.17
C THR C 149 -12.33 -16.77 -50.54
N GLU C 150 -11.37 -16.36 -51.36
CA GLU C 150 -10.09 -15.93 -50.83
C GLU C 150 -10.17 -14.55 -50.20
N LYS C 151 -11.04 -13.67 -50.70
CA LYS C 151 -11.19 -12.39 -50.04
C LYS C 151 -12.01 -12.48 -48.77
N LEU C 152 -12.86 -13.50 -48.62
CA LEU C 152 -13.48 -13.74 -47.34
C LEU C 152 -12.46 -14.20 -46.30
N LYS C 153 -11.47 -14.98 -46.72
CA LYS C 153 -10.39 -15.34 -45.81
C LYS C 153 -9.50 -14.15 -45.51
N PHE C 154 -9.36 -13.23 -46.47
CA PHE C 154 -8.55 -12.04 -46.28
C PHE C 154 -9.19 -11.08 -45.28
N LEU C 155 -10.50 -10.84 -45.42
CA LEU C 155 -11.21 -9.94 -44.54
C LEU C 155 -11.43 -10.53 -43.16
N ALA C 156 -11.42 -11.85 -43.04
CA ALA C 156 -11.61 -12.48 -41.74
C ALA C 156 -10.41 -12.32 -40.83
N ARG C 157 -9.24 -11.97 -41.36
CA ARG C 157 -8.05 -11.86 -40.57
C ARG C 157 -7.79 -10.45 -40.06
N ILE C 158 -8.68 -9.50 -40.42
CA ILE C 158 -8.60 -8.13 -39.89
C ILE C 158 -8.60 -8.04 -38.37
N PRO C 159 -9.38 -8.81 -37.59
CA PRO C 159 -9.26 -8.70 -36.13
C PRO C 159 -7.93 -9.17 -35.53
N CYS C 160 -7.05 -9.76 -36.32
CA CYS C 160 -5.81 -10.35 -35.86
C CYS C 160 -4.65 -9.53 -36.39
N LYS C 161 -3.89 -8.90 -35.50
CA LYS C 161 -2.78 -8.05 -35.92
C LYS C 161 -1.67 -8.86 -36.56
N ASP C 162 -1.37 -10.02 -35.98
CA ASP C 162 -0.28 -10.87 -36.43
C ASP C 162 -0.70 -11.85 -37.51
N LEU C 163 -1.87 -11.66 -38.11
CA LEU C 163 -2.27 -12.44 -39.27
C LEU C 163 -2.67 -11.55 -40.44
N PHE C 164 -2.70 -10.23 -40.23
CA PHE C 164 -3.08 -9.29 -41.28
C PHE C 164 -1.89 -8.36 -41.45
N GLU C 165 -1.43 -8.21 -42.68
CA GLU C 165 -0.13 -7.58 -42.89
C GLU C 165 -0.22 -6.09 -43.18
N ASP C 166 -1.29 -5.63 -43.82
CA ASP C 166 -1.42 -4.22 -44.19
C ASP C 166 -1.97 -3.48 -42.99
N ASN C 167 -1.09 -2.78 -42.29
CA ASN C 167 -1.48 -2.19 -41.01
C ASN C 167 -2.37 -0.97 -41.21
N GLU C 168 -2.23 -0.29 -42.34
CA GLU C 168 -3.05 0.90 -42.60
C GLU C 168 -4.50 0.52 -42.86
N VAL C 169 -4.73 -0.54 -43.61
CA VAL C 169 -6.10 -0.99 -43.87
C VAL C 169 -6.70 -1.60 -42.61
N ARG C 170 -5.88 -2.26 -41.81
CA ARG C 170 -6.38 -2.85 -40.58
C ARG C 170 -6.75 -1.79 -39.57
N VAL C 171 -5.94 -0.74 -39.43
CA VAL C 171 -6.23 0.33 -38.47
C VAL C 171 -7.46 1.12 -38.89
N ALA C 172 -7.64 1.33 -40.19
CA ALA C 172 -8.81 2.08 -40.66
C ALA C 172 -10.08 1.27 -40.51
N ALA C 173 -10.04 -0.03 -40.77
CA ALA C 173 -11.22 -0.87 -40.63
C ALA C 173 -11.55 -1.12 -39.16
N THR C 174 -10.55 -1.19 -38.30
CA THR C 174 -10.80 -1.36 -36.89
C THR C 174 -11.42 -0.12 -36.27
N ARG C 175 -10.98 1.06 -36.69
CA ARG C 175 -11.57 2.30 -36.17
C ARG C 175 -12.99 2.51 -36.63
N TYR C 176 -13.29 2.10 -37.85
CA TYR C 176 -14.65 2.22 -38.37
C TYR C 176 -15.62 1.31 -37.63
N ILE C 177 -15.23 0.08 -37.36
CA ILE C 177 -16.13 -0.85 -36.70
C ILE C 177 -16.23 -0.56 -35.21
N LYS C 178 -15.15 -0.11 -34.58
CA LYS C 178 -15.21 0.23 -33.17
C LYS C 178 -16.04 1.48 -32.92
N CYS C 179 -16.08 2.39 -33.88
CA CYS C 179 -16.98 3.53 -33.82
C CYS C 179 -18.45 3.10 -33.84
N ILE C 180 -18.81 2.18 -34.73
CA ILE C 180 -20.19 1.70 -34.81
C ILE C 180 -20.55 0.90 -33.57
N SER C 181 -19.59 0.17 -33.01
CA SER C 181 -19.83 -0.60 -31.80
C SER C 181 -20.02 0.32 -30.59
N GLN C 182 -19.26 1.41 -30.53
CA GLN C 182 -19.44 2.37 -29.45
C GLN C 182 -20.74 3.14 -29.60
N ALA C 183 -21.19 3.35 -30.84
CA ALA C 183 -22.50 3.96 -31.05
C ALA C 183 -23.62 3.05 -30.58
N CYS C 184 -23.51 1.74 -30.86
CA CYS C 184 -24.48 0.79 -30.36
C CYS C 184 -24.39 0.64 -28.84
N GLY C 185 -23.20 0.81 -28.28
CA GLY C 185 -23.07 0.75 -26.84
C GLY C 185 -23.68 1.93 -26.13
N TRP C 186 -23.59 3.11 -26.72
CA TRP C 186 -24.25 4.27 -26.13
C TRP C 186 -25.75 4.24 -26.34
N MET C 187 -26.23 3.71 -27.46
CA MET C 187 -27.66 3.57 -27.62
C MET C 187 -28.22 2.48 -26.73
N PHE C 188 -27.45 1.43 -26.47
CA PHE C 188 -27.88 0.41 -25.54
C PHE C 188 -27.94 0.96 -24.11
N LEU C 189 -26.94 1.72 -23.68
CA LEU C 189 -26.96 2.31 -22.35
C LEU C 189 -28.10 3.28 -22.18
N LEU C 190 -28.43 4.00 -23.23
CA LEU C 190 -29.44 5.03 -23.16
C LEU C 190 -30.83 4.42 -23.15
N MET C 191 -31.06 3.33 -23.88
CA MET C 191 -32.34 2.65 -23.84
C MET C 191 -32.55 1.90 -22.54
N MET C 192 -31.50 1.31 -21.98
CA MET C 192 -31.69 0.57 -20.75
C MET C 192 -31.82 1.50 -19.54
N THR C 193 -31.24 2.68 -19.60
CA THR C 193 -31.40 3.63 -18.51
C THR C 193 -32.75 4.33 -18.61
N PHE C 194 -33.26 4.54 -19.82
CA PHE C 194 -34.59 5.12 -19.94
C PHE C 194 -35.67 4.11 -19.60
N THR C 195 -35.41 2.83 -19.84
CA THR C 195 -36.28 1.77 -19.33
C THR C 195 -36.24 1.72 -17.81
N ALA C 196 -35.07 1.89 -17.22
CA ALA C 196 -34.95 1.95 -15.76
C ALA C 196 -35.65 3.17 -15.18
N PHE C 197 -35.71 4.25 -15.94
CA PHE C 197 -36.40 5.44 -15.47
C PHE C 197 -37.91 5.23 -15.46
N LEU C 198 -38.46 4.62 -16.52
CA LEU C 198 -39.89 4.40 -16.59
C LEU C 198 -40.35 3.34 -15.61
N ILE C 199 -39.50 2.36 -15.31
CA ILE C 199 -39.86 1.36 -14.32
C ILE C 199 -39.84 1.95 -12.91
N ARG C 200 -38.83 2.76 -12.60
CA ARG C 200 -38.77 3.35 -11.28
C ARG C 200 -39.63 4.60 -11.11
N ALA C 201 -40.42 4.96 -12.10
CA ALA C 201 -41.35 6.07 -11.95
C ALA C 201 -42.81 5.66 -12.09
N ILE C 202 -43.13 4.76 -13.02
CA ILE C 202 -44.51 4.39 -13.28
C ILE C 202 -44.93 3.20 -12.44
N ARG C 203 -44.09 2.20 -12.27
CA ARG C 203 -44.46 0.98 -11.55
C ARG C 203 -44.70 1.18 -10.05
N PRO C 204 -43.93 1.98 -9.28
CA PRO C 204 -44.35 2.25 -7.90
C PRO C 204 -45.61 3.12 -7.77
N CYS C 205 -46.13 3.67 -8.87
CA CYS C 205 -47.46 4.23 -8.89
C CYS C 205 -48.54 3.19 -9.14
N PHE C 206 -48.17 1.99 -9.55
CA PHE C 206 -49.13 0.95 -9.93
C PHE C 206 -49.07 -0.29 -9.05
N THR C 207 -47.87 -0.81 -8.75
CA THR C 207 -47.73 -1.97 -7.87
C THR C 207 -47.30 -1.47 -6.49
N GLN C 208 -48.28 -1.10 -5.69
CA GLN C 208 -48.06 -0.77 -4.29
C GLN C 208 -48.93 -1.68 -3.43
N ALA C 209 -48.42 -2.01 -2.26
CA ALA C 209 -48.87 -2.93 -1.22
C ALA C 209 -48.66 -4.38 -1.61
N ALA C 210 -48.35 -4.68 -2.88
CA ALA C 210 -47.64 -5.90 -3.20
C ALA C 210 -46.17 -5.73 -2.87
N PHE C 211 -45.65 -4.53 -3.10
CA PHE C 211 -44.31 -4.15 -2.67
C PHE C 211 -44.17 -4.22 -1.16
N LEU C 212 -45.21 -3.86 -0.44
CA LEU C 212 -45.13 -3.90 1.01
C LEU C 212 -45.30 -5.32 1.55
N LYS C 213 -46.08 -6.16 0.86
CA LYS C 213 -46.18 -7.56 1.26
C LYS C 213 -44.93 -8.33 0.89
N THR C 214 -44.29 -7.99 -0.22
CA THR C 214 -43.06 -8.66 -0.61
C THR C 214 -41.90 -8.24 0.27
N LYS C 215 -41.94 -6.99 0.76
CA LYS C 215 -40.92 -6.56 1.71
C LYS C 215 -41.08 -7.25 3.06
N TYR C 216 -42.31 -7.44 3.53
CA TYR C 216 -42.51 -8.19 4.76
C TYR C 216 -42.12 -9.65 4.57
N TRP C 217 -42.34 -10.19 3.37
CA TRP C 217 -41.95 -11.56 3.07
C TRP C 217 -40.43 -11.73 3.10
N SER C 218 -39.71 -10.74 2.58
CA SER C 218 -38.24 -10.83 2.56
C SER C 218 -37.66 -10.68 3.96
N HIS C 219 -38.22 -9.77 4.77
CA HIS C 219 -37.76 -9.66 6.14
C HIS C 219 -38.12 -10.88 6.96
N TYR C 220 -39.25 -11.53 6.66
CA TYR C 220 -39.64 -12.71 7.41
C TYR C 220 -38.70 -13.88 7.14
N ILE C 221 -38.15 -13.97 5.93
CA ILE C 221 -37.23 -15.05 5.61
C ILE C 221 -35.91 -14.89 6.34
N ASP C 222 -35.33 -13.68 6.32
CA ASP C 222 -34.08 -13.45 7.02
C ASP C 222 -34.22 -13.62 8.53
N ILE C 223 -35.39 -13.31 9.08
CA ILE C 223 -35.62 -13.52 10.51
C ILE C 223 -35.78 -15.01 10.80
N GLU C 224 -36.50 -15.75 9.95
CA GLU C 224 -36.74 -17.16 10.20
C GLU C 224 -35.47 -18.00 10.07
N ARG C 225 -34.59 -17.63 9.14
CA ARG C 225 -33.33 -18.35 9.00
C ARG C 225 -32.41 -18.11 10.19
N LYS C 226 -32.28 -16.86 10.62
CA LYS C 226 -31.42 -16.57 11.75
C LYS C 226 -31.96 -17.15 13.05
N MET C 227 -33.27 -17.04 13.28
CA MET C 227 -33.83 -17.54 14.53
C MET C 227 -33.81 -19.06 14.59
N PHE C 228 -33.87 -19.72 13.44
CA PHE C 228 -33.67 -21.17 13.44
C PHE C 228 -32.23 -21.54 13.74
N ASP C 229 -31.26 -20.71 13.33
CA ASP C 229 -29.86 -21.02 13.62
C ASP C 229 -29.55 -20.92 15.10
N GLU C 230 -29.96 -19.82 15.75
CA GLU C 230 -29.68 -19.71 17.18
C GLU C 230 -30.56 -20.63 18.02
N THR C 231 -31.68 -21.10 17.51
CA THR C 231 -32.46 -22.05 18.30
C THR C 231 -31.83 -23.43 18.24
N CYS C 232 -31.26 -23.80 17.09
CA CYS C 232 -30.51 -25.04 17.01
C CYS C 232 -29.28 -25.00 17.91
N LYS C 233 -28.64 -23.82 18.03
CA LYS C 233 -27.45 -23.73 18.88
C LYS C 233 -27.80 -23.82 20.37
N GLU C 234 -28.94 -23.28 20.79
CA GLU C 234 -29.27 -23.40 22.21
C GLU C 234 -29.79 -24.79 22.55
N HIS C 235 -30.46 -25.47 21.61
CA HIS C 235 -30.81 -26.87 21.83
C HIS C 235 -29.61 -27.79 21.72
N ALA C 236 -28.54 -27.35 21.05
CA ALA C 236 -27.29 -28.10 21.08
C ALA C 236 -26.61 -27.96 22.43
N LYS C 237 -26.56 -26.73 22.96
CA LYS C 237 -25.83 -26.45 24.20
C LYS C 237 -26.43 -27.17 25.41
N SER C 238 -27.73 -27.44 25.38
CA SER C 238 -28.33 -28.28 26.41
C SER C 238 -27.76 -29.69 26.37
N PHE C 239 -27.83 -30.34 25.20
CA PHE C 239 -27.43 -31.74 25.12
C PHE C 239 -25.92 -31.91 25.09
N ALA C 240 -25.19 -30.90 24.63
CA ALA C 240 -23.73 -31.00 24.63
C ALA C 240 -23.18 -30.85 26.04
N LYS C 241 -23.79 -29.99 26.86
CA LYS C 241 -23.40 -29.91 28.27
C LYS C 241 -23.65 -31.22 29.01
N VAL C 242 -24.71 -31.94 28.64
CA VAL C 242 -24.99 -33.22 29.26
C VAL C 242 -23.90 -34.24 28.90
N CYS C 243 -23.49 -34.28 27.64
CA CYS C 243 -22.55 -35.29 27.19
C CYS C 243 -21.14 -35.02 27.70
N ILE C 244 -20.73 -33.75 27.76
CA ILE C 244 -19.37 -33.42 28.19
C ILE C 244 -19.21 -33.68 29.68
N HIS C 245 -20.22 -33.30 30.48
CA HIS C 245 -20.14 -33.50 31.92
C HIS C 245 -20.16 -34.98 32.28
N GLN C 246 -20.95 -35.77 31.56
CA GLN C 246 -20.98 -37.21 31.77
C GLN C 246 -19.70 -37.89 31.31
N TYR C 247 -18.98 -37.30 30.34
CA TYR C 247 -17.68 -37.86 29.94
C TYR C 247 -16.65 -37.69 31.05
N PHE C 248 -16.56 -36.51 31.65
CA PHE C 248 -15.59 -36.27 32.69
C PHE C 248 -15.97 -36.87 34.04
N GLU C 249 -17.17 -37.46 34.18
CA GLU C 249 -17.47 -38.22 35.39
C GLU C 249 -16.58 -39.44 35.51
N ASN C 250 -16.23 -40.06 34.38
CA ASN C 250 -15.44 -41.27 34.41
C ASN C 250 -13.95 -40.97 34.19
N ILE C 251 -13.67 -40.03 33.30
CA ILE C 251 -12.28 -39.81 32.91
C ILE C 251 -11.53 -39.01 33.98
N SER C 252 -12.21 -38.13 34.72
CA SER C 252 -11.56 -37.52 35.88
C SER C 252 -11.32 -38.51 37.01
N GLY C 253 -12.05 -39.63 37.03
CA GLY C 253 -11.68 -40.73 37.90
C GLY C 253 -10.36 -41.35 37.50
N GLU C 254 -10.04 -41.30 36.21
CA GLU C 254 -8.70 -41.69 35.76
C GLU C 254 -7.69 -40.55 35.89
N MET C 255 -8.13 -39.30 35.67
CA MET C 255 -7.25 -38.14 35.79
C MET C 255 -6.81 -37.84 37.22
N GLN C 256 -7.40 -38.52 38.21
CA GLN C 256 -6.85 -38.54 39.56
C GLN C 256 -5.40 -38.99 39.56
N ASN C 257 -5.16 -40.25 39.19
CA ASN C 257 -3.81 -40.78 39.19
C ASN C 257 -3.00 -40.29 38.00
N PHE C 258 -3.66 -39.82 36.94
CA PHE C 258 -2.95 -39.50 35.71
C PHE C 258 -2.43 -38.05 35.69
N HIS C 259 -3.02 -37.17 36.50
CA HIS C 259 -2.55 -35.78 36.56
C HIS C 259 -2.50 -35.26 38.00
N ARG C 260 -2.20 -36.15 38.94
CA ARG C 260 -1.85 -35.71 40.30
C ARG C 260 -0.81 -36.64 40.90
N MET D 7 -9.51 -11.56 -9.99
CA MET D 7 -10.84 -11.40 -9.40
C MET D 7 -10.80 -11.83 -7.93
N PHE D 8 -9.78 -11.37 -7.21
CA PHE D 8 -9.54 -11.85 -5.85
C PHE D 8 -9.93 -10.86 -4.78
N GLN D 9 -9.79 -9.55 -5.04
CA GLN D 9 -10.07 -8.50 -4.06
C GLN D 9 -11.53 -8.41 -3.63
N PHE D 10 -12.45 -9.09 -4.33
CA PHE D 10 -13.87 -8.87 -4.09
C PHE D 10 -14.30 -9.51 -2.78
N LEU D 11 -14.18 -10.83 -2.67
CA LEU D 11 -14.43 -11.49 -1.40
C LEU D 11 -13.28 -11.31 -0.42
N GLN D 12 -12.09 -10.91 -0.89
CA GLN D 12 -11.00 -10.58 0.02
C GLN D 12 -11.34 -9.37 0.87
N SER D 13 -11.85 -8.32 0.23
CA SER D 13 -12.28 -7.15 0.99
C SER D 13 -13.72 -7.28 1.49
N ASN D 14 -14.45 -8.31 1.04
CA ASN D 14 -15.80 -8.53 1.54
C ASN D 14 -15.89 -10.01 1.96
N GLN D 15 -15.45 -10.29 3.17
CA GLN D 15 -15.73 -11.56 3.84
C GLN D 15 -17.07 -11.53 4.58
N GLU D 16 -18.11 -11.11 3.88
CA GLU D 16 -19.48 -11.16 4.37
C GLU D 16 -20.44 -11.71 3.32
N SER D 17 -20.09 -11.65 2.04
CA SER D 17 -20.93 -12.12 0.95
C SER D 17 -20.96 -13.64 0.82
N PHE D 18 -20.25 -14.35 1.70
CA PHE D 18 -20.21 -15.80 1.68
C PHE D 18 -21.49 -16.37 2.27
N MET D 19 -21.68 -17.66 2.02
CA MET D 19 -22.59 -18.48 2.80
C MET D 19 -21.88 -19.73 3.31
N ASN D 20 -20.72 -20.07 2.75
CA ASN D 20 -19.71 -20.91 3.38
C ASN D 20 -18.35 -20.34 3.02
N GLY D 21 -17.41 -20.46 3.95
CA GLY D 21 -16.14 -19.77 3.83
C GLY D 21 -15.06 -20.59 3.17
N ILE D 22 -14.99 -21.88 3.49
CA ILE D 22 -13.95 -22.73 2.94
C ILE D 22 -14.15 -22.99 1.45
N CYS D 23 -15.39 -22.93 0.96
CA CYS D 23 -15.62 -23.14 -0.47
C CYS D 23 -15.23 -21.92 -1.28
N GLY D 24 -15.42 -20.73 -0.73
CA GLY D 24 -14.94 -19.54 -1.41
C GLY D 24 -13.43 -19.41 -1.41
N ILE D 25 -12.78 -19.89 -0.35
CA ILE D 25 -11.33 -19.87 -0.30
C ILE D 25 -10.75 -20.89 -1.27
N MET D 26 -11.34 -22.07 -1.35
CA MET D 26 -10.77 -23.09 -2.23
C MET D 26 -11.01 -22.80 -3.70
N ALA D 27 -12.09 -22.10 -4.04
CA ALA D 27 -12.27 -21.68 -5.42
C ALA D 27 -11.28 -20.59 -5.80
N LEU D 28 -11.00 -19.69 -4.86
CA LEU D 28 -9.93 -18.71 -5.02
C LEU D 28 -8.57 -19.38 -5.13
N ALA D 29 -8.33 -20.42 -4.33
CA ALA D 29 -7.06 -21.11 -4.38
C ALA D 29 -6.91 -21.96 -5.62
N SER D 30 -8.02 -22.45 -6.16
CA SER D 30 -7.98 -23.25 -7.38
C SER D 30 -7.56 -22.43 -8.58
N ALA D 31 -8.09 -21.22 -8.69
CA ALA D 31 -7.76 -20.37 -9.82
C ALA D 31 -6.41 -19.71 -9.67
N GLN D 32 -5.97 -19.46 -8.44
CA GLN D 32 -4.63 -18.93 -8.22
C GLN D 32 -3.58 -19.99 -8.45
N MET D 33 -3.90 -21.25 -8.17
CA MET D 33 -2.98 -22.32 -8.48
C MET D 33 -2.88 -22.57 -9.98
N TYR D 34 -3.93 -22.24 -10.73
CA TYR D 34 -3.81 -22.32 -12.18
C TYR D 34 -2.87 -21.25 -12.71
N SER D 35 -2.88 -20.07 -12.11
CA SER D 35 -2.00 -19.00 -12.55
C SER D 35 -0.54 -19.31 -12.21
N SER D 36 -0.30 -19.92 -11.06
CA SER D 36 1.04 -20.24 -10.63
C SER D 36 1.61 -21.47 -11.33
N PHE D 37 0.76 -22.31 -11.92
CA PHE D 37 1.24 -23.51 -12.57
C PHE D 37 1.84 -23.13 -13.91
N GLU D 38 3.02 -23.64 -14.19
CA GLU D 38 3.69 -23.34 -15.45
C GLU D 38 3.39 -24.49 -16.39
N PHE D 39 2.51 -24.24 -17.36
CA PHE D 39 2.10 -25.22 -18.34
C PHE D 39 3.27 -25.57 -19.23
N SER D 40 3.64 -26.84 -19.26
CA SER D 40 4.80 -27.28 -20.03
C SER D 40 4.41 -28.45 -20.89
N CYS D 41 3.79 -28.15 -22.03
CA CYS D 41 3.41 -29.17 -22.99
C CYS D 41 4.65 -29.90 -23.49
N PRO D 42 4.63 -31.23 -23.60
CA PRO D 42 5.83 -31.96 -24.03
C PRO D 42 6.25 -31.65 -25.44
N CYS D 43 5.28 -31.29 -26.29
CA CYS D 43 5.45 -31.07 -27.73
C CYS D 43 6.04 -32.28 -28.42
N MET D 44 5.51 -33.45 -28.08
CA MET D 44 5.79 -34.74 -28.64
C MET D 44 4.47 -35.43 -28.91
N PRO D 45 4.30 -36.11 -30.05
CA PRO D 45 2.99 -36.66 -30.40
C PRO D 45 2.55 -37.86 -29.60
N GLU D 46 3.39 -38.40 -28.73
CA GLU D 46 3.01 -39.53 -27.89
C GLU D 46 2.41 -39.07 -26.57
N TYR D 47 2.76 -37.88 -26.14
CA TYR D 47 2.56 -37.45 -24.77
C TYR D 47 1.70 -36.20 -24.67
N ASN D 48 1.38 -35.56 -25.79
CA ASN D 48 0.64 -34.30 -25.77
C ASN D 48 -0.79 -34.49 -25.29
N TYR D 49 -1.43 -35.56 -25.72
CA TYR D 49 -2.81 -35.81 -25.35
C TYR D 49 -2.94 -36.09 -23.86
N THR D 50 -2.07 -36.93 -23.31
CA THR D 50 -2.21 -37.28 -21.90
C THR D 50 -1.80 -36.14 -21.00
N TYR D 51 -0.88 -35.29 -21.45
CA TYR D 51 -0.54 -34.11 -20.67
C TYR D 51 -1.67 -33.10 -20.69
N GLY D 52 -2.22 -32.82 -21.87
CA GLY D 52 -3.26 -31.80 -21.98
C GLY D 52 -4.58 -32.22 -21.37
N ILE D 53 -4.94 -33.48 -21.52
CA ILE D 53 -6.19 -33.95 -20.94
C ILE D 53 -5.98 -34.32 -19.48
N GLY D 54 -4.78 -34.71 -19.09
CA GLY D 54 -4.50 -34.96 -17.69
C GLY D 54 -4.53 -33.71 -16.83
N LEU D 55 -4.14 -32.57 -17.38
CA LEU D 55 -4.28 -31.32 -16.64
C LEU D 55 -5.70 -30.82 -16.57
N LEU D 56 -6.60 -31.42 -17.31
CA LEU D 56 -8.00 -31.08 -17.22
C LEU D 56 -8.75 -32.05 -16.32
N ILE D 57 -8.19 -33.23 -16.06
CA ILE D 57 -8.86 -34.28 -15.30
C ILE D 57 -8.28 -34.45 -13.90
N ILE D 58 -6.96 -34.57 -13.79
CA ILE D 58 -6.30 -34.93 -12.53
C ILE D 58 -6.36 -33.82 -11.48
N PRO D 59 -6.09 -32.54 -11.76
CA PRO D 59 -6.25 -31.53 -10.69
C PRO D 59 -7.67 -31.35 -10.20
N PRO D 60 -8.75 -31.49 -11.02
CA PRO D 60 -10.07 -31.52 -10.40
C PRO D 60 -10.34 -32.68 -9.45
N ILE D 61 -9.80 -33.87 -9.71
CA ILE D 61 -9.93 -34.99 -8.78
C ILE D 61 -9.22 -34.66 -7.47
N TRP D 62 -8.07 -34.01 -7.55
CA TRP D 62 -7.32 -33.66 -6.35
C TRP D 62 -8.01 -32.56 -5.55
N PHE D 63 -8.57 -31.54 -6.22
CA PHE D 63 -9.33 -30.51 -5.52
C PHE D 63 -10.60 -31.05 -4.91
N PHE D 64 -11.16 -32.11 -5.49
CA PHE D 64 -12.35 -32.74 -4.92
C PHE D 64 -12.02 -33.50 -3.64
N LEU D 65 -10.93 -34.27 -3.65
CA LEU D 65 -10.50 -34.98 -2.45
C LEU D 65 -10.06 -34.02 -1.37
N LEU D 66 -9.46 -32.90 -1.76
CA LEU D 66 -9.04 -31.90 -0.80
C LEU D 66 -10.22 -31.23 -0.12
N GLY D 67 -11.37 -31.19 -0.79
CA GLY D 67 -12.57 -30.72 -0.13
C GLY D 67 -13.09 -31.69 0.92
N PHE D 68 -12.90 -32.99 0.71
CA PHE D 68 -13.24 -33.97 1.73
C PHE D 68 -12.27 -33.98 2.89
N VAL D 69 -10.99 -33.74 2.63
CA VAL D 69 -9.99 -33.75 3.69
C VAL D 69 -10.14 -32.53 4.59
N LEU D 70 -10.43 -31.38 4.01
CA LEU D 70 -10.55 -30.16 4.80
C LEU D 70 -11.89 -30.03 5.51
N ASN D 71 -12.89 -30.83 5.16
CA ASN D 71 -14.18 -30.76 5.82
C ASN D 71 -14.13 -31.57 7.11
N ASN D 72 -14.46 -30.94 8.23
CA ASN D 72 -14.33 -31.56 9.54
C ASN D 72 -15.55 -32.38 9.95
N ASN D 73 -16.48 -32.64 9.05
CA ASN D 73 -17.62 -33.49 9.35
C ASN D 73 -17.52 -34.84 8.66
N VAL D 74 -16.45 -35.11 7.92
CA VAL D 74 -16.38 -36.38 7.22
C VAL D 74 -15.94 -37.51 8.13
N SER D 75 -15.29 -37.20 9.25
CA SER D 75 -14.94 -38.23 10.21
C SER D 75 -16.14 -38.62 11.05
N VAL D 76 -17.00 -37.65 11.35
CA VAL D 76 -18.19 -37.92 12.15
C VAL D 76 -19.21 -38.69 11.32
N LEU D 77 -19.28 -38.38 10.02
CA LEU D 77 -20.11 -39.13 9.10
C LEU D 77 -19.56 -40.54 8.86
N ALA D 78 -18.24 -40.68 8.79
CA ALA D 78 -17.66 -42.01 8.63
C ALA D 78 -17.83 -42.84 9.88
N GLU D 79 -17.85 -42.19 11.05
CA GLU D 79 -18.15 -42.87 12.30
C GLU D 79 -19.56 -43.45 12.29
N GLU D 80 -20.53 -42.67 11.83
CA GLU D 80 -21.92 -43.12 11.82
C GLU D 80 -22.18 -44.22 10.81
N TRP D 81 -21.49 -44.19 9.66
CA TRP D 81 -21.72 -45.21 8.67
C TRP D 81 -21.06 -46.53 9.04
N LYS D 82 -19.97 -46.48 9.81
CA LYS D 82 -19.28 -47.69 10.21
C LYS D 82 -20.08 -48.47 11.26
N ARG D 83 -20.86 -47.77 12.07
CA ARG D 83 -21.62 -48.39 13.14
C ARG D 83 -22.81 -49.15 12.58
N PRO D 84 -23.18 -50.28 13.22
CA PRO D 84 -24.24 -51.13 12.65
C PRO D 84 -25.62 -50.50 12.76
N THR D 85 -26.55 -51.06 11.97
CA THR D 85 -27.92 -50.59 11.97
C THR D 85 -28.61 -50.97 13.28
N GLY D 86 -29.25 -49.99 13.91
CA GLY D 86 -29.80 -50.18 15.23
C GLY D 86 -28.95 -49.41 16.23
N ARG D 87 -27.63 -49.49 16.06
CA ARG D 87 -26.73 -48.67 16.85
C ARG D 87 -26.70 -47.24 16.33
N ARG D 88 -27.00 -47.04 15.04
CA ARG D 88 -26.98 -45.73 14.41
C ARG D 88 -28.03 -44.82 15.01
N THR D 89 -27.59 -43.66 15.51
CA THR D 89 -28.50 -42.70 16.09
C THR D 89 -29.18 -41.82 15.06
N LYS D 90 -28.85 -41.97 13.78
CA LYS D 90 -29.35 -41.11 12.73
C LYS D 90 -30.18 -41.89 11.73
N ASP D 91 -31.12 -41.21 11.11
CA ASP D 91 -31.86 -41.78 10.01
C ASP D 91 -30.95 -41.88 8.79
N PRO D 92 -31.19 -42.85 7.90
CA PRO D 92 -30.38 -42.93 6.67
C PRO D 92 -30.59 -41.78 5.71
N SER D 93 -31.71 -41.05 5.80
CA SER D 93 -31.87 -39.88 4.95
C SER D 93 -31.04 -38.71 5.43
N VAL D 94 -30.80 -38.61 6.74
CA VAL D 94 -29.96 -37.55 7.27
C VAL D 94 -28.51 -37.79 6.92
N LEU D 95 -28.08 -39.06 6.90
CA LEU D 95 -26.73 -39.39 6.48
C LEU D 95 -26.54 -39.16 4.99
N ARG D 96 -27.55 -39.51 4.19
CA ARG D 96 -27.46 -39.25 2.75
C ARG D 96 -27.48 -37.76 2.45
N TYR D 97 -28.24 -36.98 3.22
CA TYR D 97 -28.29 -35.55 2.97
C TYR D 97 -26.98 -34.90 3.35
N MET D 98 -26.35 -35.39 4.41
CA MET D 98 -25.10 -34.87 4.90
C MET D 98 -23.96 -35.11 3.91
N LEU D 99 -23.91 -36.33 3.36
CA LEU D 99 -22.94 -36.66 2.34
C LEU D 99 -23.14 -35.84 1.08
N CYS D 100 -24.39 -35.60 0.71
CA CYS D 100 -24.68 -34.79 -0.47
C CYS D 100 -24.30 -33.33 -0.25
N SER D 101 -24.38 -32.84 0.99
CA SER D 101 -23.98 -31.47 1.29
C SER D 101 -22.47 -31.29 1.18
N ILE D 102 -21.71 -32.25 1.68
CA ILE D 102 -20.24 -32.18 1.60
C ILE D 102 -19.79 -32.32 0.16
N THR D 103 -20.44 -33.19 -0.62
CA THR D 103 -20.07 -33.43 -2.00
C THR D 103 -20.31 -32.21 -2.87
N GLN D 104 -21.42 -31.52 -2.65
CA GLN D 104 -21.74 -30.36 -3.48
C GLN D 104 -20.84 -29.18 -3.21
N ARG D 105 -20.38 -29.00 -1.98
CA ARG D 105 -19.42 -27.93 -1.74
C ARG D 105 -18.02 -28.30 -2.18
N SER D 106 -17.73 -29.60 -2.31
CA SER D 106 -16.42 -30.04 -2.73
C SER D 106 -16.25 -30.00 -4.24
N LEU D 107 -17.28 -29.64 -4.99
CA LEU D 107 -17.23 -29.58 -6.43
C LEU D 107 -17.03 -28.18 -6.97
N ILE D 108 -16.84 -27.19 -6.10
CA ILE D 108 -16.69 -25.82 -6.56
C ILE D 108 -15.30 -25.58 -7.12
N ALA D 109 -14.27 -25.92 -6.37
CA ALA D 109 -12.88 -25.84 -6.82
C ALA D 109 -12.55 -26.73 -8.01
N PRO D 110 -13.09 -27.96 -8.17
CA PRO D 110 -12.95 -28.63 -9.46
C PRO D 110 -13.58 -27.90 -10.62
N ALA D 111 -14.74 -27.28 -10.41
CA ALA D 111 -15.41 -26.56 -11.49
C ALA D 111 -14.68 -25.28 -11.85
N VAL D 112 -14.07 -24.63 -10.87
CA VAL D 112 -13.26 -23.45 -11.14
C VAL D 112 -12.02 -23.82 -11.94
N TRP D 113 -11.40 -24.96 -11.65
CA TRP D 113 -10.23 -25.41 -12.39
C TRP D 113 -10.57 -25.69 -13.85
N VAL D 114 -11.65 -26.45 -14.09
CA VAL D 114 -12.03 -26.81 -15.46
C VAL D 114 -12.37 -25.58 -16.27
N SER D 115 -12.98 -24.58 -15.64
CA SER D 115 -13.37 -23.38 -16.36
C SER D 115 -12.17 -22.50 -16.70
N VAL D 116 -11.23 -22.28 -15.78
CA VAL D 116 -10.06 -21.49 -16.12
C VAL D 116 -9.18 -22.23 -17.12
N THR D 117 -9.20 -23.54 -17.12
CA THR D 117 -8.38 -24.31 -18.04
C THR D 117 -8.95 -24.25 -19.46
N LEU D 118 -10.28 -24.28 -19.58
CA LEU D 118 -10.89 -24.17 -20.89
C LEU D 118 -10.90 -22.75 -21.42
N MET D 119 -10.99 -21.75 -20.55
CA MET D 119 -10.91 -20.38 -21.04
C MET D 119 -9.50 -19.98 -21.43
N ASP D 120 -8.50 -20.58 -20.81
CA ASP D 120 -7.13 -20.28 -21.18
C ASP D 120 -6.76 -20.95 -22.49
N GLY D 121 -7.23 -22.15 -22.74
CA GLY D 121 -7.06 -22.78 -24.02
C GLY D 121 -5.82 -23.62 -24.22
N LYS D 122 -4.92 -23.69 -23.23
CA LYS D 122 -3.66 -24.40 -23.40
C LYS D 122 -3.80 -25.91 -23.35
N SER D 123 -4.76 -26.44 -22.57
CA SER D 123 -4.97 -27.88 -22.53
C SER D 123 -5.51 -28.42 -23.84
N PHE D 124 -6.38 -27.65 -24.51
CA PHE D 124 -6.83 -28.10 -25.82
C PHE D 124 -5.75 -27.90 -26.86
N LEU D 125 -4.92 -26.88 -26.72
CA LEU D 125 -3.85 -26.66 -27.67
C LEU D 125 -2.83 -27.76 -27.61
N CYS D 126 -2.51 -28.23 -26.41
CA CYS D 126 -1.57 -29.32 -26.27
C CYS D 126 -2.19 -30.63 -26.75
N ALA D 127 -3.42 -30.92 -26.33
CA ALA D 127 -4.01 -32.23 -26.60
C ALA D 127 -4.44 -32.43 -28.05
N PHE D 128 -4.77 -31.36 -28.79
CA PHE D 128 -5.47 -31.51 -30.06
C PHE D 128 -4.70 -30.92 -31.24
N SER D 129 -3.44 -30.58 -31.06
CA SER D 129 -2.70 -29.99 -32.16
C SER D 129 -2.23 -31.01 -33.19
N ILE D 130 -2.15 -32.29 -32.83
CA ILE D 130 -1.88 -33.30 -33.84
C ILE D 130 -3.12 -33.71 -34.59
N ASN D 131 -4.29 -33.27 -34.15
CA ASN D 131 -5.55 -33.52 -34.83
C ASN D 131 -5.89 -32.43 -35.81
N LEU D 132 -5.01 -31.46 -36.02
CA LEU D 132 -5.30 -30.37 -36.92
C LEU D 132 -5.18 -30.79 -38.36
N ASP D 133 -5.78 -29.99 -39.22
CA ASP D 133 -5.72 -30.14 -40.67
C ASP D 133 -5.02 -28.86 -41.14
N ILE D 134 -3.71 -28.93 -41.36
CA ILE D 134 -2.90 -27.72 -41.36
C ILE D 134 -3.03 -26.91 -42.63
N GLU D 135 -3.75 -27.41 -43.63
CA GLU D 135 -3.99 -26.66 -44.86
C GLU D 135 -4.97 -25.52 -44.68
N LYS D 136 -5.64 -25.44 -43.53
CA LYS D 136 -6.57 -24.37 -43.22
C LYS D 136 -5.89 -23.15 -42.62
N PHE D 137 -4.57 -23.15 -42.48
CA PHE D 137 -3.88 -22.23 -41.59
C PHE D 137 -2.72 -21.49 -42.23
N GLY D 138 -2.17 -21.98 -43.34
CA GLY D 138 -1.03 -21.33 -43.94
C GLY D 138 -0.64 -21.88 -45.30
N ASN D 139 0.67 -22.07 -45.51
CA ASN D 139 1.16 -22.75 -46.70
C ASN D 139 0.65 -24.18 -46.75
N ALA D 140 0.38 -24.66 -47.96
CA ALA D 140 0.11 -26.07 -48.16
C ALA D 140 1.38 -26.88 -48.32
N SER D 141 2.50 -26.21 -48.61
CA SER D 141 3.78 -26.84 -48.84
C SER D 141 4.53 -27.16 -47.56
N LEU D 142 3.88 -27.04 -46.41
CA LEU D 142 4.54 -27.42 -45.16
C LEU D 142 4.64 -28.92 -45.02
N VAL D 143 3.50 -29.61 -45.02
CA VAL D 143 3.45 -31.03 -44.70
C VAL D 143 3.53 -31.91 -45.94
N ILE D 144 3.94 -31.38 -47.09
CA ILE D 144 4.34 -32.23 -48.20
C ILE D 144 5.83 -32.48 -48.05
N GLY D 145 6.30 -33.61 -48.58
CA GLY D 145 7.67 -34.01 -48.36
C GLY D 145 7.95 -34.61 -47.00
N MET D 146 6.94 -34.71 -46.14
CA MET D 146 7.06 -35.34 -44.83
C MET D 146 6.39 -36.69 -44.83
N THR D 147 6.82 -37.54 -43.92
CA THR D 147 6.17 -38.81 -43.63
C THR D 147 4.94 -38.52 -42.77
N GLU D 148 4.07 -39.52 -42.61
CA GLU D 148 2.99 -39.41 -41.62
C GLU D 148 3.55 -39.26 -40.22
N THR D 149 4.64 -39.95 -39.91
CA THR D 149 5.31 -39.82 -38.62
C THR D 149 5.90 -38.43 -38.44
N GLU D 150 6.49 -37.87 -39.50
CA GLU D 150 7.20 -36.61 -39.36
C GLU D 150 6.23 -35.43 -39.27
N LYS D 151 5.06 -35.52 -39.91
CA LYS D 151 4.10 -34.45 -39.76
C LYS D 151 3.37 -34.52 -38.43
N LEU D 152 3.30 -35.69 -37.79
CA LEU D 152 2.81 -35.74 -36.42
C LEU D 152 3.78 -35.07 -35.47
N LYS D 153 5.08 -35.19 -35.72
CA LYS D 153 6.05 -34.46 -34.92
C LYS D 153 6.00 -32.97 -35.21
N PHE D 154 5.66 -32.61 -36.44
CA PHE D 154 5.56 -31.20 -36.82
C PHE D 154 4.38 -30.53 -36.16
N LEU D 155 3.22 -31.18 -36.18
CA LEU D 155 2.01 -30.64 -35.58
C LEU D 155 2.05 -30.66 -34.07
N ALA D 156 2.84 -31.54 -33.47
CA ALA D 156 2.92 -31.61 -32.03
C ALA D 156 3.68 -30.44 -31.43
N ARG D 157 4.45 -29.70 -32.22
CA ARG D 157 5.24 -28.61 -31.71
C ARG D 157 4.53 -27.27 -31.81
N ILE D 158 3.30 -27.26 -32.35
CA ILE D 158 2.48 -26.04 -32.36
C ILE D 158 2.25 -25.39 -31.00
N PRO D 159 2.03 -26.10 -29.89
CA PRO D 159 1.90 -25.39 -28.61
C PRO D 159 3.17 -24.73 -28.09
N CYS D 160 4.30 -24.92 -28.73
CA CYS D 160 5.59 -24.43 -28.27
C CYS D 160 6.07 -23.36 -29.25
N LYS D 161 6.19 -22.12 -28.77
CA LYS D 161 6.60 -21.01 -29.64
C LYS D 161 8.04 -21.17 -30.10
N ASP D 162 8.90 -21.59 -29.20
CA ASP D 162 10.32 -21.72 -29.46
C ASP D 162 10.71 -23.07 -30.04
N LEU D 163 9.74 -23.86 -30.47
CA LEU D 163 10.02 -25.09 -31.20
C LEU D 163 9.29 -25.14 -32.53
N PHE D 164 8.44 -24.16 -32.82
CA PHE D 164 7.68 -24.10 -34.06
C PHE D 164 8.09 -22.80 -34.74
N GLU D 165 8.49 -22.89 -36.00
CA GLU D 165 9.16 -21.75 -36.62
C GLU D 165 8.21 -20.86 -37.42
N ASP D 166 7.16 -21.41 -38.01
CA ASP D 166 6.25 -20.63 -38.84
C ASP D 166 5.25 -19.97 -37.92
N ASN D 167 5.43 -18.68 -37.66
CA ASN D 167 4.63 -18.01 -36.65
C ASN D 167 3.22 -17.76 -37.14
N GLU D 168 3.04 -17.62 -38.45
CA GLU D 168 1.70 -17.36 -38.99
C GLU D 168 0.82 -18.59 -38.87
N VAL D 169 1.35 -19.77 -39.14
CA VAL D 169 0.58 -21.00 -39.01
C VAL D 169 0.33 -21.31 -37.54
N ARG D 170 1.29 -20.99 -36.68
CA ARG D 170 1.13 -21.23 -35.26
C ARG D 170 0.07 -20.32 -34.66
N VAL D 171 0.06 -19.03 -35.03
CA VAL D 171 -0.90 -18.09 -34.50
C VAL D 171 -2.31 -18.42 -34.99
N ALA D 172 -2.44 -18.87 -36.24
CA ALA D 172 -3.76 -19.21 -36.76
C ALA D 172 -4.30 -20.48 -36.12
N ALA D 173 -3.44 -21.48 -35.91
CA ALA D 173 -3.90 -22.72 -35.28
C ALA D 173 -4.17 -22.55 -33.80
N THR D 174 -3.42 -21.67 -33.13
CA THR D 174 -3.67 -21.40 -31.73
C THR D 174 -4.97 -20.66 -31.53
N ARG D 175 -5.30 -19.72 -32.40
CA ARG D 175 -6.55 -18.98 -32.29
C ARG D 175 -7.77 -19.86 -32.57
N TYR D 176 -7.63 -20.79 -33.50
CA TYR D 176 -8.72 -21.70 -33.81
C TYR D 176 -9.01 -22.65 -32.65
N ILE D 177 -7.98 -23.19 -32.02
CA ILE D 177 -8.20 -24.14 -30.93
C ILE D 177 -8.62 -23.42 -29.65
N LYS D 178 -8.10 -22.22 -29.40
CA LYS D 178 -8.51 -21.48 -28.22
C LYS D 178 -9.95 -21.00 -28.31
N CYS D 179 -10.43 -20.73 -29.53
CA CYS D 179 -11.84 -20.44 -29.75
C CYS D 179 -12.73 -21.62 -29.39
N ILE D 180 -12.37 -22.83 -29.82
CA ILE D 180 -13.16 -24.01 -29.51
C ILE D 180 -13.09 -24.33 -28.02
N SER D 181 -11.96 -24.07 -27.40
CA SER D 181 -11.81 -24.29 -25.96
C SER D 181 -12.63 -23.30 -25.16
N GLN D 182 -12.71 -22.05 -25.61
CA GLN D 182 -13.55 -21.07 -24.94
C GLN D 182 -15.02 -21.34 -25.17
N ALA D 183 -15.38 -21.93 -26.30
CA ALA D 183 -16.74 -22.35 -26.52
C ALA D 183 -17.14 -23.50 -25.59
N CYS D 184 -16.24 -24.45 -25.39
CA CYS D 184 -16.48 -25.52 -24.42
C CYS D 184 -16.47 -25.00 -23.00
N GLY D 185 -15.70 -23.96 -22.72
CA GLY D 185 -15.71 -23.38 -21.40
C GLY D 185 -16.98 -22.64 -21.08
N TRP D 186 -17.56 -21.96 -22.06
CA TRP D 186 -18.85 -21.31 -21.85
C TRP D 186 -19.99 -22.29 -21.80
N MET D 187 -19.93 -23.38 -22.56
CA MET D 187 -20.95 -24.40 -22.44
C MET D 187 -20.84 -25.16 -21.13
N PHE D 188 -19.62 -25.35 -20.63
CA PHE D 188 -19.45 -25.98 -19.33
C PHE D 188 -19.98 -25.09 -18.22
N LEU D 189 -19.69 -23.79 -18.26
CA LEU D 189 -20.21 -22.87 -17.24
C LEU D 189 -21.71 -22.80 -17.26
N LEU D 190 -22.30 -22.88 -18.44
CA LEU D 190 -23.73 -22.73 -18.59
C LEU D 190 -24.47 -23.98 -18.15
N MET D 191 -23.90 -25.16 -18.39
CA MET D 191 -24.51 -26.40 -17.91
C MET D 191 -24.36 -26.56 -16.41
N MET D 192 -23.24 -26.14 -15.85
CA MET D 192 -23.07 -26.31 -14.41
C MET D 192 -23.86 -25.28 -13.63
N THR D 193 -24.11 -24.11 -14.20
CA THR D 193 -24.93 -23.13 -13.52
C THR D 193 -26.41 -23.46 -13.65
N PHE D 194 -26.81 -24.06 -14.76
CA PHE D 194 -28.19 -24.50 -14.89
C PHE D 194 -28.47 -25.73 -14.05
N THR D 195 -27.46 -26.57 -13.83
CA THR D 195 -27.57 -27.64 -12.84
C THR D 195 -27.69 -27.08 -11.44
N ALA D 196 -26.92 -26.04 -11.13
CA ALA D 196 -27.01 -25.38 -9.84
C ALA D 196 -28.36 -24.72 -9.64
N PHE D 197 -28.99 -24.26 -10.73
CA PHE D 197 -30.30 -23.65 -10.60
C PHE D 197 -31.37 -24.69 -10.30
N LEU D 198 -31.32 -25.85 -10.97
CA LEU D 198 -32.31 -26.88 -10.73
C LEU D 198 -32.13 -27.54 -9.37
N ILE D 199 -30.90 -27.61 -8.87
CA ILE D 199 -30.70 -28.17 -7.54
C ILE D 199 -31.18 -27.19 -6.47
N ARG D 200 -30.91 -25.91 -6.63
CA ARG D 200 -31.36 -24.94 -5.64
C ARG D 200 -32.80 -24.51 -5.82
N ALA D 201 -33.55 -25.09 -6.74
CA ALA D 201 -34.97 -24.81 -6.86
C ALA D 201 -35.86 -26.01 -6.61
N ILE D 202 -35.47 -27.19 -7.09
CA ILE D 202 -36.31 -28.37 -6.98
C ILE D 202 -36.02 -29.16 -5.71
N ARG D 203 -34.76 -29.29 -5.32
CA ARG D 203 -34.40 -30.11 -4.15
C ARG D 203 -34.86 -29.54 -2.81
N PRO D 204 -34.82 -28.22 -2.52
CA PRO D 204 -35.47 -27.76 -1.28
C PRO D 204 -37.00 -27.84 -1.29
N CYS D 205 -37.62 -28.18 -2.42
CA CYS D 205 -39.01 -28.58 -2.44
C CYS D 205 -39.21 -30.06 -2.12
N PHE D 206 -38.15 -30.84 -2.12
CA PHE D 206 -38.23 -32.29 -1.95
C PHE D 206 -37.53 -32.80 -0.70
N THR D 207 -36.31 -32.34 -0.42
CA THR D 207 -35.59 -32.74 0.79
C THR D 207 -35.70 -31.61 1.82
N GLN D 208 -36.79 -31.63 2.57
CA GLN D 208 -36.96 -30.73 3.70
C GLN D 208 -37.20 -31.57 4.95
N ALA D 209 -36.72 -31.06 6.07
CA ALA D 209 -36.62 -31.59 7.43
C ALA D 209 -35.55 -32.64 7.56
N ALA D 210 -34.99 -33.13 6.46
CA ALA D 210 -33.65 -33.71 6.51
C ALA D 210 -32.63 -32.59 6.52
N PHE D 211 -32.92 -31.51 5.78
CA PHE D 211 -32.14 -30.29 5.84
C PHE D 211 -32.14 -29.69 7.23
N LEU D 212 -33.26 -29.77 7.93
CA LEU D 212 -33.34 -29.20 9.26
C LEU D 212 -32.67 -30.10 10.30
N LYS D 213 -32.71 -31.43 10.09
CA LYS D 213 -31.98 -32.32 10.98
C LYS D 213 -30.48 -32.26 10.74
N THR D 214 -30.06 -32.08 9.48
CA THR D 214 -28.64 -31.97 9.18
C THR D 214 -28.09 -30.64 9.66
N LYS D 215 -28.91 -29.60 9.67
CA LYS D 215 -28.47 -28.32 10.23
C LYS D 215 -28.33 -28.39 11.74
N TYR D 216 -29.24 -29.08 12.43
CA TYR D 216 -29.06 -29.26 13.87
C TYR D 216 -27.86 -30.14 14.17
N TRP D 217 -27.58 -31.11 13.30
CA TRP D 217 -26.41 -31.97 13.46
C TRP D 217 -25.12 -31.17 13.31
N SER D 218 -25.08 -30.24 12.36
CA SER D 218 -23.87 -29.44 12.15
C SER D 218 -23.65 -28.46 13.28
N HIS D 219 -24.73 -27.84 13.79
CA HIS D 219 -24.59 -26.96 14.95
C HIS D 219 -24.22 -27.74 16.20
N TYR D 220 -24.69 -28.98 16.32
CA TYR D 220 -24.35 -29.76 17.50
C TYR D 220 -22.89 -30.13 17.54
N ILE D 221 -22.27 -30.33 16.38
CA ILE D 221 -20.85 -30.68 16.33
C ILE D 221 -19.98 -29.50 16.74
N ASP D 222 -20.25 -28.31 16.20
CA ASP D 222 -19.48 -27.13 16.57
C ASP D 222 -19.65 -26.76 18.04
N ILE D 223 -20.83 -27.03 18.61
CA ILE D 223 -21.02 -26.78 20.03
C ILE D 223 -20.29 -27.81 20.87
N GLU D 224 -20.32 -29.08 20.46
CA GLU D 224 -19.69 -30.14 21.25
C GLU D 224 -18.17 -30.03 21.24
N ARG D 225 -17.58 -29.60 20.11
CA ARG D 225 -16.14 -29.40 20.05
C ARG D 225 -15.69 -28.25 20.92
N LYS D 226 -16.39 -27.11 20.83
CA LYS D 226 -16.01 -25.96 21.64
C LYS D 226 -16.22 -26.21 23.12
N MET D 227 -17.35 -26.81 23.50
CA MET D 227 -17.62 -27.02 24.92
C MET D 227 -16.69 -28.07 25.52
N PHE D 228 -16.21 -29.02 24.72
CA PHE D 228 -15.19 -29.94 25.21
C PHE D 228 -13.85 -29.22 25.40
N ASP D 229 -13.55 -28.21 24.57
CA ASP D 229 -12.29 -27.49 24.73
C ASP D 229 -12.27 -26.67 26.02
N GLU D 230 -13.32 -25.88 26.27
CA GLU D 230 -13.32 -25.11 27.50
C GLU D 230 -13.54 -25.95 28.75
N THR D 231 -14.10 -27.15 28.62
CA THR D 231 -14.22 -27.99 29.81
C THR D 231 -12.90 -28.62 30.16
N CYS D 232 -12.09 -28.99 29.15
CA CYS D 232 -10.73 -29.44 29.42
C CYS D 232 -9.90 -28.33 30.04
N LYS D 233 -10.11 -27.08 29.63
CA LYS D 233 -9.33 -25.98 30.18
C LYS D 233 -9.69 -25.68 31.64
N GLU D 234 -10.96 -25.82 32.01
CA GLU D 234 -11.30 -25.56 33.40
C GLU D 234 -10.92 -26.73 34.31
N HIS D 235 -10.94 -27.96 33.80
CA HIS D 235 -10.39 -29.08 34.56
C HIS D 235 -8.87 -29.06 34.60
N ALA D 236 -8.23 -28.37 33.66
CA ALA D 236 -6.79 -28.15 33.78
C ALA D 236 -6.48 -27.13 34.86
N LYS D 237 -7.24 -26.02 34.89
CA LYS D 237 -6.96 -24.93 35.82
C LYS D 237 -7.13 -25.34 37.28
N SER D 238 -8.00 -26.31 37.55
CA SER D 238 -8.08 -26.87 38.90
C SER D 238 -6.76 -27.55 39.29
N PHE D 239 -6.31 -28.49 38.47
CA PHE D 239 -5.13 -29.29 38.82
C PHE D 239 -3.84 -28.51 38.63
N ALA D 240 -3.82 -27.54 37.72
CA ALA D 240 -2.62 -26.75 37.55
C ALA D 240 -2.41 -25.77 38.70
N LYS D 241 -3.51 -25.23 39.25
CA LYS D 241 -3.39 -24.39 40.44
C LYS D 241 -2.89 -25.19 41.63
N VAL D 242 -3.25 -26.47 41.72
CA VAL D 242 -2.76 -27.31 42.80
C VAL D 242 -1.25 -27.52 42.68
N CYS D 243 -0.77 -27.79 41.46
CA CYS D 243 0.64 -28.11 41.28
C CYS D 243 1.53 -26.89 41.44
N ILE D 244 1.09 -25.73 40.97
CA ILE D 244 1.91 -24.53 41.04
C ILE D 244 2.04 -24.04 42.48
N HIS D 245 0.93 -24.07 43.23
CA HIS D 245 0.96 -23.62 44.62
C HIS D 245 1.80 -24.55 45.48
N GLN D 246 1.72 -25.85 45.23
CA GLN D 246 2.54 -26.81 45.95
C GLN D 246 4.02 -26.70 45.58
N TYR D 247 4.34 -26.23 44.37
CA TYR D 247 5.74 -26.01 44.00
C TYR D 247 6.34 -24.85 44.80
N PHE D 248 5.62 -23.73 44.91
CA PHE D 248 6.14 -22.58 45.63
C PHE D 248 6.06 -22.73 47.14
N GLU D 249 5.45 -23.80 47.67
CA GLU D 249 5.54 -24.07 49.11
C GLU D 249 6.97 -24.35 49.52
N ASN D 250 7.73 -25.02 48.66
CA ASN D 250 9.10 -25.40 49.02
C ASN D 250 10.11 -24.39 48.46
N ILE D 251 9.86 -23.88 47.27
CA ILE D 251 10.86 -23.05 46.62
C ILE D 251 10.87 -21.63 47.19
N SER D 252 9.72 -21.13 47.66
CA SER D 252 9.73 -19.87 48.40
C SER D 252 10.40 -20.01 49.76
N GLY D 253 10.48 -21.23 50.29
CA GLY D 253 11.35 -21.46 51.44
C GLY D 253 12.82 -21.26 51.10
N GLU D 254 13.18 -21.53 49.84
CA GLU D 254 14.52 -21.17 49.37
C GLU D 254 14.61 -19.72 48.92
N MET D 255 13.55 -19.17 48.32
CA MET D 255 13.52 -17.78 47.87
C MET D 255 13.53 -16.78 49.02
N GLN D 256 13.37 -17.22 50.26
CA GLN D 256 13.67 -16.40 51.43
C GLN D 256 15.10 -15.86 51.38
N ASN D 257 16.08 -16.76 51.46
CA ASN D 257 17.46 -16.33 51.43
C ASN D 257 17.94 -15.95 50.04
N PHE D 258 17.25 -16.42 49.00
CA PHE D 258 17.74 -16.22 47.64
C PHE D 258 17.29 -14.91 47.03
N HIS D 259 16.20 -14.31 47.53
CA HIS D 259 15.73 -13.03 47.02
C HIS D 259 15.31 -12.08 48.13
N ARG D 260 15.97 -12.17 49.28
CA ARG D 260 15.83 -11.14 50.31
C ARG D 260 17.16 -10.96 51.04
N MET E 7 0.58 -17.65 -3.50
CA MET E 7 -0.63 -18.10 -2.82
C MET E 7 -0.50 -17.83 -1.33
N PHE E 8 -0.05 -16.62 -0.98
CA PHE E 8 0.28 -16.30 0.40
C PHE E 8 -0.75 -15.42 1.10
N GLN E 9 -1.42 -14.52 0.36
CA GLN E 9 -2.37 -13.57 0.92
C GLN E 9 -3.62 -14.21 1.49
N PHE E 10 -3.85 -15.51 1.24
CA PHE E 10 -5.13 -16.12 1.60
C PHE E 10 -5.23 -16.32 3.11
N LEU E 11 -4.34 -17.15 3.67
CA LEU E 11 -4.28 -17.28 5.11
C LEU E 11 -3.59 -16.09 5.78
N GLN E 12 -2.84 -15.28 5.01
CA GLN E 12 -2.28 -14.06 5.57
C GLN E 12 -3.39 -13.07 5.95
N SER E 13 -4.36 -12.88 5.07
CA SER E 13 -5.48 -12.03 5.40
C SER E 13 -6.59 -12.78 6.12
N ASN E 14 -6.49 -14.11 6.20
CA ASN E 14 -7.47 -14.90 6.95
C ASN E 14 -6.70 -15.83 7.88
N GLN E 15 -6.31 -15.30 9.03
CA GLN E 15 -5.83 -16.13 10.14
C GLN E 15 -6.99 -16.61 11.02
N GLU E 16 -7.98 -17.21 10.38
CA GLU E 16 -9.09 -17.88 11.06
C GLU E 16 -9.40 -19.24 10.45
N SER E 17 -9.02 -19.46 9.19
CA SER E 17 -9.27 -20.72 8.49
C SER E 17 -8.36 -21.86 8.94
N PHE E 18 -7.46 -21.60 9.89
CA PHE E 18 -6.55 -22.60 10.40
C PHE E 18 -7.28 -23.55 11.34
N MET E 19 -6.62 -24.68 11.62
CA MET E 19 -6.92 -25.50 12.77
C MET E 19 -5.66 -25.76 13.58
N ASN E 20 -4.48 -25.51 13.01
CA ASN E 20 -3.24 -25.28 13.74
C ASN E 20 -2.49 -24.19 12.99
N GLY E 21 -1.78 -23.36 13.75
CA GLY E 21 -1.17 -22.17 13.21
C GLY E 21 0.24 -22.35 12.72
N ILE E 22 1.04 -23.10 13.47
CA ILE E 22 2.45 -23.29 13.12
C ILE E 22 2.60 -24.16 11.89
N CYS E 23 1.65 -25.04 11.60
CA CYS E 23 1.75 -25.87 10.40
C CYS E 23 1.40 -25.09 9.14
N GLY E 24 0.47 -24.14 9.24
CA GLY E 24 0.20 -23.28 8.10
C GLY E 24 1.32 -22.29 7.83
N ILE E 25 2.00 -21.83 8.88
CA ILE E 25 3.13 -20.93 8.71
C ILE E 25 4.31 -21.66 8.10
N MET E 26 4.56 -22.90 8.54
CA MET E 26 5.73 -23.61 8.01
C MET E 26 5.53 -24.10 6.60
N ALA E 27 4.29 -24.38 6.19
CA ALA E 27 4.04 -24.71 4.80
C ALA E 27 4.20 -23.49 3.91
N LEU E 28 3.78 -22.34 4.39
CA LEU E 28 4.04 -21.07 3.73
C LEU E 28 5.53 -20.77 3.66
N ALA E 29 6.26 -21.06 4.74
CA ALA E 29 7.68 -20.80 4.76
C ALA E 29 8.45 -21.79 3.90
N SER E 30 7.95 -23.01 3.75
CA SER E 30 8.60 -24.01 2.92
C SER E 30 8.55 -23.63 1.45
N ALA E 31 7.41 -23.13 0.99
CA ALA E 31 7.29 -22.76 -0.41
C ALA E 31 7.94 -21.42 -0.71
N GLN E 32 7.99 -20.53 0.26
CA GLN E 32 8.70 -19.27 0.07
C GLN E 32 10.20 -19.48 0.07
N MET E 33 10.68 -20.45 0.84
CA MET E 33 12.09 -20.79 0.81
C MET E 33 12.48 -21.47 -0.49
N TYR E 34 11.54 -22.14 -1.15
CA TYR E 34 11.83 -22.68 -2.47
C TYR E 34 11.99 -21.57 -3.50
N SER E 35 11.20 -20.51 -3.36
CA SER E 35 11.29 -19.39 -4.29
C SER E 35 12.58 -18.62 -4.10
N SER E 36 13.02 -18.46 -2.85
CA SER E 36 14.23 -17.73 -2.54
C SER E 36 15.50 -18.52 -2.82
N PHE E 37 15.40 -19.84 -2.93
CA PHE E 37 16.57 -20.66 -3.16
C PHE E 37 16.96 -20.54 -4.62
N GLU E 38 18.24 -20.30 -4.88
CA GLU E 38 18.71 -20.16 -6.24
C GLU E 38 19.28 -21.52 -6.64
N PHE E 39 18.55 -22.22 -7.49
CA PHE E 39 18.92 -23.54 -7.97
C PHE E 39 20.16 -23.43 -8.84
N SER E 40 21.22 -24.11 -8.46
CA SER E 40 22.49 -24.02 -9.19
C SER E 40 22.98 -25.42 -9.49
N CYS E 41 22.45 -26.00 -10.55
CA CYS E 41 22.86 -27.32 -11.00
C CYS E 41 24.33 -27.28 -11.39
N PRO E 42 25.13 -28.27 -11.00
CA PRO E 42 26.57 -28.23 -11.31
C PRO E 42 26.86 -28.30 -12.79
N CYS E 43 25.98 -28.94 -13.55
CA CYS E 43 26.14 -29.23 -14.97
C CYS E 43 27.42 -30.00 -15.26
N MET E 44 27.67 -31.01 -14.43
CA MET E 44 28.73 -31.97 -14.53
C MET E 44 28.14 -33.36 -14.32
N PRO E 45 28.55 -34.36 -15.10
CA PRO E 45 27.88 -35.67 -15.03
C PRO E 45 28.19 -36.47 -13.77
N GLU E 46 29.07 -36.02 -12.90
CA GLU E 46 29.36 -36.73 -11.66
C GLU E 46 28.47 -36.27 -10.53
N TYR E 47 27.97 -35.05 -10.62
CA TYR E 47 27.40 -34.35 -9.49
C TYR E 47 25.97 -33.94 -9.72
N ASN E 48 25.44 -34.11 -10.94
CA ASN E 48 24.09 -33.65 -11.26
C ASN E 48 23.04 -34.45 -10.54
N TYR E 49 23.23 -35.76 -10.44
CA TYR E 49 22.25 -36.61 -9.80
C TYR E 49 22.16 -36.32 -8.31
N THR E 50 23.28 -36.19 -7.63
CA THR E 50 23.23 -35.98 -6.19
C THR E 50 22.77 -34.58 -5.84
N TYR E 51 23.02 -33.62 -6.70
CA TYR E 51 22.50 -32.28 -6.47
C TYR E 51 20.99 -32.25 -6.68
N GLY E 52 20.51 -32.82 -7.79
CA GLY E 52 19.10 -32.77 -8.10
C GLY E 52 18.25 -33.62 -7.18
N ILE E 53 18.74 -34.79 -6.81
CA ILE E 53 17.98 -35.64 -5.91
C ILE E 53 18.19 -35.23 -4.46
N GLY E 54 19.35 -34.63 -4.14
CA GLY E 54 19.56 -34.11 -2.82
C GLY E 54 18.70 -32.93 -2.48
N LEU E 55 18.36 -32.10 -3.46
CA LEU E 55 17.42 -31.02 -3.20
C LEU E 55 15.98 -31.48 -3.12
N LEU E 56 15.72 -32.73 -3.44
CA LEU E 56 14.42 -33.29 -3.26
C LEU E 56 14.31 -34.09 -1.97
N ILE E 57 15.43 -34.48 -1.38
CA ILE E 57 15.46 -35.34 -0.20
C ILE E 57 15.86 -34.58 1.06
N ILE E 58 16.96 -33.83 1.00
CA ILE E 58 17.56 -33.22 2.19
C ILE E 58 16.73 -32.06 2.76
N PRO E 59 16.19 -31.10 2.00
CA PRO E 59 15.35 -30.08 2.63
C PRO E 59 14.05 -30.62 3.23
N PRO E 60 13.39 -31.67 2.70
CA PRO E 60 12.29 -32.25 3.48
C PRO E 60 12.68 -32.87 4.82
N ILE E 61 13.86 -33.47 4.92
CA ILE E 61 14.33 -33.99 6.21
C ILE E 61 14.54 -32.85 7.18
N TRP E 62 15.06 -31.73 6.70
CA TRP E 62 15.31 -30.59 7.55
C TRP E 62 14.01 -29.91 7.99
N PHE E 63 13.03 -29.77 7.09
CA PHE E 63 11.74 -29.23 7.48
C PHE E 63 10.98 -30.15 8.43
N PHE E 64 11.24 -31.45 8.37
CA PHE E 64 10.63 -32.39 9.30
C PHE E 64 11.21 -32.24 10.70
N LEU E 65 12.54 -32.14 10.81
CA LEU E 65 13.18 -31.93 12.10
C LEU E 65 12.83 -30.58 12.69
N LEU E 66 12.66 -29.58 11.83
CA LEU E 66 12.28 -28.26 12.28
C LEU E 66 10.87 -28.23 12.84
N GLY E 67 10.01 -29.14 12.38
CA GLY E 67 8.71 -29.28 13.01
C GLY E 67 8.78 -29.86 14.40
N PHE E 68 9.73 -30.75 14.65
CA PHE E 68 9.94 -31.26 16.00
C PHE E 68 10.60 -30.26 16.92
N VAL E 69 11.48 -29.42 16.40
CA VAL E 69 12.17 -28.43 17.22
C VAL E 69 11.21 -27.31 17.63
N LEU E 70 10.34 -26.89 16.72
CA LEU E 70 9.42 -25.80 17.01
C LEU E 70 8.21 -26.24 17.82
N ASN E 71 7.95 -27.53 17.96
CA ASN E 71 6.82 -28.00 18.73
C ASN E 71 7.21 -28.06 20.20
N ASN E 72 6.44 -27.39 21.06
CA ASN E 72 6.78 -27.25 22.46
C ASN E 72 6.27 -28.39 23.33
N ASN E 73 5.80 -29.48 22.73
CA ASN E 73 5.38 -30.65 23.50
C ASN E 73 6.34 -31.81 23.34
N VAL E 74 7.43 -31.64 22.60
CA VAL E 74 8.34 -32.76 22.39
C VAL E 74 9.27 -32.95 23.58
N SER E 75 9.46 -31.92 24.40
CA SER E 75 10.27 -32.07 25.60
C SER E 75 9.46 -32.74 26.70
N VAL E 76 8.16 -32.46 26.75
CA VAL E 76 7.30 -33.06 27.76
C VAL E 76 7.07 -34.52 27.43
N LEU E 77 6.97 -34.84 26.15
CA LEU E 77 6.86 -36.22 25.71
C LEU E 77 8.18 -36.97 25.90
N ALA E 78 9.31 -36.30 25.69
CA ALA E 78 10.59 -36.96 25.94
C ALA E 78 10.82 -37.18 27.42
N GLU E 79 10.28 -36.29 28.26
CA GLU E 79 10.33 -36.48 29.70
C GLU E 79 9.56 -37.73 30.12
N GLU E 80 8.37 -37.93 29.56
CA GLU E 80 7.55 -39.08 29.92
C GLU E 80 8.13 -40.39 29.44
N TRP E 81 8.78 -40.40 28.27
CA TRP E 81 9.33 -41.64 27.76
C TRP E 81 10.61 -42.03 28.49
N LYS E 82 11.36 -41.05 29.00
CA LYS E 82 12.59 -41.35 29.72
C LYS E 82 12.32 -41.97 31.08
N ARG E 83 11.19 -41.63 31.69
CA ARG E 83 10.86 -42.12 33.01
C ARG E 83 10.44 -43.59 32.96
N PRO E 84 10.76 -44.36 34.01
CA PRO E 84 10.50 -45.81 33.97
C PRO E 84 9.02 -46.15 34.04
N THR E 85 8.72 -47.39 33.67
CA THR E 85 7.35 -47.90 33.71
C THR E 85 6.89 -48.07 35.15
N GLY E 86 5.73 -47.53 35.47
CA GLY E 86 5.26 -47.48 36.84
C GLY E 86 5.35 -46.06 37.35
N ARG E 87 6.46 -45.39 37.01
CA ARG E 87 6.59 -43.96 37.31
C ARG E 87 5.81 -43.13 36.30
N ARG E 88 5.59 -43.67 35.09
CA ARG E 88 4.88 -42.97 34.02
C ARG E 88 3.42 -42.71 34.42
N THR E 89 3.02 -41.45 34.37
CA THR E 89 1.64 -41.09 34.70
C THR E 89 0.70 -41.28 33.54
N LYS E 90 1.20 -41.67 32.38
CA LYS E 90 0.40 -41.75 31.17
C LYS E 90 0.33 -43.18 30.66
N ASP E 91 -0.76 -43.50 29.99
CA ASP E 91 -0.88 -44.77 29.30
C ASP E 91 0.03 -44.74 28.07
N PRO E 92 0.52 -45.92 27.65
CA PRO E 92 1.34 -45.96 26.43
C PRO E 92 0.59 -45.62 25.15
N SER E 93 -0.74 -45.75 25.13
CA SER E 93 -1.49 -45.35 23.96
C SER E 93 -1.60 -43.84 23.84
N VAL E 94 -1.61 -43.13 24.97
CA VAL E 94 -1.66 -41.67 24.95
C VAL E 94 -0.31 -41.11 24.49
N LEU E 95 0.79 -41.76 24.88
CA LEU E 95 2.09 -41.34 24.40
C LEU E 95 2.27 -41.64 22.92
N ARG E 96 1.78 -42.79 22.46
CA ARG E 96 1.84 -43.10 21.04
C ARG E 96 0.96 -42.18 20.22
N TYR E 97 -0.19 -41.79 20.76
CA TYR E 97 -1.08 -40.91 20.02
C TYR E 97 -0.48 -39.50 19.92
N MET E 98 0.19 -39.08 20.98
CA MET E 98 0.81 -37.77 21.05
C MET E 98 1.96 -37.65 20.05
N LEU E 99 2.80 -38.67 19.98
CA LEU E 99 3.88 -38.73 19.02
C LEU E 99 3.37 -38.75 17.60
N CYS E 100 2.27 -39.46 17.36
CA CYS E 100 1.68 -39.50 16.03
C CYS E 100 1.08 -38.16 15.64
N SER E 101 0.57 -37.40 16.61
CA SER E 101 0.03 -36.08 16.33
C SER E 101 1.12 -35.10 15.93
N ILE E 102 2.25 -35.12 16.62
CA ILE E 102 3.36 -34.23 16.30
C ILE E 102 3.97 -34.61 14.95
N THR E 103 4.06 -35.91 14.66
CA THR E 103 4.66 -36.37 13.42
C THR E 103 3.82 -35.98 12.21
N GLN E 104 2.50 -36.08 12.32
CA GLN E 104 1.63 -35.78 11.20
C GLN E 104 1.61 -34.28 10.87
N ARG E 105 1.71 -33.42 11.87
CA ARG E 105 1.80 -32.01 11.56
C ARG E 105 3.19 -31.60 11.08
N SER E 106 4.21 -32.39 11.38
CA SER E 106 5.55 -32.08 10.94
C SER E 106 5.83 -32.53 9.53
N LEU E 107 4.89 -33.17 8.87
CA LEU E 107 5.04 -33.65 7.50
C LEU E 107 4.42 -32.73 6.47
N ILE E 108 3.87 -31.60 6.88
CA ILE E 108 3.20 -30.71 5.94
C ILE E 108 4.22 -29.92 5.13
N ALA E 109 5.14 -29.26 5.78
CA ALA E 109 6.24 -28.55 5.13
C ALA E 109 7.18 -29.44 4.30
N PRO E 110 7.51 -30.69 4.69
CA PRO E 110 8.16 -31.57 3.72
C PRO E 110 7.35 -31.87 2.49
N ALA E 111 6.04 -32.05 2.64
CA ALA E 111 5.20 -32.35 1.49
C ALA E 111 5.03 -31.15 0.58
N VAL E 112 5.02 -29.95 1.15
CA VAL E 112 4.97 -28.73 0.35
C VAL E 112 6.26 -28.55 -0.45
N TRP E 113 7.41 -28.88 0.15
CA TRP E 113 8.68 -28.78 -0.55
C TRP E 113 8.74 -29.74 -1.74
N VAL E 114 8.38 -31.01 -1.53
CA VAL E 114 8.45 -32.01 -2.58
C VAL E 114 7.51 -31.66 -3.72
N SER E 115 6.37 -31.07 -3.42
CA SER E 115 5.41 -30.72 -4.46
C SER E 115 5.85 -29.52 -5.28
N VAL E 116 6.36 -28.46 -4.65
CA VAL E 116 6.85 -27.33 -5.44
C VAL E 116 8.10 -27.69 -6.21
N THR E 117 8.88 -28.65 -5.73
CA THR E 117 10.08 -29.04 -6.43
C THR E 117 9.75 -29.88 -7.66
N LEU E 118 8.75 -30.73 -7.56
CA LEU E 118 8.34 -31.53 -8.71
C LEU E 118 7.53 -30.73 -9.71
N MET E 119 6.76 -29.74 -9.28
CA MET E 119 6.04 -28.91 -10.22
C MET E 119 6.94 -27.94 -10.95
N ASP E 120 8.04 -27.53 -10.31
CA ASP E 120 8.97 -26.65 -10.97
C ASP E 120 9.80 -27.39 -11.99
N GLY E 121 10.20 -28.62 -11.71
CA GLY E 121 10.86 -29.44 -12.68
C GLY E 121 12.36 -29.36 -12.74
N LYS E 122 13.00 -28.52 -11.95
CA LYS E 122 14.44 -28.33 -12.04
C LYS E 122 15.24 -29.45 -11.42
N SER E 123 14.74 -30.10 -10.37
CA SER E 123 15.44 -31.23 -9.77
C SER E 123 15.47 -32.43 -10.69
N PHE E 124 14.41 -32.66 -11.46
CA PHE E 124 14.46 -33.74 -12.43
C PHE E 124 15.30 -33.36 -13.62
N LEU E 125 15.32 -32.08 -13.98
CA LEU E 125 16.13 -31.65 -15.11
C LEU E 125 17.60 -31.79 -14.81
N CYS E 126 18.00 -31.48 -13.58
CA CYS E 126 19.39 -31.64 -13.20
C CYS E 126 19.75 -33.12 -13.06
N ALA E 127 18.91 -33.90 -12.40
CA ALA E 127 19.27 -35.28 -12.08
C ALA E 127 19.21 -36.23 -13.27
N PHE E 128 18.39 -35.95 -14.29
CA PHE E 128 18.07 -36.95 -15.30
C PHE E 128 18.44 -36.53 -16.70
N SER E 129 19.21 -35.46 -16.86
CA SER E 129 19.55 -35.02 -18.20
C SER E 129 20.65 -35.85 -18.84
N ILE E 130 21.46 -36.57 -18.06
CA ILE E 130 22.39 -37.51 -18.66
C ILE E 130 21.75 -38.83 -19.01
N ASN E 131 20.52 -39.05 -18.59
CA ASN E 131 19.75 -40.23 -18.93
C ASN E 131 18.92 -40.04 -20.18
N LEU E 132 19.06 -38.91 -20.85
CA LEU E 132 18.27 -38.64 -22.03
C LEU E 132 18.77 -39.43 -23.22
N ASP E 133 17.90 -39.54 -24.21
CA ASP E 133 18.21 -40.15 -25.50
C ASP E 133 18.02 -39.02 -26.50
N ILE E 134 19.12 -38.37 -26.88
CA ILE E 134 19.03 -37.03 -27.44
C ILE E 134 18.57 -37.02 -28.89
N GLU E 135 18.42 -38.19 -29.51
CA GLU E 135 17.92 -38.27 -30.88
C GLU E 135 16.43 -37.97 -30.98
N LYS E 136 15.73 -37.89 -29.85
CA LYS E 136 14.32 -37.56 -29.82
C LYS E 136 14.04 -36.06 -29.81
N PHE E 137 15.07 -35.23 -29.88
CA PHE E 137 14.95 -33.83 -29.50
C PHE E 137 15.49 -32.85 -30.53
N GLY E 138 16.34 -33.29 -31.46
CA GLY E 138 16.91 -32.38 -32.43
C GLY E 138 17.70 -33.05 -33.53
N ASN E 139 18.87 -32.48 -33.85
CA ASN E 139 19.80 -33.12 -34.77
C ASN E 139 20.27 -34.46 -34.22
N ALA E 140 20.47 -35.41 -35.12
CA ALA E 140 21.14 -36.65 -34.75
C ALA E 140 22.65 -36.52 -34.80
N SER E 141 23.15 -35.49 -35.48
CA SER E 141 24.58 -35.26 -35.66
C SER E 141 25.23 -34.56 -34.47
N LEU E 142 24.51 -34.41 -33.36
CA LEU E 142 25.12 -33.81 -32.19
C LEU E 142 26.09 -34.77 -31.52
N VAL E 143 25.62 -35.94 -31.10
CA VAL E 143 26.40 -36.85 -30.28
C VAL E 143 27.14 -37.90 -31.11
N ILE E 144 27.26 -37.71 -32.42
CA ILE E 144 28.22 -38.49 -33.18
C ILE E 144 29.52 -37.72 -33.18
N GLY E 145 30.63 -38.43 -33.34
CA GLY E 145 31.93 -37.82 -33.20
C GLY E 145 32.37 -37.56 -31.78
N MET E 146 31.54 -37.91 -30.79
CA MET E 146 31.87 -37.79 -29.38
C MET E 146 32.16 -39.14 -28.78
N THR E 147 32.93 -39.14 -27.70
CA THR E 147 33.14 -40.30 -26.88
C THR E 147 31.90 -40.51 -26.00
N GLU E 148 31.81 -41.67 -25.36
CA GLU E 148 30.79 -41.86 -24.33
C GLU E 148 30.98 -40.90 -23.17
N THR E 149 32.24 -40.62 -22.81
CA THR E 149 32.54 -39.63 -21.78
C THR E 149 32.13 -38.23 -22.20
N GLU E 150 32.38 -37.89 -23.46
CA GLU E 150 32.15 -36.53 -23.91
C GLU E 150 30.67 -36.24 -24.11
N LYS E 151 29.87 -37.23 -24.48
CA LYS E 151 28.45 -36.99 -24.58
C LYS E 151 27.76 -36.98 -23.22
N LEU E 152 28.35 -37.60 -22.21
CA LEU E 152 27.85 -37.41 -20.86
C LEU E 152 28.10 -36.00 -20.37
N LYS E 153 29.23 -35.40 -20.76
CA LYS E 153 29.46 -34.00 -20.43
C LYS E 153 28.55 -33.08 -21.24
N PHE E 154 28.19 -33.51 -22.45
CA PHE E 154 27.31 -32.71 -23.29
C PHE E 154 25.89 -32.69 -22.75
N LEU E 155 25.37 -33.86 -22.36
CA LEU E 155 24.03 -33.96 -21.82
C LEU E 155 23.91 -33.39 -20.43
N ALA E 156 25.00 -33.31 -19.69
CA ALA E 156 24.95 -32.76 -18.34
C ALA E 156 24.77 -31.25 -18.34
N ARG E 157 25.02 -30.57 -19.45
CA ARG E 157 24.92 -29.13 -19.50
C ARG E 157 23.56 -28.65 -19.97
N ILE E 158 22.65 -29.58 -20.28
CA ILE E 158 21.26 -29.21 -20.62
C ILE E 158 20.54 -28.37 -19.56
N PRO E 159 20.67 -28.59 -18.25
CA PRO E 159 20.00 -27.68 -17.31
C PRO E 159 20.54 -26.25 -17.27
N CYS E 160 21.62 -25.96 -17.97
CA CYS E 160 22.29 -24.67 -17.92
C CYS E 160 22.11 -24.00 -19.27
N LYS E 161 21.40 -22.87 -19.31
CA LYS E 161 21.15 -22.18 -20.57
C LYS E 161 22.43 -21.60 -21.15
N ASP E 162 23.27 -21.03 -20.31
CA ASP E 162 24.50 -20.37 -20.71
C ASP E 162 25.69 -21.32 -20.81
N LEU E 163 25.46 -22.63 -20.78
CA LEU E 163 26.49 -23.60 -21.05
C LEU E 163 26.09 -24.58 -22.13
N PHE E 164 24.86 -24.49 -22.63
CA PHE E 164 24.37 -25.38 -23.67
C PHE E 164 23.98 -24.48 -24.83
N GLU E 165 24.48 -24.78 -26.02
CA GLU E 165 24.39 -23.81 -27.11
C GLU E 165 23.19 -24.04 -28.02
N ASP E 166 22.77 -25.29 -28.20
CA ASP E 166 21.67 -25.60 -29.11
C ASP E 166 20.37 -25.38 -28.34
N ASN E 167 19.70 -24.26 -28.61
CA ASN E 167 18.56 -23.89 -27.80
C ASN E 167 17.35 -24.74 -28.13
N GLU E 168 17.26 -25.25 -29.35
CA GLU E 168 16.11 -26.06 -29.74
C GLU E 168 16.13 -27.42 -29.04
N VAL E 169 17.30 -28.04 -28.96
CA VAL E 169 17.43 -29.31 -28.26
C VAL E 169 17.27 -29.12 -26.76
N ARG E 170 17.73 -27.99 -26.24
CA ARG E 170 17.59 -27.73 -24.82
C ARG E 170 16.14 -27.48 -24.44
N VAL E 171 15.40 -26.73 -25.25
CA VAL E 171 14.00 -26.43 -24.96
C VAL E 171 13.15 -27.68 -25.07
N ALA E 172 13.46 -28.56 -26.04
CA ALA E 172 12.69 -29.79 -26.19
C ALA E 172 12.96 -30.77 -25.06
N ALA E 173 14.21 -30.88 -24.62
CA ALA E 173 14.55 -31.78 -23.54
C ALA E 173 14.07 -31.26 -22.19
N THR E 174 14.04 -29.95 -22.01
CA THR E 174 13.53 -29.36 -20.78
C THR E 174 12.03 -29.55 -20.67
N ARG E 175 11.30 -29.42 -21.76
CA ARG E 175 9.85 -29.60 -21.74
C ARG E 175 9.47 -31.04 -21.50
N TYR E 176 10.24 -31.97 -22.03
CA TYR E 176 9.98 -33.39 -21.81
C TYR E 176 10.18 -33.78 -20.35
N ILE E 177 11.26 -33.31 -19.74
CA ILE E 177 11.53 -33.70 -18.36
C ILE E 177 10.63 -32.96 -17.38
N LYS E 178 10.28 -31.72 -17.66
CA LYS E 178 9.39 -30.99 -16.78
C LYS E 178 7.97 -31.54 -16.83
N CYS E 179 7.57 -32.10 -17.98
CA CYS E 179 6.31 -32.82 -18.07
C CYS E 179 6.27 -34.04 -17.18
N ILE E 180 7.34 -34.84 -17.18
CA ILE E 180 7.41 -36.03 -16.34
C ILE E 180 7.48 -35.65 -14.86
N SER E 181 8.15 -34.55 -14.56
CA SER E 181 8.25 -34.08 -13.19
C SER E 181 6.90 -33.56 -12.69
N GLN E 182 6.14 -32.89 -13.54
CA GLN E 182 4.81 -32.45 -13.16
C GLN E 182 3.84 -33.62 -13.04
N ALA E 183 4.05 -34.67 -13.81
CA ALA E 183 3.24 -35.88 -13.65
C ALA E 183 3.53 -36.56 -12.32
N CYS E 184 4.80 -36.63 -11.92
CA CYS E 184 5.14 -37.16 -10.61
C CYS E 184 4.68 -36.25 -9.49
N GLY E 185 4.62 -34.95 -9.73
CA GLY E 185 4.12 -34.03 -8.73
C GLY E 185 2.63 -34.15 -8.51
N TRP E 186 1.87 -34.39 -9.58
CA TRP E 186 0.44 -34.62 -9.43
C TRP E 186 0.13 -35.98 -8.84
N MET E 187 0.93 -37.00 -9.15
CA MET E 187 0.72 -38.29 -8.51
C MET E 187 1.13 -38.27 -7.05
N PHE E 188 2.15 -37.47 -6.71
CA PHE E 188 2.52 -37.32 -5.32
C PHE E 188 1.44 -36.60 -4.53
N LEU E 189 0.89 -35.51 -5.09
CA LEU E 189 -0.18 -34.79 -4.41
C LEU E 189 -1.42 -35.65 -4.23
N LEU E 190 -1.70 -36.50 -5.18
CA LEU E 190 -2.89 -37.30 -5.17
C LEU E 190 -2.77 -38.46 -4.19
N MET E 191 -1.58 -39.04 -4.07
CA MET E 191 -1.37 -40.10 -3.08
C MET E 191 -1.31 -39.55 -1.66
N MET E 192 -0.74 -38.37 -1.47
CA MET E 192 -0.67 -37.84 -0.12
C MET E 192 -2.00 -37.29 0.34
N THR E 193 -2.84 -36.84 -0.57
CA THR E 193 -4.17 -36.38 -0.18
C THR E 193 -5.11 -37.55 0.05
N PHE E 194 -4.94 -38.63 -0.69
CA PHE E 194 -5.74 -39.81 -0.44
C PHE E 194 -5.31 -40.53 0.83
N THR E 195 -4.02 -40.44 1.18
CA THR E 195 -3.57 -40.89 2.49
C THR E 195 -4.15 -40.02 3.60
N ALA E 196 -4.22 -38.71 3.39
CA ALA E 196 -4.84 -37.81 4.34
C ALA E 196 -6.33 -38.07 4.49
N PHE E 197 -6.97 -38.54 3.43
CA PHE E 197 -8.39 -38.85 3.51
C PHE E 197 -8.63 -40.10 4.34
N LEU E 198 -7.82 -41.14 4.14
CA LEU E 198 -7.99 -42.38 4.89
C LEU E 198 -7.61 -42.22 6.34
N ILE E 199 -6.66 -41.35 6.64
CA ILE E 199 -6.30 -41.11 8.03
C ILE E 199 -7.38 -40.31 8.73
N ARG E 200 -7.93 -39.30 8.08
CA ARG E 200 -8.99 -38.50 8.71
C ARG E 200 -10.37 -39.13 8.61
N ALA E 201 -10.50 -40.35 8.09
CA ALA E 201 -11.77 -41.03 8.10
C ALA E 201 -11.77 -42.31 8.89
N ILE E 202 -10.70 -43.10 8.82
CA ILE E 202 -10.65 -44.39 9.48
C ILE E 202 -10.08 -44.29 10.89
N ARG E 203 -9.05 -43.50 11.10
CA ARG E 203 -8.40 -43.41 12.41
C ARG E 203 -9.26 -42.78 13.52
N PRO E 204 -10.06 -41.71 13.29
CA PRO E 204 -10.99 -41.30 14.36
C PRO E 204 -12.14 -42.27 14.61
N CYS E 205 -12.30 -43.31 13.80
CA CYS E 205 -13.16 -44.43 14.14
C CYS E 205 -12.45 -45.48 15.00
N PHE E 206 -11.13 -45.40 15.13
CA PHE E 206 -10.35 -46.40 15.83
C PHE E 206 -9.62 -45.87 17.06
N THR E 207 -8.96 -44.71 16.96
CA THR E 207 -8.29 -44.10 18.11
C THR E 207 -9.17 -42.98 18.65
N GLN E 208 -10.10 -43.35 19.52
CA GLN E 208 -10.91 -42.40 20.25
C GLN E 208 -10.72 -42.66 21.73
N ALA E 209 -10.78 -41.58 22.52
CA ALA E 209 -10.53 -41.39 23.94
C ALA E 209 -9.06 -41.43 24.27
N ALA E 210 -8.20 -41.87 23.36
CA ALA E 210 -6.80 -41.45 23.41
C ALA E 210 -6.68 -40.05 22.86
N PHE E 211 -7.48 -39.75 21.83
CA PHE E 211 -7.61 -38.40 21.33
C PHE E 211 -8.14 -37.43 22.38
N LEU E 212 -9.04 -37.91 23.23
CA LEU E 212 -9.59 -37.04 24.26
C LEU E 212 -8.63 -36.89 25.43
N LYS E 213 -7.84 -37.92 25.72
CA LYS E 213 -6.81 -37.79 26.75
C LYS E 213 -5.64 -36.93 26.28
N THR E 214 -5.30 -37.03 25.00
CA THR E 214 -4.21 -36.22 24.46
C THR E 214 -4.63 -34.77 24.34
N LYS E 215 -5.91 -34.52 24.09
CA LYS E 215 -6.40 -33.15 24.08
C LYS E 215 -6.40 -32.54 25.47
N TYR E 216 -6.79 -33.30 26.49
CA TYR E 216 -6.70 -32.78 27.85
C TYR E 216 -5.25 -32.57 28.26
N TRP E 217 -4.35 -33.42 27.77
CA TRP E 217 -2.93 -33.26 28.06
C TRP E 217 -2.38 -31.99 27.43
N SER E 218 -2.80 -31.66 26.21
CA SER E 218 -2.32 -30.46 25.54
C SER E 218 -2.86 -29.20 26.20
N HIS E 219 -4.13 -29.21 26.60
CA HIS E 219 -4.69 -28.07 27.32
C HIS E 219 -4.06 -27.92 28.69
N TYR E 220 -3.70 -29.03 29.33
CA TYR E 220 -3.08 -28.94 30.65
C TYR E 220 -1.70 -28.31 30.60
N ILE E 221 -0.97 -28.52 29.51
CA ILE E 221 0.36 -27.94 29.37
C ILE E 221 0.28 -26.44 29.19
N ASP E 222 -0.60 -25.96 28.30
CA ASP E 222 -0.74 -24.53 28.10
C ASP E 222 -1.26 -23.81 29.34
N ILE E 223 -2.08 -24.48 30.13
CA ILE E 223 -2.55 -23.89 31.38
C ILE E 223 -1.43 -23.86 32.41
N GLU E 224 -0.65 -24.93 32.51
CA GLU E 224 0.41 -25.00 33.52
C GLU E 224 1.54 -24.02 33.23
N ARG E 225 1.87 -23.79 31.96
CA ARG E 225 2.89 -22.82 31.61
C ARG E 225 2.44 -21.40 31.92
N LYS E 226 1.22 -21.05 31.52
CA LYS E 226 0.72 -19.70 31.79
C LYS E 226 0.55 -19.45 33.28
N MET E 227 -0.02 -20.40 34.02
CA MET E 227 -0.25 -20.17 35.44
C MET E 227 1.05 -20.12 36.23
N PHE E 228 2.08 -20.81 35.77
CA PHE E 228 3.40 -20.66 36.39
C PHE E 228 3.99 -19.29 36.11
N ASP E 229 3.71 -18.71 34.93
CA ASP E 229 4.24 -17.38 34.62
C ASP E 229 3.62 -16.30 35.50
N GLU E 230 2.30 -16.28 35.61
CA GLU E 230 1.69 -15.27 36.45
C GLU E 230 1.88 -15.53 37.94
N THR E 231 2.19 -16.76 38.35
CA THR E 231 2.46 -16.98 39.76
C THR E 231 3.86 -16.48 40.12
N CYS E 232 4.82 -16.65 39.20
CA CYS E 232 6.14 -16.05 39.39
C CYS E 232 6.06 -14.53 39.44
N LYS E 233 5.18 -13.94 38.64
CA LYS E 233 5.06 -12.48 38.63
C LYS E 233 4.44 -11.94 39.91
N GLU E 234 3.48 -12.65 40.50
CA GLU E 234 2.90 -12.15 41.73
C GLU E 234 3.82 -12.40 42.93
N HIS E 235 4.60 -13.47 42.92
CA HIS E 235 5.63 -13.64 43.94
C HIS E 235 6.81 -12.70 43.73
N ALA E 236 7.01 -12.19 42.52
CA ALA E 236 7.99 -11.14 42.33
C ALA E 236 7.49 -9.83 42.91
N LYS E 237 6.22 -9.48 42.66
CA LYS E 237 5.68 -8.19 43.06
C LYS E 237 5.63 -8.02 44.57
N SER E 238 5.51 -9.12 45.32
CA SER E 238 5.64 -9.05 46.76
C SER E 238 7.03 -8.61 47.18
N PHE E 239 8.06 -9.31 46.69
CA PHE E 239 9.42 -9.03 47.13
C PHE E 239 9.99 -7.78 46.47
N ALA E 240 9.52 -7.43 45.28
CA ALA E 240 10.01 -6.22 44.64
C ALA E 240 9.46 -4.97 45.32
N LYS E 241 8.20 -5.03 45.79
CA LYS E 241 7.65 -3.92 46.56
C LYS E 241 8.40 -3.73 47.87
N VAL E 242 8.88 -4.82 48.48
CA VAL E 242 9.67 -4.71 49.70
C VAL E 242 10.99 -4.00 49.43
N CYS E 243 11.66 -4.36 48.35
CA CYS E 243 12.99 -3.82 48.07
C CYS E 243 12.93 -2.36 47.64
N ILE E 244 11.93 -1.99 46.85
CA ILE E 244 11.84 -0.62 46.35
C ILE E 244 11.48 0.34 47.48
N HIS E 245 10.54 -0.05 48.34
CA HIS E 245 10.15 0.81 49.46
C HIS E 245 11.27 0.98 50.46
N GLN E 246 12.03 -0.08 50.72
CA GLN E 246 13.19 0.01 51.59
C GLN E 246 14.33 0.82 50.99
N TYR E 247 14.42 0.89 49.65
CA TYR E 247 15.42 1.75 49.03
C TYR E 247 15.11 3.22 49.25
N PHE E 248 13.85 3.62 49.05
CA PHE E 248 13.49 5.02 49.22
C PHE E 248 13.35 5.44 50.67
N GLU E 249 13.46 4.52 51.64
CA GLU E 249 13.53 4.93 53.04
C GLU E 249 14.79 5.75 53.31
N ASN E 250 15.89 5.40 52.65
CA ASN E 250 17.14 6.08 52.90
C ASN E 250 17.39 7.19 51.88
N ILE E 251 17.02 6.94 50.62
CA ILE E 251 17.38 7.89 49.58
C ILE E 251 16.46 9.11 49.59
N SER E 252 15.20 8.95 50.00
CA SER E 252 14.37 10.13 50.22
C SER E 252 14.83 10.94 51.41
N GLY E 253 15.57 10.34 52.34
CA GLY E 253 16.27 11.13 53.35
C GLY E 253 17.34 12.02 52.74
N GLU E 254 17.92 11.58 51.62
CA GLU E 254 18.82 12.45 50.86
C GLU E 254 18.05 13.35 49.90
N MET E 255 16.95 12.87 49.32
CA MET E 255 16.15 13.67 48.40
C MET E 255 15.41 14.82 49.08
N GLN E 256 15.42 14.88 50.42
CA GLN E 256 15.03 16.09 51.14
C GLN E 256 15.83 17.29 50.67
N ASN E 257 17.14 17.29 50.93
CA ASN E 257 17.98 18.41 50.54
C ASN E 257 18.26 18.43 49.04
N PHE E 258 18.12 17.29 48.36
CA PHE E 258 18.54 17.21 46.97
C PHE E 258 17.44 17.64 46.00
N HIS E 259 16.18 17.60 46.41
CA HIS E 259 15.08 18.02 45.54
C HIS E 259 14.05 18.86 46.29
N ARG E 260 14.51 19.63 47.27
CA ARG E 260 13.67 20.66 47.87
C ARG E 260 14.51 21.86 48.27
N MET F 7 11.53 -13.46 3.12
CA MET F 7 10.78 -14.24 4.10
C MET F 7 10.55 -13.40 5.36
N PHE F 8 10.14 -12.14 5.16
CA PHE F 8 10.05 -11.19 6.26
C PHE F 8 8.64 -10.93 6.73
N GLN F 9 7.65 -10.95 5.83
CA GLN F 9 6.26 -10.65 6.14
C GLN F 9 5.60 -11.62 7.10
N PHE F 10 6.23 -12.78 7.37
CA PHE F 10 5.55 -13.83 8.12
C PHE F 10 5.43 -13.46 9.59
N LEU F 11 6.56 -13.30 10.27
CA LEU F 11 6.53 -12.81 11.64
C LEU F 11 6.30 -11.31 11.71
N GLN F 12 6.47 -10.58 10.60
CA GLN F 12 6.11 -9.17 10.57
C GLN F 12 4.61 -8.98 10.74
N SER F 13 3.82 -9.76 10.00
CA SER F 13 2.38 -9.70 10.16
C SER F 13 1.88 -10.62 11.28
N ASN F 14 2.76 -11.47 11.82
CA ASN F 14 2.37 -12.32 12.94
C ASN F 14 3.45 -12.17 14.02
N GLN F 15 3.31 -11.13 14.83
CA GLN F 15 4.07 -11.00 16.08
C GLN F 15 3.35 -11.70 17.24
N GLU F 16 2.98 -12.96 17.02
CA GLU F 16 2.45 -13.83 18.05
C GLU F 16 3.09 -15.21 18.03
N SER F 17 3.67 -15.63 16.91
CA SER F 17 4.30 -16.93 16.76
C SER F 17 5.66 -17.03 17.44
N PHE F 18 6.11 -15.95 18.09
CA PHE F 18 7.38 -15.92 18.78
C PHE F 18 7.28 -16.67 20.10
N MET F 19 8.45 -16.97 20.66
CA MET F 19 8.58 -17.29 22.07
C MET F 19 9.64 -16.42 22.72
N ASN F 20 10.49 -15.76 21.93
CA ASN F 20 11.24 -14.57 22.33
C ASN F 20 11.26 -13.64 21.13
N GLY F 21 11.24 -12.34 21.41
CA GLY F 21 11.06 -11.35 20.38
C GLY F 21 12.34 -10.82 19.79
N ILE F 22 13.34 -10.58 20.63
CA ILE F 22 14.59 -10.01 20.17
C ILE F 22 15.38 -11.01 19.31
N CYS F 23 15.19 -12.32 19.53
CA CYS F 23 15.90 -13.29 18.71
C CYS F 23 15.30 -13.42 17.33
N GLY F 24 13.98 -13.27 17.21
CA GLY F 24 13.37 -13.25 15.90
C GLY F 24 13.68 -11.99 15.12
N ILE F 25 13.83 -10.86 15.82
CA ILE F 25 14.19 -9.63 15.15
C ILE F 25 15.64 -9.68 14.67
N MET F 26 16.53 -10.22 15.49
CA MET F 26 17.94 -10.22 15.09
C MET F 26 18.23 -11.24 14.00
N ALA F 27 17.47 -12.33 13.92
CA ALA F 27 17.63 -13.24 12.79
C ALA F 27 17.12 -12.62 11.51
N LEU F 28 16.02 -11.88 11.60
CA LEU F 28 15.54 -11.07 10.48
C LEU F 28 16.55 -10.00 10.09
N ALA F 29 17.18 -9.35 11.07
CA ALA F 29 18.14 -8.31 10.77
C ALA F 29 19.45 -8.88 10.23
N SER F 30 19.79 -10.11 10.62
CA SER F 30 21.00 -10.75 10.12
C SER F 30 20.90 -11.06 8.65
N ALA F 31 19.75 -11.56 8.21
CA ALA F 31 19.58 -11.91 6.81
C ALA F 31 19.32 -10.70 5.95
N GLN F 32 18.71 -9.66 6.50
CA GLN F 32 18.53 -8.42 5.76
C GLN F 32 19.84 -7.67 5.61
N MET F 33 20.72 -7.78 6.59
CA MET F 33 22.04 -7.19 6.47
C MET F 33 22.90 -7.93 5.47
N TYR F 34 22.64 -9.22 5.26
CA TYR F 34 23.34 -9.93 4.20
C TYR F 34 22.90 -9.43 2.82
N SER F 35 21.62 -9.11 2.68
CA SER F 35 21.13 -8.61 1.40
C SER F 35 21.65 -7.22 1.10
N SER F 36 21.78 -6.38 2.12
CA SER F 36 22.25 -5.03 1.96
C SER F 36 23.76 -4.94 1.79
N PHE F 37 24.49 -5.97 2.19
CA PHE F 37 25.94 -5.94 2.10
C PHE F 37 26.33 -6.17 0.66
N GLU F 38 27.22 -5.35 0.14
CA GLU F 38 27.67 -5.49 -1.24
C GLU F 38 28.97 -6.25 -1.20
N PHE F 39 28.91 -7.52 -1.60
CA PHE F 39 30.06 -8.41 -1.63
C PHE F 39 31.05 -7.92 -2.65
N SER F 40 32.27 -7.63 -2.22
CA SER F 40 33.29 -7.09 -3.11
C SER F 40 34.56 -7.90 -2.95
N CYS F 41 34.60 -9.04 -3.64
CA CYS F 41 35.78 -9.89 -3.63
C CYS F 41 36.96 -9.13 -4.22
N PRO F 42 38.15 -9.21 -3.62
CA PRO F 42 39.30 -8.45 -4.14
C PRO F 42 39.73 -8.88 -5.52
N CYS F 43 39.51 -10.16 -5.85
CA CYS F 43 39.96 -10.82 -7.08
C CYS F 43 41.47 -10.70 -7.26
N MET F 44 42.19 -10.96 -6.17
CA MET F 44 43.62 -11.04 -6.06
C MET F 44 43.96 -12.29 -5.28
N PRO F 45 44.97 -13.06 -5.68
CA PRO F 45 45.23 -14.35 -5.04
C PRO F 45 45.82 -14.27 -3.64
N GLU F 46 46.16 -13.09 -3.15
CA GLU F 46 46.67 -12.94 -1.79
C GLU F 46 45.57 -12.71 -0.78
N TYR F 47 44.45 -12.18 -1.23
CA TYR F 47 43.46 -11.59 -0.36
C TYR F 47 42.09 -12.25 -0.51
N ASN F 48 41.92 -13.15 -1.48
CA ASN F 48 40.61 -13.74 -1.74
C ASN F 48 40.18 -14.67 -0.62
N TYR F 49 41.11 -15.44 -0.09
CA TYR F 49 40.79 -16.39 0.96
C TYR F 49 40.37 -15.67 2.24
N THR F 50 41.11 -14.64 2.64
CA THR F 50 40.79 -13.98 3.89
C THR F 50 39.54 -13.13 3.78
N TYR F 51 39.24 -12.62 2.59
CA TYR F 51 38.00 -11.90 2.41
C TYR F 51 36.81 -12.86 2.42
N GLY F 52 36.91 -13.97 1.69
CA GLY F 52 35.79 -14.89 1.60
C GLY F 52 35.53 -15.65 2.88
N ILE F 53 36.59 -16.05 3.58
CA ILE F 53 36.40 -16.76 4.83
C ILE F 53 36.16 -15.78 5.97
N GLY F 54 36.68 -14.57 5.87
CA GLY F 54 36.39 -13.55 6.88
C GLY F 54 34.95 -13.11 6.88
N LEU F 55 34.30 -13.09 5.73
CA LEU F 55 32.87 -12.79 5.71
C LEU F 55 32.01 -13.94 6.18
N LEU F 56 32.58 -15.10 6.38
CA LEU F 56 31.87 -16.21 6.95
C LEU F 56 32.12 -16.34 8.44
N ILE F 57 33.20 -15.73 8.95
CA ILE F 57 33.60 -15.87 10.35
C ILE F 57 33.33 -14.61 11.16
N ILE F 58 33.75 -13.45 10.67
CA ILE F 58 33.72 -12.21 11.44
C ILE F 58 32.31 -11.67 11.68
N PRO F 59 31.39 -11.60 10.71
CA PRO F 59 30.03 -11.15 11.05
C PRO F 59 29.27 -12.06 11.99
N PRO F 60 29.43 -13.41 11.99
CA PRO F 60 28.84 -14.17 13.08
C PRO F 60 29.37 -13.87 14.47
N ILE F 61 30.65 -13.56 14.62
CA ILE F 61 31.20 -13.16 15.92
C ILE F 61 30.56 -11.85 16.36
N TRP F 62 30.36 -10.93 15.42
CA TRP F 62 29.76 -9.64 15.76
C TRP F 62 28.28 -9.77 16.11
N PHE F 63 27.53 -10.60 15.39
CA PHE F 63 26.13 -10.85 15.74
C PHE F 63 26.00 -11.58 17.07
N PHE F 64 27.00 -12.37 17.44
CA PHE F 64 26.97 -13.04 18.73
C PHE F 64 27.19 -12.06 19.88
N LEU F 65 28.17 -11.16 19.74
CA LEU F 65 28.40 -10.13 20.75
C LEU F 65 27.25 -9.17 20.84
N LEU F 66 26.60 -8.89 19.71
CA LEU F 66 25.45 -8.00 19.70
C LEU F 66 24.26 -8.62 20.42
N GLY F 67 24.19 -9.94 20.47
CA GLY F 67 23.17 -10.57 21.29
C GLY F 67 23.42 -10.42 22.77
N PHE F 68 24.69 -10.39 23.18
CA PHE F 68 25.03 -10.11 24.58
C PHE F 68 24.82 -8.66 24.95
N VAL F 69 25.07 -7.73 24.04
CA VAL F 69 24.92 -6.32 24.33
C VAL F 69 23.45 -5.94 24.43
N LEU F 70 22.61 -6.51 23.58
CA LEU F 70 21.19 -6.17 23.60
C LEU F 70 20.41 -6.89 24.69
N ASN F 71 20.97 -7.92 25.32
CA ASN F 71 20.29 -8.62 26.38
C ASN F 71 20.46 -7.87 27.68
N ASN F 72 19.36 -7.53 28.34
CA ASN F 72 19.38 -6.70 29.52
C ASN F 72 19.59 -7.48 30.82
N ASN F 73 19.93 -8.76 30.74
CA ASN F 73 20.23 -9.55 31.93
C ASN F 73 21.70 -9.85 32.06
N VAL F 74 22.54 -9.36 31.15
CA VAL F 74 23.96 -9.69 31.25
C VAL F 74 24.67 -8.83 32.26
N SER F 75 24.12 -7.67 32.60
CA SER F 75 24.71 -6.84 33.64
C SER F 75 24.37 -7.38 35.01
N VAL F 76 23.16 -7.93 35.16
CA VAL F 76 22.73 -8.48 36.44
C VAL F 76 23.47 -9.79 36.71
N LEU F 77 23.71 -10.56 35.66
CA LEU F 77 24.52 -11.77 35.76
C LEU F 77 25.99 -11.44 36.03
N ALA F 78 26.51 -10.38 35.41
CA ALA F 78 27.88 -9.99 35.69
C ALA F 78 28.04 -9.44 37.10
N GLU F 79 26.99 -8.81 37.62
CA GLU F 79 26.97 -8.37 39.01
C GLU F 79 27.08 -9.55 39.97
N GLU F 80 26.33 -10.61 39.70
CA GLU F 80 26.34 -11.78 40.59
C GLU F 80 27.64 -12.55 40.53
N TRP F 81 28.28 -12.61 39.36
CA TRP F 81 29.53 -13.36 39.27
C TRP F 81 30.69 -12.60 39.87
N LYS F 82 30.63 -11.26 39.88
CA LYS F 82 31.70 -10.47 40.45
C LYS F 82 31.72 -10.56 41.98
N ARG F 83 30.55 -10.75 42.58
CA ARG F 83 30.43 -10.80 44.03
C ARG F 83 31.00 -12.10 44.58
N PRO F 84 31.61 -12.06 45.78
CA PRO F 84 32.29 -13.26 46.30
C PRO F 84 31.31 -14.34 46.73
N THR F 85 31.86 -15.55 46.87
CA THR F 85 31.08 -16.70 47.30
C THR F 85 30.68 -16.56 48.77
N GLY F 86 29.39 -16.73 49.04
CA GLY F 86 28.84 -16.46 50.35
C GLY F 86 28.00 -15.20 50.28
N ARG F 87 28.51 -14.20 49.56
CA ARG F 87 27.72 -13.01 49.29
C ARG F 87 26.71 -13.27 48.19
N ARG F 88 26.99 -14.23 47.30
CA ARG F 88 26.12 -14.56 46.18
C ARG F 88 24.79 -15.10 46.67
N THR F 89 23.70 -14.46 46.23
CA THR F 89 22.37 -14.90 46.61
C THR F 89 21.85 -16.03 45.74
N LYS F 90 22.61 -16.46 44.74
CA LYS F 90 22.16 -17.46 43.79
C LYS F 90 23.03 -18.71 43.86
N ASP F 91 22.43 -19.84 43.52
CA ASP F 91 23.18 -21.06 43.37
C ASP F 91 24.02 -20.97 42.10
N PRO F 92 25.17 -21.66 42.06
CA PRO F 92 25.97 -21.67 40.82
C PRO F 92 25.32 -22.38 39.65
N SER F 93 24.35 -23.26 39.89
CA SER F 93 23.64 -23.87 38.77
C SER F 93 22.65 -22.91 38.13
N VAL F 94 22.09 -21.98 38.91
CA VAL F 94 21.18 -20.98 38.36
C VAL F 94 21.94 -19.96 37.54
N LEU F 95 23.16 -19.63 37.95
CA LEU F 95 24.00 -18.73 37.16
C LEU F 95 24.47 -19.40 35.88
N ARG F 96 24.83 -20.68 35.96
CA ARG F 96 25.23 -21.40 34.75
C ARG F 96 24.06 -21.59 33.80
N TYR F 97 22.85 -21.79 34.33
CA TYR F 97 21.71 -21.96 33.46
C TYR F 97 21.35 -20.66 32.78
N MET F 98 21.50 -19.56 33.49
CA MET F 98 21.20 -18.24 32.98
C MET F 98 22.14 -17.84 31.85
N LEU F 99 23.43 -18.11 32.03
CA LEU F 99 24.42 -17.85 31.00
C LEU F 99 24.18 -18.72 29.78
N CYS F 100 23.77 -19.97 29.98
CA CYS F 100 23.48 -20.86 28.87
C CYS F 100 22.23 -20.42 28.12
N SER F 101 21.26 -19.81 28.80
CA SER F 101 20.07 -19.30 28.14
C SER F 101 20.38 -18.10 27.25
N ILE F 102 21.21 -17.19 27.73
CA ILE F 102 21.59 -16.02 26.93
C ILE F 102 22.44 -16.43 25.75
N THR F 103 23.33 -17.40 25.93
CA THR F 103 24.22 -17.86 24.88
C THR F 103 23.46 -18.54 23.76
N GLN F 104 22.46 -19.35 24.10
CA GLN F 104 21.71 -20.07 23.07
C GLN F 104 20.83 -19.17 22.24
N ARG F 105 20.28 -18.10 22.82
CA ARG F 105 19.53 -17.17 22.00
C ARG F 105 20.42 -16.24 21.20
N SER F 106 21.68 -16.08 21.61
CA SER F 106 22.60 -15.22 20.90
C SER F 106 23.25 -15.91 19.72
N LEU F 107 22.96 -17.18 19.49
CA LEU F 107 23.52 -17.94 18.39
C LEU F 107 22.58 -18.07 17.21
N ILE F 108 21.42 -17.44 17.25
CA ILE F 108 20.46 -17.56 16.16
C ILE F 108 20.88 -16.71 14.97
N ALA F 109 21.14 -15.44 15.19
CA ALA F 109 21.64 -14.52 14.17
C ALA F 109 23.01 -14.91 13.59
N PRO F 110 23.98 -15.45 14.35
CA PRO F 110 25.15 -16.05 13.69
C PRO F 110 24.82 -17.22 12.78
N ALA F 111 23.88 -18.06 13.18
CA ALA F 111 23.52 -19.22 12.37
C ALA F 111 22.76 -18.81 11.12
N VAL F 112 21.96 -17.75 11.21
CA VAL F 112 21.27 -17.22 10.03
C VAL F 112 22.27 -16.64 9.04
N TRP F 113 23.30 -15.96 9.53
CA TRP F 113 24.33 -15.40 8.66
C TRP F 113 25.09 -16.49 7.91
N VAL F 114 25.54 -17.52 8.63
CA VAL F 114 26.32 -18.60 8.01
C VAL F 114 25.50 -19.33 6.97
N SER F 115 24.21 -19.48 7.21
CA SER F 115 23.36 -20.20 6.28
C SER F 115 23.06 -19.40 5.02
N VAL F 116 22.75 -18.10 5.13
CA VAL F 116 22.54 -17.31 3.92
C VAL F 116 23.84 -17.13 3.15
N THR F 117 24.97 -17.15 3.82
CA THR F 117 26.24 -16.98 3.15
C THR F 117 26.62 -18.23 2.37
N LEU F 118 26.33 -19.41 2.92
CA LEU F 118 26.61 -20.64 2.23
C LEU F 118 25.60 -20.94 1.13
N MET F 119 24.35 -20.54 1.30
CA MET F 119 23.38 -20.74 0.23
C MET F 119 23.59 -19.78 -0.93
N ASP F 120 24.13 -18.60 -0.66
CA ASP F 120 24.41 -17.66 -1.73
C ASP F 120 25.63 -18.09 -2.52
N GLY F 121 26.65 -18.61 -1.87
CA GLY F 121 27.77 -19.18 -2.57
C GLY F 121 28.92 -18.26 -2.88
N LYS F 122 28.83 -16.96 -2.56
CA LYS F 122 29.86 -16.01 -2.93
C LYS F 122 31.11 -16.09 -2.07
N SER F 123 30.98 -16.46 -0.79
CA SER F 123 32.15 -16.62 0.06
C SER F 123 33.01 -17.79 -0.35
N PHE F 124 32.38 -18.88 -0.81
CA PHE F 124 33.19 -19.98 -1.32
C PHE F 124 33.75 -19.66 -2.68
N LEU F 125 33.04 -18.89 -3.49
CA LEU F 125 33.54 -18.53 -4.80
C LEU F 125 34.76 -17.64 -4.69
N CYS F 126 34.75 -16.72 -3.74
CA CYS F 126 35.90 -15.86 -3.54
C CYS F 126 37.06 -16.64 -2.93
N ALA F 127 36.80 -17.43 -1.90
CA ALA F 127 37.88 -18.07 -1.16
C ALA F 127 38.53 -19.24 -1.90
N PHE F 128 37.83 -19.92 -2.81
CA PHE F 128 38.30 -21.20 -3.32
C PHE F 128 38.48 -21.21 -4.83
N SER F 129 38.47 -20.06 -5.48
CA SER F 129 38.61 -20.05 -6.92
C SER F 129 40.05 -20.23 -7.38
N ILE F 130 41.04 -19.97 -6.51
CA ILE F 130 42.41 -20.30 -6.87
C ILE F 130 42.73 -21.75 -6.61
N ASN F 131 41.85 -22.48 -5.96
CA ASN F 131 42.00 -23.91 -5.72
C ASN F 131 41.36 -24.73 -6.81
N LEU F 132 40.86 -24.11 -7.87
CA LEU F 132 40.21 -24.85 -8.93
C LEU F 132 41.21 -25.55 -9.81
N ASP F 133 40.71 -26.52 -10.54
CA ASP F 133 41.44 -27.27 -11.55
C ASP F 133 40.73 -26.95 -12.86
N ILE F 134 41.25 -25.98 -13.60
CA ILE F 134 40.42 -25.30 -14.60
C ILE F 134 40.22 -26.11 -15.86
N GLU F 135 40.87 -27.26 -15.98
CA GLU F 135 40.67 -28.15 -17.14
C GLU F 135 39.33 -28.86 -17.10
N LYS F 136 38.60 -28.78 -15.99
CA LYS F 136 37.28 -29.38 -15.87
C LYS F 136 36.17 -28.49 -16.37
N PHE F 137 36.47 -27.30 -16.89
CA PHE F 137 35.50 -26.24 -17.04
C PHE F 137 35.44 -25.63 -18.43
N GLY F 138 36.48 -25.78 -19.25
CA GLY F 138 36.48 -25.16 -20.55
C GLY F 138 37.64 -25.58 -21.45
N ASN F 139 38.25 -24.61 -22.13
CA ASN F 139 39.47 -24.86 -22.88
C ASN F 139 40.59 -25.32 -21.96
N ALA F 140 41.43 -26.21 -22.46
CA ALA F 140 42.66 -26.55 -21.77
C ALA F 140 43.78 -25.57 -22.09
N SER F 141 43.63 -24.81 -23.18
CA SER F 141 44.63 -23.87 -23.64
C SER F 141 44.59 -22.53 -22.91
N LEU F 142 43.82 -22.44 -21.83
CA LEU F 142 43.81 -21.20 -21.05
C LEU F 142 45.08 -21.04 -20.25
N VAL F 143 45.36 -21.99 -19.36
CA VAL F 143 46.45 -21.86 -18.40
C VAL F 143 47.74 -22.48 -18.89
N ILE F 144 47.87 -22.77 -20.17
CA ILE F 144 49.18 -23.05 -20.74
C ILE F 144 49.75 -21.73 -21.23
N GLY F 145 51.07 -21.63 -21.27
CA GLY F 145 51.72 -20.37 -21.56
C GLY F 145 51.75 -19.39 -20.41
N MET F 146 51.20 -19.75 -19.26
CA MET F 146 51.23 -18.93 -18.06
C MET F 146 52.22 -19.49 -17.06
N THR F 147 52.69 -18.62 -16.19
CA THR F 147 53.48 -19.01 -15.03
C THR F 147 52.53 -19.55 -13.97
N GLU F 148 53.09 -20.19 -12.94
CA GLU F 148 52.29 -20.55 -11.76
C GLU F 148 51.73 -19.31 -11.08
N THR F 149 52.50 -18.23 -11.05
CA THR F 149 52.04 -16.96 -10.49
C THR F 149 50.92 -16.36 -11.34
N GLU F 150 51.05 -16.45 -12.67
CA GLU F 150 50.09 -15.79 -13.54
C GLU F 150 48.77 -16.54 -13.60
N LYS F 151 48.78 -17.87 -13.46
CA LYS F 151 47.52 -18.59 -13.42
C LYS F 151 46.83 -18.46 -12.08
N LEU F 152 47.56 -18.17 -11.00
CA LEU F 152 46.90 -17.82 -9.75
C LEU F 152 46.19 -16.48 -9.86
N LYS F 153 46.76 -15.53 -10.61
CA LYS F 153 46.06 -14.29 -10.86
C LYS F 153 44.88 -14.49 -11.79
N PHE F 154 44.98 -15.45 -12.70
CA PHE F 154 43.90 -15.74 -13.63
C PHE F 154 42.71 -16.36 -12.92
N LEU F 155 42.96 -17.34 -12.06
CA LEU F 155 41.90 -18.02 -11.31
C LEU F 155 41.30 -17.15 -10.23
N ALA F 156 42.04 -16.16 -9.74
CA ALA F 156 41.52 -15.29 -8.70
C ALA F 156 40.47 -14.33 -9.22
N ARG F 157 40.38 -14.12 -10.53
CA ARG F 157 39.43 -13.18 -11.09
C ARG F 157 38.12 -13.83 -11.49
N ILE F 158 38.00 -15.15 -11.29
CA ILE F 158 36.72 -15.84 -11.52
C ILE F 158 35.52 -15.28 -10.75
N PRO F 159 35.62 -14.86 -9.48
CA PRO F 159 34.43 -14.25 -8.85
C PRO F 159 33.99 -12.91 -9.42
N CYS F 160 34.74 -12.31 -10.33
CA CYS F 160 34.48 -10.99 -10.86
C CYS F 160 34.09 -11.13 -12.33
N LYS F 161 32.85 -10.77 -12.66
CA LYS F 161 32.37 -10.90 -14.04
C LYS F 161 33.09 -9.96 -14.98
N ASP F 162 33.33 -8.74 -14.54
CA ASP F 162 33.94 -7.70 -15.34
C ASP F 162 35.46 -7.70 -15.27
N LEU F 163 36.06 -8.75 -14.72
CA LEU F 163 37.50 -8.92 -14.76
C LEU F 163 37.90 -10.26 -15.35
N PHE F 164 36.93 -11.12 -15.64
CA PHE F 164 37.19 -12.44 -16.20
C PHE F 164 36.46 -12.48 -17.53
N GLU F 165 37.17 -12.84 -18.60
CA GLU F 165 36.62 -12.63 -19.93
C GLU F 165 35.92 -13.85 -20.50
N ASP F 166 36.36 -15.06 -20.15
CA ASP F 166 35.78 -16.27 -20.70
C ASP F 166 34.54 -16.60 -19.89
N ASN F 167 33.37 -16.31 -20.44
CA ASN F 167 32.15 -16.41 -19.66
C ASN F 167 31.74 -17.85 -19.46
N GLU F 168 32.11 -18.73 -20.39
CA GLU F 168 31.75 -20.14 -20.27
C GLU F 168 32.51 -20.82 -19.15
N VAL F 169 33.79 -20.53 -19.01
CA VAL F 169 34.59 -21.09 -17.93
C VAL F 169 34.18 -20.49 -16.60
N ARG F 170 33.81 -19.21 -16.60
CA ARG F 170 33.38 -18.57 -15.37
C ARG F 170 32.05 -19.11 -14.89
N VAL F 171 31.09 -19.33 -15.80
CA VAL F 171 29.78 -19.84 -15.42
C VAL F 171 29.88 -21.28 -14.93
N ALA F 172 30.76 -22.08 -15.55
CA ALA F 172 30.91 -23.47 -15.13
C ALA F 172 31.59 -23.57 -13.77
N ALA F 173 32.60 -22.73 -13.53
CA ALA F 173 33.29 -22.77 -12.24
C ALA F 173 32.45 -22.17 -11.12
N THR F 174 31.61 -21.18 -11.44
CA THR F 174 30.73 -20.61 -10.44
C THR F 174 29.65 -21.59 -10.04
N ARG F 175 29.10 -22.34 -10.99
CA ARG F 175 28.07 -23.32 -10.68
C ARG F 175 28.60 -24.49 -9.87
N TYR F 176 29.84 -24.89 -10.13
CA TYR F 176 30.46 -25.97 -9.38
C TYR F 176 30.71 -25.57 -7.93
N ILE F 177 31.21 -24.37 -7.69
CA ILE F 177 31.51 -23.96 -6.33
C ILE F 177 30.24 -23.59 -5.57
N LYS F 178 29.25 -23.02 -6.23
CA LYS F 178 27.99 -22.71 -5.55
C LYS F 178 27.22 -23.96 -5.18
N CYS F 179 27.36 -25.03 -5.96
CA CYS F 179 26.81 -26.33 -5.59
C CYS F 179 27.43 -26.87 -4.31
N ILE F 180 28.76 -26.81 -4.19
CA ILE F 180 29.44 -27.29 -3.00
C ILE F 180 29.11 -26.41 -1.80
N SER F 181 28.94 -25.13 -2.02
CA SER F 181 28.57 -24.21 -0.94
C SER F 181 27.15 -24.46 -0.47
N GLN F 182 26.23 -24.76 -1.38
CA GLN F 182 24.87 -25.09 -0.99
C GLN F 182 24.80 -26.45 -0.31
N ALA F 183 25.69 -27.37 -0.66
CA ALA F 183 25.76 -28.63 0.05
C ALA F 183 26.25 -28.44 1.47
N CYS F 184 27.25 -27.58 1.67
CA CYS F 184 27.70 -27.26 3.02
C CYS F 184 26.66 -26.46 3.78
N GLY F 185 25.86 -25.67 3.09
CA GLY F 185 24.80 -24.94 3.76
C GLY F 185 23.68 -25.82 4.23
N TRP F 186 23.33 -26.85 3.46
CA TRP F 186 22.33 -27.80 3.90
C TRP F 186 22.84 -28.73 4.97
N MET F 187 24.12 -29.10 4.94
CA MET F 187 24.67 -29.89 6.03
C MET F 187 24.81 -29.07 7.30
N PHE F 188 25.10 -27.78 7.17
CA PHE F 188 25.15 -26.92 8.34
C PHE F 188 23.78 -26.74 8.95
N LEU F 189 22.74 -26.52 8.14
CA LEU F 189 21.39 -26.39 8.66
C LEU F 189 20.92 -27.66 9.33
N LEU F 190 21.31 -28.80 8.80
CA LEU F 190 20.85 -30.07 9.30
C LEU F 190 21.54 -30.45 10.60
N MET F 191 22.82 -30.10 10.74
CA MET F 191 23.53 -30.35 12.00
C MET F 191 23.08 -29.40 13.09
N MET F 192 22.79 -28.15 12.75
CA MET F 192 22.39 -27.22 13.79
C MET F 192 20.95 -27.44 14.22
N THR F 193 20.11 -27.96 13.34
CA THR F 193 18.75 -28.27 13.73
C THR F 193 18.68 -29.58 14.51
N PHE F 194 19.55 -30.52 14.21
CA PHE F 194 19.61 -31.75 14.99
C PHE F 194 20.24 -31.51 16.35
N THR F 195 21.16 -30.55 16.45
CA THR F 195 21.64 -30.10 17.74
C THR F 195 20.54 -29.42 18.53
N ALA F 196 19.72 -28.61 17.86
CA ALA F 196 18.59 -27.97 18.52
C ALA F 196 17.55 -28.99 18.97
N PHE F 197 17.44 -30.11 18.26
CA PHE F 197 16.50 -31.13 18.67
C PHE F 197 16.97 -31.86 19.92
N LEU F 198 18.27 -32.19 19.99
CA LEU F 198 18.79 -32.88 21.15
C LEU F 198 18.85 -31.98 22.38
N ILE F 199 19.03 -30.68 22.19
CA ILE F 199 19.03 -29.78 23.33
C ILE F 199 17.60 -29.59 23.85
N ARG F 200 16.63 -29.45 22.96
CA ARG F 200 15.25 -29.27 23.40
C ARG F 200 14.55 -30.57 23.75
N ALA F 201 15.24 -31.71 23.73
CA ALA F 201 14.65 -32.96 24.19
C ALA F 201 15.34 -33.56 25.39
N ILE F 202 16.66 -33.50 25.45
CA ILE F 202 17.41 -34.14 26.52
C ILE F 202 17.64 -33.20 27.69
N ARG F 203 17.95 -31.94 27.43
CA ARG F 203 18.27 -30.99 28.51
C ARG F 203 17.09 -30.63 29.42
N PRO F 204 15.84 -30.44 28.95
CA PRO F 204 14.74 -30.30 29.93
C PRO F 204 14.39 -31.58 30.69
N CYS F 205 14.98 -32.71 30.34
CA CYS F 205 14.95 -33.89 31.19
C CYS F 205 16.04 -33.87 32.25
N PHE F 206 17.02 -32.99 32.14
CA PHE F 206 18.18 -32.97 33.03
C PHE F 206 18.30 -31.69 33.85
N THR F 207 18.12 -30.52 33.24
CA THR F 207 18.16 -29.25 33.97
C THR F 207 16.72 -28.78 34.20
N GLN F 208 16.12 -29.27 35.28
CA GLN F 208 14.82 -28.79 35.72
C GLN F 208 14.97 -28.30 37.15
N ALA F 209 14.19 -27.27 37.48
CA ALA F 209 14.10 -26.44 38.68
C ALA F 209 15.26 -25.47 38.79
N ALA F 210 16.30 -25.62 37.97
CA ALA F 210 17.16 -24.47 37.65
C ALA F 210 16.46 -23.62 36.62
N PHE F 211 15.76 -24.27 35.68
CA PHE F 211 14.89 -23.58 34.74
C PHE F 211 13.78 -22.81 35.44
N LEU F 212 13.26 -23.36 36.53
CA LEU F 212 12.19 -22.69 37.24
C LEU F 212 12.72 -21.57 38.12
N LYS F 213 13.95 -21.71 38.65
CA LYS F 213 14.55 -20.61 39.39
C LYS F 213 15.02 -19.49 38.47
N THR F 214 15.50 -19.85 37.27
CA THR F 214 15.92 -18.83 36.32
C THR F 214 14.72 -18.10 35.74
N LYS F 215 13.59 -18.78 35.61
CA LYS F 215 12.38 -18.10 35.17
C LYS F 215 11.85 -17.15 36.23
N TYR F 216 11.91 -17.52 37.50
CA TYR F 216 11.51 -16.58 38.55
C TYR F 216 12.48 -15.41 38.63
N TRP F 217 13.76 -15.67 38.36
CA TRP F 217 14.76 -14.60 38.34
C TRP F 217 14.49 -13.61 37.22
N SER F 218 14.09 -14.09 36.04
CA SER F 218 13.81 -13.21 34.91
C SER F 218 12.55 -12.40 35.14
N HIS F 219 11.51 -13.01 35.70
CA HIS F 219 10.30 -12.25 36.03
C HIS F 219 10.56 -11.25 37.15
N TYR F 220 11.45 -11.58 38.09
CA TYR F 220 11.73 -10.65 39.17
C TYR F 220 12.44 -9.40 38.68
N ILE F 221 13.27 -9.53 37.65
CA ILE F 221 13.99 -8.38 37.11
C ILE F 221 13.04 -7.43 36.40
N ASP F 222 12.15 -7.95 35.54
CA ASP F 222 11.20 -7.10 34.85
C ASP F 222 10.22 -6.43 35.80
N ILE F 223 9.88 -7.10 36.92
CA ILE F 223 9.02 -6.47 37.91
C ILE F 223 9.77 -5.40 38.68
N GLU F 224 11.03 -5.66 39.04
CA GLU F 224 11.79 -4.69 39.84
C GLU F 224 12.13 -3.43 39.04
N ARG F 225 12.38 -3.57 37.73
CA ARG F 225 12.64 -2.39 36.90
C ARG F 225 11.40 -1.54 36.74
N LYS F 226 10.26 -2.17 36.44
CA LYS F 226 9.03 -1.41 36.27
C LYS F 226 8.57 -0.77 37.56
N MET F 227 8.62 -1.49 38.67
CA MET F 227 8.14 -0.93 39.93
C MET F 227 9.06 0.17 40.45
N PHE F 228 10.34 0.12 40.12
CA PHE F 228 11.21 1.24 40.44
C PHE F 228 10.89 2.47 39.58
N ASP F 229 10.44 2.26 38.33
CA ASP F 229 10.10 3.41 37.48
C ASP F 229 8.86 4.13 37.99
N GLU F 230 7.78 3.40 38.28
CA GLU F 230 6.60 4.08 38.78
C GLU F 230 6.75 4.58 40.21
N THR F 231 7.68 4.04 40.99
CA THR F 231 7.88 4.60 42.32
C THR F 231 8.65 5.90 42.26
N CYS F 232 9.61 6.01 41.33
CA CYS F 232 10.27 7.29 41.09
C CYS F 232 9.28 8.33 40.60
N LYS F 233 8.31 7.92 39.77
CA LYS F 233 7.35 8.89 39.25
C LYS F 233 6.38 9.39 40.33
N GLU F 234 5.99 8.53 41.27
CA GLU F 234 5.09 9.02 42.31
C GLU F 234 5.84 9.84 43.36
N HIS F 235 7.11 9.53 43.62
CA HIS F 235 7.91 10.41 44.46
C HIS F 235 8.30 11.71 43.76
N ALA F 236 8.27 11.72 42.43
CA ALA F 236 8.43 12.99 41.71
C ALA F 236 7.18 13.84 41.84
N LYS F 237 6.00 13.23 41.67
CA LYS F 237 4.74 13.98 41.66
C LYS F 237 4.44 14.64 42.99
N SER F 238 4.93 14.07 44.10
CA SER F 238 4.83 14.75 45.39
C SER F 238 5.62 16.06 45.38
N PHE F 239 6.91 15.98 45.04
CA PHE F 239 7.77 17.16 45.13
C PHE F 239 7.54 18.13 43.99
N ALA F 240 7.08 17.64 42.84
CA ALA F 240 6.80 18.55 41.74
C ALA F 240 5.54 19.35 41.98
N LYS F 241 4.53 18.74 42.63
CA LYS F 241 3.34 19.50 43.02
C LYS F 241 3.68 20.58 44.04
N VAL F 242 4.65 20.33 44.92
CA VAL F 242 5.06 21.33 45.88
C VAL F 242 5.71 22.53 45.18
N CYS F 243 6.58 22.25 44.20
CA CYS F 243 7.33 23.32 43.55
C CYS F 243 6.45 24.16 42.64
N ILE F 244 5.52 23.53 41.93
CA ILE F 244 4.68 24.25 40.98
C ILE F 244 3.69 25.16 41.71
N HIS F 245 3.10 24.65 42.80
CA HIS F 245 2.14 25.44 43.57
C HIS F 245 2.82 26.61 44.25
N GLN F 246 4.03 26.41 44.76
CA GLN F 246 4.79 27.49 45.37
C GLN F 246 5.26 28.52 44.34
N TYR F 247 5.44 28.11 43.08
CA TYR F 247 5.79 29.08 42.03
C TYR F 247 4.62 30.02 41.75
N PHE F 248 3.42 29.48 41.61
CA PHE F 248 2.25 30.31 41.31
C PHE F 248 1.73 31.08 42.51
N GLU F 249 2.27 30.87 43.71
CA GLU F 249 1.93 31.74 44.84
C GLU F 249 2.40 33.16 44.60
N ASN F 250 3.54 33.32 43.95
CA ASN F 250 4.10 34.65 43.74
C ASN F 250 3.74 35.19 42.36
N ILE F 251 3.72 34.32 41.35
CA ILE F 251 3.56 34.80 40.00
C ILE F 251 2.09 35.12 39.69
N SER F 252 1.14 34.42 40.33
CA SER F 252 -0.25 34.84 40.23
C SER F 252 -0.51 36.15 40.96
N GLY F 253 0.34 36.51 41.91
CA GLY F 253 0.30 37.87 42.44
C GLY F 253 0.68 38.91 41.39
N GLU F 254 1.54 38.52 40.45
CA GLU F 254 1.80 39.37 39.29
C GLU F 254 0.76 39.19 38.20
N MET F 255 0.23 37.98 38.00
CA MET F 255 -0.79 37.71 36.99
C MET F 255 -2.13 38.36 37.31
N GLN F 256 -2.31 38.90 38.51
CA GLN F 256 -3.42 39.80 38.80
C GLN F 256 -3.47 40.96 37.81
N ASN F 257 -2.46 41.83 37.85
CA ASN F 257 -2.44 42.97 36.95
C ASN F 257 -2.06 42.60 35.53
N PHE F 258 -1.41 41.44 35.34
CA PHE F 258 -0.87 41.10 34.02
C PHE F 258 -1.88 40.39 33.14
N HIS F 259 -2.91 39.76 33.72
CA HIS F 259 -3.94 39.08 32.94
C HIS F 259 -5.34 39.35 33.47
N ARG F 260 -5.56 40.53 34.03
CA ARG F 260 -6.91 40.99 34.32
C ARG F 260 -7.01 42.50 34.12
N MET G 7 16.90 -1.45 6.01
CA MET G 7 16.67 -2.08 7.30
C MET G 7 15.84 -1.15 8.19
N PHE G 8 14.79 -0.58 7.62
CA PHE G 8 14.02 0.46 8.30
C PHE G 8 12.69 -0.02 8.85
N GLN G 9 12.04 -0.98 8.18
CA GLN G 9 10.71 -1.46 8.56
C GLN G 9 10.68 -2.19 9.90
N PHE G 10 11.84 -2.52 10.48
CA PHE G 10 11.86 -3.39 11.66
C PHE G 10 11.38 -2.64 12.88
N LEU G 11 12.11 -1.60 13.29
CA LEU G 11 11.64 -0.74 14.36
C LEU G 11 10.54 0.21 13.92
N GLN G 12 10.35 0.41 12.61
CA GLN G 12 9.21 1.17 12.12
C GLN G 12 7.90 0.47 12.44
N SER G 13 7.83 -0.83 12.16
CA SER G 13 6.64 -1.58 12.51
C SER G 13 6.68 -2.11 13.94
N ASN G 14 7.83 -1.98 14.61
CA ASN G 14 7.92 -2.39 16.02
C ASN G 14 8.56 -1.23 16.79
N GLN G 15 7.73 -0.27 17.18
CA GLN G 15 8.11 0.75 18.16
C GLN G 15 7.84 0.27 19.58
N GLU G 16 8.34 -0.92 19.90
CA GLU G 16 8.34 -1.47 21.25
C GLU G 16 9.69 -2.07 21.64
N SER G 17 10.51 -2.44 20.67
CA SER G 17 11.82 -3.04 20.91
C SER G 17 12.87 -2.03 21.36
N PHE G 18 12.50 -0.77 21.50
CA PHE G 18 13.41 0.27 21.93
C PHE G 18 13.64 0.18 23.43
N MET G 19 14.68 0.88 23.88
CA MET G 19 14.82 1.28 25.27
C MET G 19 15.07 2.77 25.39
N ASN G 20 15.42 3.44 24.29
CA ASN G 20 15.25 4.87 24.10
C ASN G 20 14.83 5.10 22.66
N GLY G 21 13.99 6.10 22.45
CA GLY G 21 13.36 6.30 21.16
C GLY G 21 14.12 7.22 20.24
N ILE G 22 14.67 8.31 20.77
CA ILE G 22 15.37 9.27 19.95
C ILE G 22 16.68 8.71 19.41
N CYS G 23 17.30 7.76 20.10
CA CYS G 23 18.54 7.19 19.60
C CYS G 23 18.30 6.20 18.47
N GLY G 24 17.17 5.49 18.51
CA GLY G 24 16.82 4.64 17.39
C GLY G 24 16.39 5.41 16.17
N ILE G 25 15.75 6.56 16.37
CA ILE G 25 15.36 7.41 15.26
C ILE G 25 16.58 8.05 14.61
N MET G 26 17.53 8.51 15.43
CA MET G 26 18.69 9.19 14.85
C MET G 26 19.66 8.23 14.18
N ALA G 27 19.71 6.98 14.61
CA ALA G 27 20.51 6.00 13.89
C ALA G 27 19.88 5.66 12.55
N LEU G 28 18.56 5.56 12.54
CA LEU G 28 17.81 5.42 11.29
C LEU G 28 18.00 6.62 10.39
N ALA G 29 18.00 7.82 10.96
CA ALA G 29 18.16 9.03 10.15
C ALA G 29 19.59 9.19 9.67
N SER G 30 20.56 8.68 10.42
CA SER G 30 21.96 8.76 10.01
C SER G 30 22.23 7.91 8.78
N ALA G 31 21.68 6.71 8.75
CA ALA G 31 21.91 5.84 7.61
C ALA G 31 21.05 6.20 6.41
N GLN G 32 19.88 6.79 6.63
CA GLN G 32 19.08 7.27 5.52
C GLN G 32 19.68 8.53 4.92
N MET G 33 20.33 9.36 5.73
CA MET G 33 21.03 10.51 5.20
C MET G 33 22.26 10.12 4.42
N TYR G 34 22.86 8.96 4.73
CA TYR G 34 23.96 8.48 3.91
C TYR G 34 23.46 8.05 2.54
N SER G 35 22.27 7.46 2.48
CA SER G 35 21.72 7.03 1.20
C SER G 35 21.32 8.21 0.34
N SER G 36 20.80 9.27 0.95
CA SER G 36 20.37 10.45 0.23
C SER G 36 21.52 11.34 -0.18
N PHE G 37 22.68 11.21 0.45
CA PHE G 37 23.81 12.05 0.13
C PHE G 37 24.43 11.58 -1.17
N GLU G 38 24.68 12.49 -2.08
CA GLU G 38 25.27 12.14 -3.37
C GLU G 38 26.76 12.39 -3.25
N PHE G 39 27.51 11.31 -3.16
CA PHE G 39 28.97 11.35 -3.02
C PHE G 39 29.57 11.90 -4.29
N SER G 40 30.30 12.99 -4.18
CA SER G 40 30.88 13.64 -5.36
C SER G 40 32.35 13.88 -5.11
N CYS G 41 33.15 12.85 -5.33
CA CYS G 41 34.60 12.95 -5.19
C CYS G 41 35.13 13.97 -6.19
N PRO G 42 36.05 14.85 -5.80
CA PRO G 42 36.55 15.86 -6.73
C PRO G 42 37.30 15.30 -7.90
N CYS G 43 37.94 14.14 -7.71
CA CYS G 43 38.82 13.48 -8.67
C CYS G 43 39.97 14.39 -9.10
N MET G 44 40.56 15.05 -8.12
CA MET G 44 41.73 15.89 -8.21
C MET G 44 42.67 15.50 -7.08
N PRO G 45 43.98 15.41 -7.33
CA PRO G 45 44.89 14.90 -6.31
C PRO G 45 45.15 15.84 -5.15
N GLU G 46 44.65 17.06 -5.17
CA GLU G 46 44.82 17.98 -4.06
C GLU G 46 43.71 17.87 -3.05
N TYR G 47 42.55 17.41 -3.49
CA TYR G 47 41.32 17.56 -2.75
C TYR G 47 40.66 16.23 -2.43
N ASN G 48 41.17 15.12 -2.98
CA ASN G 48 40.52 13.83 -2.80
C ASN G 48 40.62 13.33 -1.37
N TYR G 49 41.77 13.55 -0.73
CA TYR G 49 41.98 13.09 0.62
C TYR G 49 41.07 13.82 1.60
N THR G 50 40.99 15.16 1.48
CA THR G 50 40.20 15.90 2.45
C THR G 50 38.71 15.71 2.22
N TYR G 51 38.30 15.45 0.99
CA TYR G 51 36.90 15.14 0.74
C TYR G 51 36.55 13.77 1.29
N GLY G 52 37.37 12.76 1.01
CA GLY G 52 37.05 11.41 1.43
C GLY G 52 37.17 11.21 2.93
N ILE G 53 38.17 11.81 3.55
CA ILE G 53 38.32 11.68 4.99
C ILE G 53 37.41 12.66 5.71
N GLY G 54 37.09 13.80 5.09
CA GLY G 54 36.14 14.72 5.69
C GLY G 54 34.74 14.17 5.76
N LEU G 55 34.33 13.36 4.80
CA LEU G 55 33.04 12.71 4.89
C LEU G 55 33.00 11.57 5.87
N LEU G 56 34.13 11.16 6.39
CA LEU G 56 34.18 10.17 7.42
C LEU G 56 34.30 10.79 8.80
N ILE G 57 34.72 12.06 8.89
CA ILE G 57 34.97 12.73 10.16
C ILE G 57 33.90 13.76 10.48
N ILE G 58 33.59 14.65 9.55
CA ILE G 58 32.73 15.81 9.81
C ILE G 58 31.26 15.43 10.04
N PRO G 59 30.60 14.57 9.27
CA PRO G 59 29.21 14.22 9.62
C PRO G 59 29.07 13.47 10.94
N PRO G 60 30.02 12.62 11.40
CA PRO G 60 29.89 12.13 12.78
C PRO G 60 29.98 13.20 13.86
N ILE G 61 30.78 14.24 13.69
CA ILE G 61 30.82 15.33 14.65
C ILE G 61 29.48 16.06 14.68
N TRP G 62 28.87 16.22 13.51
CA TRP G 62 27.59 16.90 13.45
C TRP G 62 26.45 16.07 14.03
N PHE G 63 26.44 14.75 13.79
CA PHE G 63 25.45 13.88 14.43
C PHE G 63 25.64 13.79 15.92
N PHE G 64 26.87 13.97 16.40
CA PHE G 64 27.12 13.97 17.84
C PHE G 64 26.57 15.23 18.50
N LEU G 65 26.81 16.39 17.89
CA LEU G 65 26.26 17.65 18.41
C LEU G 65 24.76 17.68 18.33
N LEU G 66 24.21 17.06 17.29
CA LEU G 66 22.76 17.00 17.13
C LEU G 66 22.12 16.13 18.20
N GLY G 67 22.85 15.16 18.73
CA GLY G 67 22.35 14.42 19.87
C GLY G 67 22.29 15.25 21.14
N PHE G 68 23.23 16.18 21.31
CA PHE G 68 23.17 17.10 22.44
C PHE G 68 22.09 18.15 22.28
N VAL G 69 21.82 18.61 21.07
CA VAL G 69 20.82 19.63 20.84
C VAL G 69 19.41 19.06 21.03
N LEU G 70 19.19 17.84 20.58
CA LEU G 70 17.87 17.23 20.69
C LEU G 70 17.57 16.67 22.07
N ASN G 71 18.56 16.53 22.94
CA ASN G 71 18.33 16.01 24.27
C ASN G 71 17.88 17.15 25.17
N ASN G 72 16.73 16.97 25.82
CA ASN G 72 16.11 18.03 26.60
C ASN G 72 16.61 18.09 28.04
N ASN G 73 17.66 17.36 28.38
CA ASN G 73 18.24 17.44 29.72
C ASN G 73 19.57 18.16 29.73
N VAL G 74 20.04 18.65 28.59
CA VAL G 74 21.35 19.29 28.57
C VAL G 74 21.27 20.72 29.08
N SER G 75 20.10 21.34 29.06
CA SER G 75 19.95 22.67 29.62
C SER G 75 19.85 22.61 31.13
N VAL G 76 19.22 21.55 31.65
CA VAL G 76 19.08 21.39 33.10
C VAL G 76 20.42 21.01 33.70
N LEU G 77 21.19 20.21 32.98
CA LEU G 77 22.55 19.88 33.39
C LEU G 77 23.48 21.09 33.29
N ALA G 78 23.32 21.91 32.27
CA ALA G 78 24.14 23.11 32.16
C ALA G 78 23.77 24.13 33.23
N GLU G 79 22.50 24.14 33.65
CA GLU G 79 22.08 24.98 34.76
C GLU G 79 22.77 24.57 36.05
N GLU G 80 22.85 23.27 36.32
CA GLU G 80 23.46 22.79 37.55
C GLU G 80 24.97 23.00 37.58
N TRP G 81 25.63 22.89 36.43
CA TRP G 81 27.08 23.07 36.42
C TRP G 81 27.46 24.53 36.53
N LYS G 82 26.61 25.44 36.06
CA LYS G 82 26.92 26.86 36.13
C LYS G 82 26.81 27.38 37.56
N ARG G 83 25.95 26.79 38.37
CA ARG G 83 25.72 27.23 39.73
C ARG G 83 26.90 26.86 40.63
N PRO G 84 27.22 27.70 41.62
CA PRO G 84 28.42 27.46 42.43
C PRO G 84 28.27 26.26 43.37
N THR G 85 29.41 25.80 43.86
CA THR G 85 29.45 24.68 44.79
C THR G 85 28.89 25.10 46.15
N GLY G 86 27.95 24.31 46.65
CA GLY G 86 27.21 24.69 47.84
C GLY G 86 25.79 25.04 47.45
N ARG G 87 25.66 25.78 46.35
CA ARG G 87 24.35 26.04 45.78
C ARG G 87 23.83 24.84 45.02
N ARG G 88 24.73 23.99 44.52
CA ARG G 88 24.37 22.81 43.74
C ARG G 88 23.59 21.82 44.58
N THR G 89 22.40 21.46 44.12
CA THR G 89 21.56 20.50 44.82
C THR G 89 21.94 19.06 44.52
N LYS G 90 22.91 18.84 43.65
CA LYS G 90 23.26 17.50 43.21
C LYS G 90 24.69 17.16 43.59
N ASP G 91 24.94 15.88 43.78
CA ASP G 91 26.29 15.40 43.97
C ASP G 91 27.04 15.48 42.65
N PRO G 92 28.37 15.66 42.68
CA PRO G 92 29.14 15.66 41.43
C PRO G 92 29.17 14.33 40.71
N SER G 93 28.92 13.21 41.40
CA SER G 93 28.86 11.93 40.70
C SER G 93 27.56 11.78 39.91
N VAL G 94 26.48 12.40 40.38
CA VAL G 94 25.21 12.36 39.65
C VAL G 94 25.29 13.22 38.41
N LEU G 95 26.00 14.34 38.48
CA LEU G 95 26.20 15.17 37.30
C LEU G 95 27.12 14.51 36.29
N ARG G 96 28.18 13.84 36.78
CA ARG G 96 29.05 13.10 35.87
C ARG G 96 28.35 11.91 35.24
N TYR G 97 27.46 11.26 35.98
CA TYR G 97 26.76 10.11 35.43
C TYR G 97 25.75 10.56 34.38
N MET G 98 25.13 11.70 34.61
CA MET G 98 24.14 12.27 33.70
C MET G 98 24.77 12.67 32.37
N LEU G 99 25.93 13.33 32.44
CA LEU G 99 26.68 13.71 31.26
C LEU G 99 27.15 12.48 30.48
N CYS G 100 27.56 11.43 31.19
CA CYS G 100 27.99 10.21 30.53
C CYS G 100 26.82 9.49 29.87
N SER G 101 25.62 9.61 30.43
CA SER G 101 24.43 9.00 29.82
C SER G 101 24.05 9.69 28.52
N ILE G 102 24.11 11.02 28.50
CA ILE G 102 23.78 11.77 27.28
C ILE G 102 24.82 11.53 26.21
N THR G 103 26.10 11.45 26.60
CA THR G 103 27.19 11.26 25.66
C THR G 103 27.12 9.89 25.00
N GLN G 104 26.79 8.85 25.76
CA GLN G 104 26.75 7.51 25.19
C GLN G 104 25.60 7.31 24.24
N ARG G 105 24.46 7.95 24.46
CA ARG G 105 23.39 7.85 23.49
C ARG G 105 23.62 8.75 22.28
N SER G 106 24.47 9.76 22.40
CA SER G 106 24.75 10.64 21.30
C SER G 106 25.81 10.09 20.36
N LEU G 107 26.38 8.94 20.66
CA LEU G 107 27.40 8.31 19.85
C LEU G 107 26.86 7.22 18.94
N ILE G 108 25.56 6.99 18.93
CA ILE G 108 25.00 5.92 18.12
C ILE G 108 24.94 6.31 16.65
N ALA G 109 24.35 7.46 16.35
CA ALA G 109 24.31 8.01 15.00
C ALA G 109 25.68 8.34 14.40
N PRO G 110 26.69 8.82 15.15
CA PRO G 110 28.05 8.83 14.58
C PRO G 110 28.60 7.47 14.23
N ALA G 111 28.33 6.46 15.05
CA ALA G 111 28.83 5.12 14.77
C ALA G 111 28.11 4.48 13.59
N VAL G 112 26.83 4.78 13.41
CA VAL G 112 26.11 4.30 12.25
C VAL G 112 26.65 4.94 10.97
N TRP G 113 27.00 6.23 11.01
CA TRP G 113 27.55 6.90 9.85
C TRP G 113 28.90 6.30 9.44
N VAL G 114 29.80 6.10 10.41
CA VAL G 114 31.13 5.58 10.11
C VAL G 114 31.04 4.17 9.56
N SER G 115 30.09 3.38 10.03
CA SER G 115 29.96 2.02 9.56
C SER G 115 29.38 1.93 8.16
N VAL G 116 28.34 2.71 7.84
CA VAL G 116 27.82 2.68 6.47
C VAL G 116 28.81 3.29 5.50
N THR G 117 29.66 4.20 5.95
CA THR G 117 30.63 4.82 5.07
C THR G 117 31.77 3.87 4.75
N LEU G 118 32.19 3.08 5.74
CA LEU G 118 33.24 2.11 5.51
C LEU G 118 32.74 0.88 4.76
N MET G 119 31.48 0.48 4.96
CA MET G 119 30.97 -0.65 4.20
C MET G 119 30.68 -0.29 2.76
N ASP G 120 30.36 0.98 2.49
CA ASP G 120 30.13 1.39 1.12
C ASP G 120 31.43 1.52 0.36
N GLY G 121 32.48 2.01 0.99
CA GLY G 121 33.79 2.01 0.39
C GLY G 121 34.17 3.24 -0.41
N LYS G 122 33.28 4.21 -0.57
CA LYS G 122 33.56 5.36 -1.42
C LYS G 122 34.50 6.37 -0.79
N SER G 123 34.47 6.52 0.54
CA SER G 123 35.40 7.43 1.20
C SER G 123 36.84 6.94 1.12
N PHE G 124 37.06 5.64 1.20
CA PHE G 124 38.41 5.15 1.01
C PHE G 124 38.81 5.18 -0.45
N LEU G 125 37.86 5.01 -1.36
CA LEU G 125 38.19 5.06 -2.77
C LEU G 125 38.59 6.46 -3.19
N CYS G 126 37.92 7.47 -2.65
CA CYS G 126 38.29 8.84 -2.96
C CYS G 126 39.61 9.20 -2.29
N ALA G 127 39.78 8.88 -1.01
CA ALA G 127 40.93 9.35 -0.26
C ALA G 127 42.23 8.63 -0.62
N PHE G 128 42.19 7.40 -1.10
CA PHE G 128 43.39 6.55 -1.17
C PHE G 128 43.71 6.10 -2.58
N SER G 129 43.07 6.66 -3.60
CA SER G 129 43.34 6.20 -4.95
C SER G 129 44.63 6.76 -5.52
N ILE G 130 45.15 7.86 -4.97
CA ILE G 130 46.47 8.32 -5.39
C ILE G 130 47.58 7.57 -4.67
N ASN G 131 47.26 6.78 -3.67
CA ASN G 131 48.21 5.95 -2.95
C ASN G 131 48.34 4.57 -3.55
N LEU G 132 47.67 4.32 -4.68
CA LEU G 132 47.72 3.00 -5.28
C LEU G 132 49.03 2.76 -5.99
N ASP G 133 49.30 1.49 -6.24
CA ASP G 133 50.45 1.02 -7.00
C ASP G 133 49.83 0.33 -8.20
N ILE G 134 49.74 1.04 -9.33
CA ILE G 134 48.78 0.65 -10.36
C ILE G 134 49.25 -0.54 -11.20
N GLU G 135 50.48 -1.00 -10.98
CA GLU G 135 50.97 -2.18 -11.69
C GLU G 135 50.34 -3.47 -11.20
N LYS G 136 49.61 -3.43 -10.09
CA LYS G 136 48.91 -4.59 -9.56
C LYS G 136 47.55 -4.82 -10.18
N PHE G 137 47.14 -3.99 -11.13
CA PHE G 137 45.73 -3.87 -11.51
C PHE G 137 45.47 -4.00 -13.00
N GLY G 138 46.47 -3.81 -13.86
CA GLY G 138 46.24 -3.87 -15.28
C GLY G 138 47.50 -3.82 -16.12
N ASN G 139 47.47 -3.02 -17.20
CA ASN G 139 48.67 -2.76 -17.98
C ASN G 139 49.72 -2.06 -17.14
N ALA G 140 50.98 -2.38 -17.41
CA ALA G 140 52.09 -1.62 -16.84
C ALA G 140 52.41 -0.40 -17.66
N SER G 141 51.95 -0.35 -18.91
CA SER G 141 52.21 0.74 -19.83
C SER G 141 51.30 1.93 -19.64
N LEU G 142 50.51 1.95 -18.56
CA LEU G 142 49.67 3.11 -18.31
C LEU G 142 50.50 4.29 -17.81
N VAL G 143 51.19 4.12 -16.69
CA VAL G 143 51.86 5.23 -16.02
C VAL G 143 53.31 5.39 -16.45
N ILE G 144 53.73 4.77 -17.54
CA ILE G 144 54.99 5.12 -18.16
C ILE G 144 54.70 6.22 -19.18
N GLY G 145 55.68 7.06 -19.45
CA GLY G 145 55.46 8.22 -20.28
C GLY G 145 54.76 9.37 -19.59
N MET G 146 54.42 9.22 -18.31
CA MET G 146 53.82 10.28 -17.51
C MET G 146 54.83 10.85 -16.54
N THR G 147 54.58 12.09 -16.13
CA THR G 147 55.31 12.71 -15.05
C THR G 147 54.78 12.17 -13.73
N GLU G 148 55.49 12.45 -12.63
CA GLU G 148 54.94 12.16 -11.31
C GLU G 148 53.68 12.97 -11.05
N THR G 149 53.63 14.20 -11.52
CA THR G 149 52.43 15.04 -11.41
C THR G 149 51.28 14.46 -12.23
N GLU G 150 51.59 13.97 -13.44
CA GLU G 150 50.53 13.54 -14.33
C GLU G 150 49.95 12.20 -13.91
N LYS G 151 50.75 11.32 -13.30
CA LYS G 151 50.18 10.08 -12.81
C LYS G 151 49.41 10.26 -11.52
N LEU G 152 49.70 11.31 -10.75
CA LEU G 152 48.82 11.64 -9.63
C LEU G 152 47.47 12.12 -10.11
N LYS G 153 47.42 12.85 -11.22
CA LYS G 153 46.14 13.22 -11.81
C LYS G 153 45.44 12.03 -12.40
N PHE G 154 46.21 11.05 -12.90
CA PHE G 154 45.63 9.85 -13.49
C PHE G 154 44.99 8.96 -12.43
N LEU G 155 45.69 8.75 -11.31
CA LEU G 155 45.18 7.93 -10.22
C LEU G 155 44.06 8.60 -9.46
N ALA G 156 43.99 9.93 -9.48
CA ALA G 156 42.94 10.63 -8.77
C ALA G 156 41.59 10.47 -9.42
N ARG G 157 41.54 10.07 -10.69
CA ARG G 157 40.28 9.96 -11.40
C ARG G 157 39.68 8.57 -11.34
N ILE G 158 40.36 7.64 -10.66
CA ILE G 158 39.79 6.29 -10.42
C ILE G 158 38.42 6.28 -9.74
N PRO G 159 38.10 7.12 -8.74
CA PRO G 159 36.74 7.08 -8.19
C PRO G 159 35.64 7.54 -9.14
N CYS G 160 35.97 8.07 -10.31
CA CYS G 160 35.02 8.65 -11.24
C CYS G 160 34.96 7.76 -12.48
N LYS G 161 33.80 7.16 -12.73
CA LYS G 161 33.65 6.25 -13.87
C LYS G 161 33.76 6.99 -15.18
N ASP G 162 33.15 8.16 -15.26
CA ASP G 162 33.09 8.96 -16.47
C ASP G 162 34.29 9.89 -16.63
N LEU G 163 35.33 9.72 -15.84
CA LEU G 163 36.57 10.43 -16.04
C LEU G 163 37.77 9.49 -16.14
N PHE G 164 37.56 8.19 -15.95
CA PHE G 164 38.61 7.21 -16.03
C PHE G 164 38.21 6.24 -17.13
N GLU G 165 39.11 6.01 -18.08
CA GLU G 165 38.69 5.33 -19.30
C GLU G 165 38.94 3.83 -19.27
N ASP G 166 39.98 3.36 -18.58
CA ASP G 166 40.33 1.95 -18.54
C ASP G 166 39.46 1.29 -17.49
N ASN G 167 38.42 0.59 -17.93
CA ASN G 167 37.43 0.08 -16.99
C ASN G 167 37.97 -1.11 -16.21
N GLU G 168 38.89 -1.86 -16.80
CA GLU G 168 39.44 -3.03 -16.13
C GLU G 168 40.33 -2.63 -14.97
N VAL G 169 41.15 -1.60 -15.14
CA VAL G 169 42.00 -1.12 -14.06
C VAL G 169 41.16 -0.43 -13.00
N ARG G 170 40.10 0.25 -13.41
CA ARG G 170 39.24 0.92 -12.45
C ARG G 170 38.46 -0.07 -11.61
N VAL G 171 37.94 -1.14 -12.21
CA VAL G 171 37.18 -2.15 -11.48
C VAL G 171 38.08 -2.92 -10.52
N ALA G 172 39.31 -3.20 -10.94
CA ALA G 172 40.23 -3.93 -10.06
C ALA G 172 40.69 -3.08 -8.88
N ALA G 173 40.94 -1.80 -9.12
CA ALA G 173 41.37 -0.92 -8.03
C ALA G 173 40.22 -0.57 -7.09
N THR G 174 39.00 -0.48 -7.61
CA THR G 174 37.85 -0.23 -6.77
C THR G 174 37.54 -1.42 -5.88
N ARG G 175 37.67 -2.64 -6.40
CA ARG G 175 37.42 -3.82 -5.59
C ARG G 175 38.46 -4.02 -4.50
N TYR G 176 39.70 -3.67 -4.79
CA TYR G 176 40.77 -3.77 -3.80
C TYR G 176 40.56 -2.80 -2.66
N ILE G 177 40.19 -1.56 -2.95
CA ILE G 177 40.03 -0.58 -1.90
C ILE G 177 38.73 -0.78 -1.13
N LYS G 178 37.68 -1.22 -1.79
CA LYS G 178 36.43 -1.48 -1.10
C LYS G 178 36.53 -2.70 -0.18
N CYS G 179 37.37 -3.66 -0.53
CA CYS G 179 37.68 -4.77 0.37
C CYS G 179 38.37 -4.30 1.64
N ILE G 180 39.36 -3.42 1.53
CA ILE G 180 40.06 -2.89 2.70
C ILE G 180 39.14 -2.02 3.53
N SER G 181 38.24 -1.30 2.88
CA SER G 181 37.28 -0.46 3.60
C SER G 181 36.26 -1.29 4.34
N GLN G 182 35.83 -2.40 3.76
CA GLN G 182 34.91 -3.30 4.44
C GLN G 182 35.60 -4.04 5.57
N ALA G 183 36.89 -4.29 5.45
CA ALA G 183 37.64 -4.88 6.55
C ALA G 183 37.76 -3.91 7.71
N CYS G 184 38.00 -2.63 7.43
CA CYS G 184 38.01 -1.62 8.48
C CYS G 184 36.63 -1.40 9.05
N GLY G 185 35.59 -1.57 8.25
CA GLY G 185 34.24 -1.43 8.76
C GLY G 185 33.84 -2.55 9.68
N TRP G 186 34.28 -3.78 9.40
CA TRP G 186 34.00 -4.88 10.31
C TRP G 186 34.86 -4.81 11.55
N MET G 187 36.10 -4.32 11.46
CA MET G 187 36.89 -4.16 12.67
C MET G 187 36.37 -3.01 13.52
N PHE G 188 35.83 -1.96 12.88
CA PHE G 188 35.22 -0.88 13.63
C PHE G 188 33.96 -1.34 14.34
N LEU G 189 33.10 -2.11 13.67
CA LEU G 189 31.89 -2.63 14.31
C LEU G 189 32.22 -3.55 15.46
N LEU G 190 33.28 -4.32 15.32
CA LEU G 190 33.64 -5.32 16.32
C LEU G 190 34.26 -4.67 17.54
N MET G 191 35.05 -3.60 17.36
CA MET G 191 35.61 -2.89 18.49
C MET G 191 34.57 -2.06 19.22
N MET G 192 33.62 -1.48 18.49
CA MET G 192 32.62 -0.67 19.17
C MET G 192 31.58 -1.52 19.86
N THR G 193 31.33 -2.73 19.37
CA THR G 193 30.40 -3.61 20.05
C THR G 193 31.05 -4.27 21.26
N PHE G 194 32.35 -4.54 21.19
CA PHE G 194 33.04 -5.07 22.34
C PHE G 194 33.25 -4.02 23.41
N THR G 195 33.39 -2.75 23.02
CA THR G 195 33.35 -1.65 23.97
C THR G 195 31.98 -1.53 24.61
N ALA G 196 30.92 -1.69 23.83
CA ALA G 196 29.56 -1.67 24.36
C ALA G 196 29.32 -2.84 25.31
N PHE G 197 29.98 -3.97 25.08
CA PHE G 197 29.83 -5.10 25.98
C PHE G 197 30.50 -4.85 27.32
N LEU G 198 31.71 -4.29 27.31
CA LEU G 198 32.42 -4.02 28.55
C LEU G 198 31.78 -2.89 29.34
N ILE G 199 31.16 -1.93 28.66
CA ILE G 199 30.48 -0.86 29.37
C ILE G 199 29.19 -1.38 30.00
N ARG G 200 28.43 -2.20 29.28
CA ARG G 200 27.19 -2.72 29.84
C ARG G 200 27.40 -3.93 30.74
N ALA G 201 28.63 -4.33 31.03
CA ALA G 201 28.86 -5.39 31.99
C ALA G 201 29.64 -4.95 33.21
N ILE G 202 30.64 -4.10 33.04
CA ILE G 202 31.51 -3.70 34.15
C ILE G 202 30.99 -2.44 34.84
N ARG G 203 30.49 -1.47 34.10
CA ARG G 203 30.05 -0.20 34.70
C ARG G 203 28.81 -0.30 35.58
N PRO G 204 27.75 -1.09 35.27
CA PRO G 204 26.70 -1.28 36.28
C PRO G 204 27.11 -2.09 37.50
N CYS G 205 28.31 -2.68 37.51
CA CYS G 205 28.90 -3.21 38.72
C CYS G 205 29.63 -2.15 39.52
N PHE G 206 29.88 -0.98 38.95
CA PHE G 206 30.69 0.06 39.58
C PHE G 206 29.91 1.35 39.85
N THR G 207 29.13 1.84 38.89
CA THR G 207 28.32 3.04 39.10
C THR G 207 26.88 2.60 39.35
N GLN G 208 26.58 2.31 40.61
CA GLN G 208 25.22 2.05 41.04
C GLN G 208 24.88 3.03 42.16
N ALA G 209 23.60 3.40 42.20
CA ALA G 209 22.91 4.41 43.02
C ALA G 209 23.22 5.81 42.58
N ALA G 210 24.22 6.02 41.72
CA ALA G 210 24.23 7.21 40.89
C ALA G 210 23.28 7.02 39.73
N PHE G 211 23.22 5.78 39.22
CA PHE G 211 22.22 5.39 38.24
C PHE G 211 20.82 5.54 38.77
N LEU G 212 20.61 5.26 40.05
CA LEU G 212 19.28 5.37 40.61
C LEU G 212 18.93 6.81 40.93
N LYS G 213 19.92 7.64 41.28
CA LYS G 213 19.65 9.06 41.48
C LYS G 213 19.44 9.78 40.14
N THR G 214 20.16 9.36 39.10
CA THR G 214 19.99 9.97 37.79
C THR G 214 18.66 9.55 37.17
N LYS G 215 18.19 8.34 37.48
CA LYS G 215 16.88 7.94 37.01
C LYS G 215 15.77 8.70 37.72
N TYR G 216 15.90 8.94 39.01
CA TYR G 216 14.91 9.77 39.70
C TYR G 216 14.96 11.20 39.20
N TRP G 217 16.14 11.69 38.84
CA TRP G 217 16.29 13.02 38.28
C TRP G 217 15.60 13.15 36.94
N SER G 218 15.70 12.13 36.09
CA SER G 218 15.08 12.16 34.77
C SER G 218 13.56 12.07 34.88
N HIS G 219 13.05 11.22 35.78
CA HIS G 219 11.61 11.17 35.99
C HIS G 219 11.09 12.45 36.61
N TYR G 220 11.88 13.11 37.46
CA TYR G 220 11.43 14.35 38.07
C TYR G 220 11.28 15.47 37.06
N ILE G 221 12.12 15.46 36.02
CA ILE G 221 12.05 16.51 35.00
C ILE G 221 10.80 16.34 34.15
N ASP G 222 10.52 15.13 33.69
CA ASP G 222 9.32 14.89 32.88
C ASP G 222 8.04 15.15 33.67
N ILE G 223 8.05 14.89 34.98
CA ILE G 223 6.89 15.20 35.81
C ILE G 223 6.75 16.71 36.00
N GLU G 224 7.86 17.41 36.23
CA GLU G 224 7.79 18.84 36.50
C GLU G 224 7.37 19.63 35.26
N ARG G 225 7.80 19.19 34.07
CA ARG G 225 7.38 19.86 32.84
C ARG G 225 5.91 19.67 32.56
N LYS G 226 5.42 18.43 32.70
CA LYS G 226 4.01 18.16 32.44
C LYS G 226 3.13 18.84 33.47
N MET G 227 3.48 18.78 34.75
CA MET G 227 2.63 19.37 35.78
C MET G 227 2.61 20.88 35.70
N PHE G 228 3.70 21.49 35.23
CA PHE G 228 3.67 22.92 34.98
C PHE G 228 2.77 23.28 33.79
N ASP G 229 2.67 22.40 32.79
CA ASP G 229 1.81 22.67 31.64
C ASP G 229 0.33 22.64 32.04
N GLU G 230 -0.10 21.59 32.74
CA GLU G 230 -1.50 21.55 33.13
C GLU G 230 -1.85 22.54 34.23
N THR G 231 -0.86 23.02 35.00
CA THR G 231 -1.19 24.02 36.00
C THR G 231 -1.38 25.39 35.34
N CYS G 232 -0.58 25.68 34.31
CA CYS G 232 -0.81 26.89 33.52
C CYS G 232 -2.16 26.85 32.83
N LYS G 233 -2.59 25.67 32.37
CA LYS G 233 -3.88 25.58 31.69
C LYS G 233 -5.06 25.76 32.65
N GLU G 234 -4.95 25.28 33.88
CA GLU G 234 -6.07 25.50 34.79
C GLU G 234 -6.09 26.92 35.35
N HIS G 235 -4.94 27.56 35.50
CA HIS G 235 -4.92 28.98 35.84
C HIS G 235 -5.32 29.85 34.66
N ALA G 236 -5.21 29.35 33.43
CA ALA G 236 -5.77 30.06 32.29
C ALA G 236 -7.28 29.97 32.29
N LYS G 237 -7.83 28.77 32.54
CA LYS G 237 -9.27 28.54 32.45
C LYS G 237 -10.06 29.34 33.48
N SER G 238 -9.45 29.65 34.62
CA SER G 238 -10.08 30.55 35.58
C SER G 238 -10.24 31.95 34.97
N PHE G 239 -9.15 32.54 34.49
CA PHE G 239 -9.19 33.92 34.01
C PHE G 239 -9.84 34.04 32.64
N ALA G 240 -9.78 32.98 31.83
CA ALA G 240 -10.43 33.03 30.53
C ALA G 240 -11.94 32.95 30.66
N LYS G 241 -12.44 32.16 31.63
CA LYS G 241 -13.87 32.13 31.90
C LYS G 241 -14.37 33.48 32.38
N VAL G 242 -13.55 34.21 33.14
CA VAL G 242 -13.94 35.55 33.59
C VAL G 242 -14.07 36.50 32.41
N CYS G 243 -13.11 36.46 31.48
CA CYS G 243 -13.10 37.42 30.38
C CYS G 243 -14.20 37.14 29.37
N ILE G 244 -14.47 35.87 29.09
CA ILE G 244 -15.47 35.51 28.09
C ILE G 244 -16.87 35.85 28.58
N HIS G 245 -17.15 35.54 29.86
CA HIS G 245 -18.47 35.82 30.42
C HIS G 245 -18.72 37.32 30.51
N GLN G 246 -17.70 38.10 30.87
CA GLN G 246 -17.83 39.54 30.92
C GLN G 246 -17.96 40.16 29.53
N TYR G 247 -17.44 39.49 28.49
CA TYR G 247 -17.64 39.98 27.12
C TYR G 247 -19.09 39.85 26.70
N PHE G 248 -19.71 38.69 26.95
CA PHE G 248 -21.09 38.48 26.54
C PHE G 248 -22.10 39.17 27.45
N GLU G 249 -21.68 39.80 28.55
CA GLU G 249 -22.60 40.64 29.32
C GLU G 249 -23.06 41.83 28.51
N ASN G 250 -22.18 42.38 27.68
CA ASN G 250 -22.52 43.57 26.92
C ASN G 250 -22.98 43.21 25.51
N ILE G 251 -22.36 42.21 24.90
CA ILE G 251 -22.64 41.93 23.51
C ILE G 251 -23.95 41.17 23.33
N SER G 252 -24.34 40.35 24.32
CA SER G 252 -25.69 39.77 24.28
C SER G 252 -26.77 40.83 24.52
N GLY G 253 -26.41 41.96 25.13
CA GLY G 253 -27.32 43.10 25.13
C GLY G 253 -27.54 43.65 23.74
N GLU G 254 -26.53 43.52 22.87
CA GLU G 254 -26.72 43.86 21.46
C GLU G 254 -27.31 42.69 20.68
N MET G 255 -26.96 41.45 21.02
CA MET G 255 -27.49 40.27 20.35
C MET G 255 -28.99 40.03 20.61
N GLN G 256 -29.58 40.78 21.54
CA GLN G 256 -31.04 40.86 21.65
C GLN G 256 -31.67 41.27 20.32
N ASN G 257 -31.41 42.49 19.89
CA ASN G 257 -31.98 42.98 18.64
C ASN G 257 -31.30 42.40 17.42
N PHE G 258 -30.06 41.90 17.57
CA PHE G 258 -29.29 41.48 16.40
C PHE G 258 -29.56 40.03 16.00
N HIS G 259 -30.05 39.21 16.93
CA HIS G 259 -30.37 37.81 16.61
C HIS G 259 -31.69 37.37 17.22
N ARG G 260 -32.64 38.30 17.33
CA ARG G 260 -34.01 37.92 17.64
C ARG G 260 -34.98 38.85 16.92
N MET H 7 13.55 11.33 3.47
CA MET H 7 13.61 11.24 4.92
C MET H 7 12.30 11.74 5.52
N PHE H 8 11.18 11.30 4.95
CA PHE H 8 9.87 11.83 5.31
C PHE H 8 9.05 10.91 6.19
N GLN H 9 9.18 9.59 6.03
CA GLN H 9 8.40 8.60 6.77
C GLN H 9 8.66 8.58 8.26
N PHE H 10 9.71 9.26 8.73
CA PHE H 10 10.13 9.10 10.13
C PHE H 10 9.17 9.82 11.06
N LEU H 11 9.06 11.13 10.94
CA LEU H 11 8.06 11.87 11.69
C LEU H 11 6.67 11.71 11.10
N GLN H 12 6.54 11.24 9.85
CA GLN H 12 5.23 10.93 9.30
C GLN H 12 4.58 9.77 10.04
N SER H 13 5.34 8.70 10.27
CA SER H 13 4.82 7.59 11.05
C SER H 13 5.02 7.80 12.55
N ASN H 14 5.78 8.82 12.95
CA ASN H 14 5.94 9.12 14.37
C ASN H 14 5.65 10.61 14.56
N GLN H 15 4.38 10.94 14.69
CA GLN H 15 3.96 12.27 15.17
C GLN H 15 3.88 12.31 16.70
N GLU H 16 4.96 11.88 17.35
CA GLU H 16 5.14 12.01 18.78
C GLU H 16 6.52 12.53 19.15
N SER H 17 7.51 12.39 18.27
CA SER H 17 8.88 12.83 18.51
C SER H 17 9.05 14.34 18.40
N PHE H 18 7.97 15.07 18.12
CA PHE H 18 8.01 16.52 18.00
C PHE H 18 8.08 17.17 19.37
N MET H 19 8.43 18.44 19.36
CA MET H 19 8.16 19.33 20.48
C MET H 19 7.43 20.58 20.01
N ASN H 20 7.42 20.85 18.70
CA ASN H 20 6.44 21.69 18.03
C ASN H 20 6.13 21.05 16.69
N GLY H 21 4.88 21.19 16.26
CA GLY H 21 4.41 20.47 15.10
C GLY H 21 4.55 21.21 13.80
N ILE H 22 4.27 22.51 13.81
CA ILE H 22 4.32 23.30 12.59
C ILE H 22 5.75 23.49 12.10
N CYS H 23 6.74 23.45 12.99
CA CYS H 23 8.13 23.58 12.55
C CYS H 23 8.65 22.31 11.91
N GLY H 24 8.20 21.15 12.38
CA GLY H 24 8.56 19.92 11.71
C GLY H 24 7.88 19.74 10.37
N ILE H 25 6.65 20.25 10.24
CA ILE H 25 5.96 20.19 8.97
C ILE H 25 6.61 21.14 7.96
N MET H 26 6.98 22.33 8.39
CA MET H 26 7.54 23.28 7.43
C MET H 26 8.96 22.92 7.02
N ALA H 27 9.72 22.24 7.87
CA ALA H 27 11.02 21.75 7.43
C ALA H 27 10.88 20.62 6.43
N LEU H 28 9.90 19.76 6.65
CA LEU H 28 9.53 18.74 5.67
C LEU H 28 9.04 19.36 4.37
N ALA H 29 8.25 20.43 4.46
CA ALA H 29 7.74 21.07 3.26
C ALA H 29 8.82 21.85 2.54
N SER H 30 9.82 22.35 3.26
CA SER H 30 10.91 23.09 2.65
C SER H 30 11.77 22.19 1.78
N ALA H 31 12.07 20.99 2.27
CA ALA H 31 12.90 20.07 1.51
C ALA H 31 12.14 19.38 0.41
N GLN H 32 10.84 19.18 0.58
CA GLN H 32 10.03 18.62 -0.50
C GLN H 32 9.81 19.63 -1.60
N MET H 33 9.74 20.91 -1.25
CA MET H 33 9.64 21.94 -2.27
C MET H 33 10.94 22.10 -3.03
N TYR H 34 12.07 21.77 -2.42
CA TYR H 34 13.32 21.77 -3.16
C TYR H 34 13.34 20.64 -4.19
N SER H 35 12.77 19.49 -3.84
CA SER H 35 12.73 18.37 -4.78
C SER H 35 11.80 18.65 -5.94
N SER H 36 10.68 19.32 -5.68
CA SER H 36 9.71 19.62 -6.71
C SER H 36 10.12 20.79 -7.59
N PHE H 37 11.05 21.62 -7.14
CA PHE H 37 11.46 22.77 -7.92
C PHE H 37 12.37 22.30 -9.03
N GLU H 38 12.12 22.76 -10.24
CA GLU H 38 12.94 22.37 -11.38
C GLU H 38 13.95 23.48 -11.59
N PHE H 39 15.19 23.20 -11.22
CA PHE H 39 16.29 24.15 -11.34
C PHE H 39 16.57 24.41 -12.80
N SER H 40 16.48 25.66 -13.21
CA SER H 40 16.67 26.02 -14.61
C SER H 40 17.65 27.16 -14.70
N CYS H 41 18.94 26.82 -14.65
CA CYS H 41 20.00 27.81 -14.78
C CYS H 41 19.91 28.46 -16.15
N PRO H 42 20.06 29.79 -16.25
CA PRO H 42 19.94 30.46 -17.55
C PRO H 42 21.00 30.06 -18.53
N CYS H 43 22.19 29.69 -18.03
CA CYS H 43 23.39 29.38 -18.81
C CYS H 43 23.78 30.54 -19.71
N MET H 44 23.75 31.74 -19.14
CA MET H 44 24.17 32.99 -19.71
C MET H 44 25.02 33.71 -18.68
N PRO H 45 26.14 34.33 -19.07
CA PRO H 45 27.06 34.90 -18.09
C PRO H 45 26.57 36.16 -17.40
N GLU H 46 25.44 36.72 -17.79
CA GLU H 46 24.89 37.90 -17.14
C GLU H 46 23.96 37.53 -15.99
N TYR H 47 23.39 36.35 -16.05
CA TYR H 47 22.24 36.01 -15.24
C TYR H 47 22.49 34.79 -14.36
N ASN H 48 23.62 34.10 -14.54
CA ASN H 48 23.89 32.87 -13.80
C ASN H 48 24.10 33.13 -12.32
N TYR H 49 24.80 34.20 -12.00
CA TYR H 49 25.10 34.51 -10.61
C TYR H 49 23.82 34.87 -9.85
N THR H 50 22.98 35.71 -10.43
CA THR H 50 21.79 36.13 -9.70
C THR H 50 20.76 35.03 -9.60
N TYR H 51 20.73 34.13 -10.58
CA TYR H 51 19.84 32.99 -10.47
C TYR H 51 20.33 32.01 -9.42
N GLY H 52 21.62 31.69 -9.44
CA GLY H 52 22.14 30.70 -8.50
C GLY H 52 22.20 31.19 -7.07
N ILE H 53 22.55 32.45 -6.88
CA ILE H 53 22.59 33.00 -5.53
C ILE H 53 21.20 33.42 -5.09
N GLY H 54 20.34 33.80 -6.02
CA GLY H 54 18.96 34.12 -5.66
C GLY H 54 18.17 32.92 -5.18
N LEU H 55 18.45 31.74 -5.71
CA LEU H 55 17.81 30.54 -5.19
C LEU H 55 18.36 30.08 -3.87
N LEU H 56 19.45 30.67 -3.42
CA LEU H 56 19.98 30.39 -2.11
C LEU H 56 19.54 31.42 -1.09
N ILE H 57 19.10 32.60 -1.54
CA ILE H 57 18.75 33.71 -0.65
C ILE H 57 17.25 33.93 -0.57
N ILE H 58 16.56 34.01 -1.71
CA ILE H 58 15.16 34.42 -1.75
C ILE H 58 14.20 33.37 -1.18
N PRO H 59 14.29 32.07 -1.48
CA PRO H 59 13.38 31.12 -0.81
C PRO H 59 13.57 31.01 0.69
N PRO H 60 14.78 31.14 1.29
CA PRO H 60 14.82 31.25 2.74
C PRO H 60 14.13 32.46 3.34
N ILE H 61 14.16 33.61 2.68
CA ILE H 61 13.41 34.79 3.16
C ILE H 61 11.92 34.50 3.12
N TRP H 62 11.46 33.82 2.09
CA TRP H 62 10.04 33.51 1.97
C TRP H 62 9.59 32.47 2.99
N PHE H 63 10.41 31.44 3.25
CA PHE H 63 10.08 30.47 4.30
C PHE H 63 10.13 31.09 5.68
N PHE H 64 10.93 32.13 5.87
CA PHE H 64 10.97 32.82 7.15
C PHE H 64 9.70 33.64 7.39
N LEU H 65 9.25 34.38 6.36
CA LEU H 65 8.01 35.13 6.47
C LEU H 65 6.81 34.22 6.61
N LEU H 66 6.86 33.06 5.96
CA LEU H 66 5.78 32.10 6.06
C LEU H 66 5.68 31.50 7.45
N GLY H 67 6.79 31.46 8.19
CA GLY H 67 6.71 31.07 9.58
C GLY H 67 6.04 32.10 10.45
N PHE H 68 6.19 33.38 10.12
CA PHE H 68 5.46 34.43 10.83
C PHE H 68 3.99 34.47 10.47
N VAL H 69 3.64 34.17 9.23
CA VAL H 69 2.25 34.21 8.81
C VAL H 69 1.47 33.04 9.40
N LEU H 70 2.08 31.87 9.47
CA LEU H 70 1.39 30.70 9.99
C LEU H 70 1.34 30.65 11.51
N ASN H 71 2.13 31.46 12.21
CA ASN H 71 2.11 31.48 13.66
C ASN H 71 0.96 32.35 14.14
N ASN H 72 0.09 31.79 14.97
CA ASN H 72 -1.12 32.47 15.40
C ASN H 72 -0.93 33.35 16.63
N ASN H 73 0.31 33.59 17.04
CA ASN H 73 0.58 34.50 18.15
C ASN H 73 1.19 35.80 17.70
N VAL H 74 1.38 36.00 16.40
CA VAL H 74 2.03 37.23 15.95
C VAL H 74 1.05 38.38 15.90
N SER H 75 -0.25 38.12 15.84
CA SER H 75 -1.24 39.19 15.89
C SER H 75 -1.44 39.65 17.32
N VAL H 76 -1.36 38.73 18.27
CA VAL H 76 -1.53 39.08 19.68
C VAL H 76 -0.31 39.84 20.18
N LEU H 77 0.87 39.46 19.69
CA LEU H 77 2.09 40.19 19.98
C LEU H 77 2.11 41.56 19.30
N ALA H 78 1.59 41.66 18.08
CA ALA H 78 1.52 42.95 17.43
C ALA H 78 0.50 43.86 18.09
N GLU H 79 -0.56 43.27 18.66
CA GLU H 79 -1.52 44.03 19.45
C GLU H 79 -0.87 44.65 20.68
N GLU H 80 -0.04 43.88 21.38
CA GLU H 80 0.60 44.37 22.60
C GLU H 80 1.65 45.42 22.32
N TRP H 81 2.37 45.32 21.20
CA TRP H 81 3.40 46.30 20.91
C TRP H 81 2.81 47.60 20.41
N LYS H 82 1.64 47.56 19.78
CA LYS H 82 1.01 48.77 19.28
C LYS H 82 0.45 49.63 20.42
N ARG H 83 0.05 48.99 21.51
CA ARG H 83 -0.55 49.69 22.63
C ARG H 83 0.51 50.47 23.41
N PRO H 84 0.14 51.63 23.97
CA PRO H 84 1.15 52.49 24.62
C PRO H 84 1.64 51.91 25.94
N THR H 85 2.78 52.45 26.38
CA THR H 85 3.38 52.03 27.64
C THR H 85 2.53 52.50 28.82
N GLY H 86 2.21 51.58 29.72
CA GLY H 86 1.28 51.85 30.79
C GLY H 86 -0.02 51.11 30.52
N ARG H 87 -0.44 51.14 29.25
CA ARG H 87 -1.58 50.33 28.84
C ARG H 87 -1.18 48.88 28.66
N ARG H 88 0.10 48.62 28.36
CA ARG H 88 0.62 47.28 28.13
C ARG H 88 0.52 46.44 29.39
N THR H 89 -0.16 45.29 29.28
CA THR H 89 -0.31 44.39 30.40
C THR H 89 0.89 43.48 30.59
N LYS H 90 1.89 43.56 29.72
CA LYS H 90 3.03 42.66 29.75
C LYS H 90 4.32 43.41 30.01
N ASP H 91 5.27 42.73 30.61
CA ASP H 91 6.60 43.27 30.76
C ASP H 91 7.29 43.27 29.40
N PRO H 92 8.22 44.20 29.16
CA PRO H 92 8.96 44.19 27.89
C PRO H 92 9.88 43.00 27.72
N SER H 93 10.28 42.31 28.79
CA SER H 93 11.08 41.10 28.62
C SER H 93 10.23 39.93 28.15
N VAL H 94 8.95 39.90 28.52
CA VAL H 94 8.07 38.83 28.06
C VAL H 94 7.74 39.02 26.59
N LEU H 95 7.61 40.26 26.14
CA LEU H 95 7.39 40.52 24.72
C LEU H 95 8.64 40.21 23.91
N ARG H 96 9.81 40.55 24.43
CA ARG H 96 11.05 40.22 23.73
C ARG H 96 11.29 38.72 23.69
N TYR H 97 10.90 38.00 24.75
CA TYR H 97 11.10 36.57 24.76
C TYR H 97 10.16 35.89 23.79
N MET H 98 8.95 36.41 23.68
CA MET H 98 7.93 35.88 22.80
C MET H 98 8.33 36.03 21.33
N LEU H 99 8.83 37.21 20.98
CA LEU H 99 9.32 37.47 19.64
C LEU H 99 10.51 36.59 19.30
N CYS H 100 11.39 36.37 20.27
CA CYS H 100 12.55 35.50 20.05
C CYS H 100 12.13 34.05 19.88
N SER H 101 11.05 33.62 20.53
CA SER H 101 10.55 32.27 20.37
C SER H 101 9.98 32.03 18.98
N ILE H 102 9.22 32.99 18.48
CA ILE H 102 8.64 32.87 17.13
C ILE H 102 9.73 32.92 16.08
N THR H 103 10.74 33.76 16.27
CA THR H 103 11.82 33.92 15.31
C THR H 103 12.66 32.66 15.21
N GLN H 104 12.94 32.02 16.34
CA GLN H 104 13.79 30.83 16.32
C GLN H 104 13.11 29.64 15.69
N ARG H 105 11.79 29.50 15.83
CA ARG H 105 11.12 28.42 15.14
C ARG H 105 10.89 28.72 13.67
N SER H 106 10.93 30.00 13.28
CA SER H 106 10.74 30.38 11.90
C SER H 106 12.01 30.26 11.08
N LEU H 107 13.13 29.89 11.69
CA LEU H 107 14.39 29.75 11.01
C LEU H 107 14.74 28.31 10.66
N ILE H 108 13.85 27.37 10.94
CA ILE H 108 14.15 25.97 10.66
C ILE H 108 14.02 25.66 9.18
N ALA H 109 12.90 26.00 8.58
CA ALA H 109 12.68 25.85 7.14
C ALA H 109 13.63 26.67 6.27
N PRO H 110 14.05 27.91 6.63
CA PRO H 110 15.17 28.51 5.88
C PRO H 110 16.46 27.74 5.97
N ALA H 111 16.77 27.17 7.14
CA ALA H 111 18.01 26.42 7.30
C ALA H 111 17.97 25.09 6.55
N VAL H 112 16.79 24.48 6.47
CA VAL H 112 16.63 23.25 5.69
C VAL H 112 16.82 23.54 4.20
N TRP H 113 16.31 24.67 3.72
CA TRP H 113 16.47 25.05 2.32
C TRP H 113 17.94 25.26 1.96
N VAL H 114 18.66 26.04 2.78
CA VAL H 114 20.06 26.35 2.50
C VAL H 114 20.90 25.09 2.51
N SER H 115 20.58 24.14 3.38
CA SER H 115 21.36 22.92 3.47
C SER H 115 21.10 21.98 2.30
N VAL H 116 19.84 21.78 1.88
CA VAL H 116 19.61 20.93 0.72
C VAL H 116 20.13 21.59 -0.55
N THR H 117 20.18 22.91 -0.60
CA THR H 117 20.67 23.59 -1.78
C THR H 117 22.18 23.48 -1.90
N LEU H 118 22.89 23.54 -0.77
CA LEU H 118 24.33 23.39 -0.79
C LEU H 118 24.76 21.94 -0.95
N MET H 119 23.99 20.99 -0.43
CA MET H 119 24.35 19.60 -0.64
C MET H 119 24.05 19.13 -2.05
N ASP H 120 23.07 19.73 -2.70
CA ASP H 120 22.78 19.37 -4.08
C ASP H 120 23.82 19.95 -5.03
N GLY H 121 24.28 21.16 -4.78
CA GLY H 121 25.38 21.71 -5.54
C GLY H 121 25.03 22.50 -6.77
N LYS H 122 23.75 22.59 -7.14
CA LYS H 122 23.36 23.26 -8.39
C LYS H 122 23.42 24.77 -8.32
N SER H 123 23.17 25.37 -7.14
CA SER H 123 23.28 26.81 -7.01
C SER H 123 24.71 27.30 -7.13
N PHE H 124 25.66 26.53 -6.62
CA PHE H 124 27.05 26.91 -6.82
C PHE H 124 27.50 26.63 -8.24
N LEU H 125 26.97 25.59 -8.86
CA LEU H 125 27.34 25.29 -10.23
C LEU H 125 26.87 26.36 -11.18
N CYS H 126 25.66 26.88 -10.95
CA CYS H 126 25.16 27.95 -11.79
C CYS H 126 25.91 29.25 -11.51
N ALA H 127 26.09 29.60 -10.25
CA ALA H 127 26.64 30.91 -9.91
C ALA H 127 28.13 31.04 -10.17
N PHE H 128 28.91 29.95 -10.15
CA PHE H 128 30.36 30.06 -10.10
C PHE H 128 31.04 29.38 -11.27
N SER H 129 30.32 29.01 -12.31
CA SER H 129 30.95 28.33 -13.43
C SER H 129 31.69 29.28 -14.35
N ILE H 130 31.38 30.59 -14.33
CA ILE H 130 32.19 31.53 -15.08
C ILE H 130 33.44 31.94 -14.32
N ASN H 131 33.55 31.56 -13.06
CA ASN H 131 34.72 31.82 -12.25
C ASN H 131 35.72 30.68 -12.32
N LEU H 132 35.48 29.68 -13.15
CA LEU H 132 36.38 28.55 -13.24
C LEU H 132 37.63 28.90 -14.00
N ASP H 133 38.64 28.07 -13.81
CA ASP H 133 39.91 28.13 -14.51
C ASP H 133 39.98 26.82 -15.27
N ILE H 134 39.60 26.84 -16.55
CA ILE H 134 39.19 25.60 -17.21
C ILE H 134 40.37 24.72 -17.62
N GLU H 135 41.59 25.20 -17.44
CA GLU H 135 42.78 24.40 -17.73
C GLU H 135 43.02 23.30 -16.71
N LYS H 136 42.28 23.30 -15.60
CA LYS H 136 42.38 22.28 -14.58
C LYS H 136 41.51 21.07 -14.86
N PHE H 137 40.79 21.04 -15.97
CA PHE H 137 39.66 20.14 -16.15
C PHE H 137 39.69 19.33 -17.43
N GLY H 138 40.45 19.74 -18.44
CA GLY H 138 40.46 19.02 -19.69
C GLY H 138 41.52 19.49 -20.68
N ASN H 139 41.13 19.63 -21.95
CA ASN H 139 42.00 20.22 -22.95
C ASN H 139 42.32 21.67 -22.59
N ALA H 140 43.54 22.08 -22.91
CA ALA H 140 43.88 23.49 -22.83
C ALA H 140 43.48 24.25 -24.08
N SER H 141 43.23 23.53 -25.18
CA SER H 141 42.88 24.11 -26.46
C SER H 141 41.41 24.48 -26.59
N LEU H 142 40.67 24.44 -25.48
CA LEU H 142 39.27 24.86 -25.54
C LEU H 142 39.15 26.36 -25.64
N VAL H 143 39.68 27.09 -24.66
CA VAL H 143 39.46 28.52 -24.55
C VAL H 143 40.57 29.33 -25.22
N ILE H 144 41.39 28.73 -26.06
CA ILE H 144 42.23 29.50 -26.96
C ILE H 144 41.45 29.71 -28.24
N GLY H 145 41.74 30.79 -28.95
CA GLY H 145 40.95 31.16 -30.10
C GLY H 145 39.63 31.83 -29.78
N MET H 146 39.31 32.01 -28.50
CA MET H 146 38.11 32.70 -28.06
C MET H 146 38.46 34.08 -27.53
N THR H 147 37.47 34.95 -27.56
CA THR H 147 37.55 36.25 -26.91
C THR H 147 37.31 36.05 -25.42
N GLU H 148 37.59 37.08 -24.62
CA GLU H 148 37.18 37.06 -23.21
C GLU H 148 35.67 36.97 -23.08
N THR H 149 34.94 37.63 -23.96
CA THR H 149 33.48 37.55 -23.97
C THR H 149 33.01 36.16 -24.35
N GLU H 150 33.67 35.53 -25.32
CA GLU H 150 33.19 34.25 -25.82
C GLU H 150 33.51 33.11 -24.85
N LYS H 151 34.60 33.20 -24.10
CA LYS H 151 34.86 32.17 -23.11
C LYS H 151 34.00 32.33 -21.88
N LEU H 152 33.50 33.54 -21.59
CA LEU H 152 32.49 33.68 -20.55
C LEU H 152 31.18 33.03 -20.96
N LYS H 153 30.83 33.09 -22.24
CA LYS H 153 29.66 32.37 -22.71
C LYS H 153 29.90 30.88 -22.72
N PHE H 154 31.14 30.46 -22.94
CA PHE H 154 31.48 29.04 -22.95
C PHE H 154 31.39 28.44 -21.56
N LEU H 155 31.95 29.13 -20.57
CA LEU H 155 31.93 28.65 -19.19
C LEU H 155 30.56 28.75 -18.55
N ALA H 156 29.70 29.64 -19.05
CA ALA H 156 28.38 29.78 -18.48
C ALA H 156 27.47 28.62 -18.83
N ARG H 157 27.81 27.82 -19.84
CA ARG H 157 26.96 26.73 -20.26
C ARG H 157 27.33 25.41 -19.60
N ILE H 158 28.36 25.41 -18.74
CA ILE H 158 28.69 24.22 -17.95
C ILE H 158 27.55 23.65 -17.10
N PRO H 159 26.69 24.43 -16.44
CA PRO H 159 25.57 23.79 -15.72
C PRO H 159 24.52 23.11 -16.59
N CYS H 160 24.60 23.23 -17.91
CA CYS H 160 23.60 22.73 -18.83
C CYS H 160 24.23 21.59 -19.63
N LYS H 161 23.70 20.37 -19.46
CA LYS H 161 24.26 19.21 -20.16
C LYS H 161 24.03 19.29 -21.65
N ASP H 162 22.86 19.74 -22.06
CA ASP H 162 22.46 19.80 -23.45
C ASP H 162 22.85 21.11 -24.12
N LEU H 163 23.70 21.91 -23.49
CA LEU H 163 24.26 23.09 -24.12
C LEU H 163 25.78 23.09 -24.06
N PHE H 164 26.38 22.12 -23.38
CA PHE H 164 27.83 22.03 -23.25
C PHE H 164 28.22 20.68 -23.84
N GLU H 165 29.17 20.69 -24.77
CA GLU H 165 29.39 19.50 -25.58
C GLU H 165 30.49 18.60 -25.04
N ASP H 166 31.51 19.15 -24.40
CA ASP H 166 32.63 18.36 -23.91
C ASP H 166 32.24 17.78 -22.57
N ASN H 167 31.88 16.50 -22.55
CA ASN H 167 31.31 15.91 -21.35
C ASN H 167 32.36 15.68 -20.29
N GLU H 168 33.62 15.48 -20.70
CA GLU H 168 34.69 15.24 -19.73
C GLU H 168 35.01 16.49 -18.95
N VAL H 169 35.06 17.64 -19.61
CA VAL H 169 35.32 18.90 -18.93
C VAL H 169 34.13 19.30 -18.07
N ARG H 170 32.93 18.98 -18.53
CA ARG H 170 31.73 19.31 -17.77
C ARG H 170 31.64 18.46 -16.51
N VAL H 171 31.93 17.16 -16.60
CA VAL H 171 31.86 16.28 -15.45
C VAL H 171 32.93 16.63 -14.42
N ALA H 172 34.12 17.02 -14.88
CA ALA H 172 35.19 17.38 -13.96
C ALA H 172 34.90 18.69 -13.25
N ALA H 173 34.36 19.67 -13.98
CA ALA H 173 34.04 20.96 -13.36
C ALA H 173 32.82 20.88 -12.45
N THR H 174 31.87 20.01 -12.78
CA THR H 174 30.72 19.82 -11.92
C THR H 174 31.09 19.14 -10.62
N ARG H 175 31.99 18.16 -10.67
CA ARG H 175 32.42 17.47 -9.46
C ARG H 175 33.24 18.36 -8.55
N TYR H 176 34.04 19.24 -9.13
CA TYR H 176 34.84 20.18 -8.34
C TYR H 176 33.96 21.19 -7.62
N ILE H 177 32.96 21.73 -8.28
CA ILE H 177 32.12 22.74 -7.65
C ILE H 177 31.13 22.10 -6.67
N LYS H 178 30.64 20.91 -6.96
CA LYS H 178 29.73 20.24 -6.03
C LYS H 178 30.45 19.80 -4.76
N CYS H 179 31.74 19.49 -4.86
CA CYS H 179 32.56 19.23 -3.68
C CYS H 179 32.67 20.46 -2.79
N ILE H 180 32.94 21.63 -3.36
CA ILE H 180 33.04 22.85 -2.58
C ILE H 180 31.69 23.24 -2.00
N SER H 181 30.62 22.98 -2.72
CA SER H 181 29.28 23.27 -2.23
C SER H 181 28.90 22.35 -1.08
N GLN H 182 29.29 21.08 -1.15
CA GLN H 182 29.03 20.16 -0.05
C GLN H 182 29.91 20.47 1.15
N ALA H 183 31.09 21.02 0.94
CA ALA H 183 31.92 21.47 2.04
C ALA H 183 31.29 22.66 2.74
N CYS H 184 30.74 23.61 1.98
CA CYS H 184 30.02 24.73 2.57
C CYS H 184 28.73 24.29 3.22
N GLY H 185 28.11 23.24 2.71
CA GLY H 185 26.90 22.73 3.34
C GLY H 185 27.16 22.05 4.65
N TRP H 186 28.28 21.33 4.77
CA TRP H 186 28.64 20.74 6.05
C TRP H 186 29.14 21.76 7.04
N MET H 187 29.83 22.81 6.60
CA MET H 187 30.21 23.86 7.51
C MET H 187 29.01 24.69 7.95
N PHE H 188 28.02 24.86 7.07
CA PHE H 188 26.81 25.55 7.46
C PHE H 188 26.03 24.74 8.48
N LEU H 189 25.88 23.43 8.27
CA LEU H 189 25.17 22.59 9.23
C LEU H 189 25.86 22.56 10.57
N LEU H 190 27.18 22.60 10.57
CA LEU H 190 27.95 22.49 11.79
C LEU H 190 27.92 23.79 12.58
N MET H 191 27.92 24.93 11.90
CA MET H 191 27.80 26.21 12.60
C MET H 191 26.40 26.45 13.12
N MET H 192 25.38 26.01 12.39
CA MET H 192 24.03 26.26 12.87
C MET H 192 23.65 25.29 13.97
N THR H 193 24.24 24.11 14.00
CA THR H 193 23.96 23.19 15.09
C THR H 193 24.75 23.56 16.34
N PHE H 194 25.94 24.12 16.18
CA PHE H 194 26.69 24.59 17.33
C PHE H 194 26.09 25.88 17.89
N THR H 195 25.47 26.70 17.04
CA THR H 195 24.68 27.81 17.52
C THR H 195 23.45 27.33 18.28
N ALA H 196 22.80 26.28 17.78
CA ALA H 196 21.66 25.70 18.47
C ALA H 196 22.06 25.09 19.80
N PHE H 197 23.30 24.60 19.91
CA PHE H 197 23.76 24.04 21.16
C PHE H 197 24.00 25.13 22.20
N LEU H 198 24.61 26.25 21.80
CA LEU H 198 24.87 27.32 22.73
C LEU H 198 23.60 28.05 23.14
N ILE H 199 22.60 28.10 22.27
CA ILE H 199 21.35 28.72 22.64
C ILE H 199 20.57 27.82 23.60
N ARG H 200 20.55 26.52 23.35
CA ARG H 200 19.83 25.62 24.25
C ARG H 200 20.62 25.22 25.48
N ALA H 201 21.80 25.79 25.71
CA ALA H 201 22.53 25.55 26.95
C ALA H 201 22.74 26.79 27.79
N ILE H 202 23.03 27.92 27.16
CA ILE H 202 23.34 29.14 27.90
C ILE H 202 22.10 29.98 28.16
N ARG H 203 21.20 30.09 27.20
CA ARG H 203 20.02 30.95 27.35
C ARG H 203 19.01 30.47 28.39
N PRO H 204 18.69 29.17 28.56
CA PRO H 204 17.86 28.79 29.71
C PRO H 204 18.55 28.92 31.07
N CYS H 205 19.84 29.22 31.10
CA CYS H 205 20.50 29.67 32.32
C CYS H 205 20.35 31.17 32.56
N PHE H 206 19.90 31.92 31.57
CA PHE H 206 19.83 33.37 31.64
C PHE H 206 18.42 33.93 31.55
N THR H 207 17.61 33.44 30.60
CA THR H 207 16.21 33.88 30.48
C THR H 207 15.31 32.81 31.09
N GLN H 208 15.12 32.91 32.40
CA GLN H 208 14.17 32.07 33.10
C GLN H 208 13.18 32.98 33.82
N ALA H 209 11.94 32.51 33.92
CA ALA H 209 10.70 33.11 34.41
C ALA H 209 10.14 34.13 33.45
N ALA H 210 10.89 34.55 32.43
CA ALA H 210 10.27 35.08 31.22
C ALA H 210 9.77 33.94 30.38
N PHE H 211 10.53 32.83 30.37
CA PHE H 211 10.08 31.59 29.76
C PHE H 211 8.81 31.05 30.41
N LEU H 212 8.70 31.22 31.72
CA LEU H 212 7.52 30.72 32.41
C LEU H 212 6.33 31.65 32.22
N LYS H 213 6.57 32.96 32.09
CA LYS H 213 5.48 33.88 31.79
C LYS H 213 5.03 33.76 30.34
N THR H 214 5.96 33.50 29.42
CA THR H 214 5.59 33.33 28.02
C THR H 214 4.87 32.01 27.81
N LYS H 215 5.20 30.99 28.60
CA LYS H 215 4.46 29.74 28.52
C LYS H 215 3.04 29.88 29.07
N TYR H 216 2.86 30.63 30.15
CA TYR H 216 1.50 30.88 30.63
C TYR H 216 0.72 31.73 29.63
N TRP H 217 1.41 32.65 28.95
CA TRP H 217 0.77 33.48 27.92
C TRP H 217 0.30 32.64 26.75
N SER H 218 1.10 31.65 26.34
CA SER H 218 0.73 30.80 25.21
C SER H 218 -0.42 29.87 25.57
N HIS H 219 -0.41 29.32 26.78
CA HIS H 219 -1.54 28.49 27.22
C HIS H 219 -2.80 29.32 27.40
N TYR H 220 -2.66 30.59 27.81
CA TYR H 220 -3.84 31.41 27.99
C TYR H 220 -4.52 31.74 26.68
N ILE H 221 -3.75 31.86 25.60
CA ILE H 221 -4.32 32.16 24.29
C ILE H 221 -5.11 30.98 23.76
N ASP H 222 -4.55 29.77 23.82
CA ASP H 222 -5.26 28.59 23.36
C ASP H 222 -6.51 28.30 24.18
N ILE H 223 -6.48 28.63 25.48
CA ILE H 223 -7.67 28.46 26.30
C ILE H 223 -8.72 29.51 25.95
N GLU H 224 -8.30 30.76 25.74
CA GLU H 224 -9.26 31.84 25.47
C GLU H 224 -9.93 31.68 24.10
N ARG H 225 -9.19 31.17 23.11
CA ARG H 225 -9.79 30.93 21.79
C ARG H 225 -10.80 29.80 21.84
N LYS H 226 -10.45 28.69 22.49
CA LYS H 226 -11.38 27.57 22.57
C LYS H 226 -12.60 27.90 23.40
N MET H 227 -12.42 28.56 24.54
CA MET H 227 -13.56 28.86 25.40
C MET H 227 -14.48 29.90 24.78
N PHE H 228 -13.95 30.79 23.95
CA PHE H 228 -14.81 31.70 23.21
C PHE H 228 -15.60 30.95 22.13
N ASP H 229 -15.04 29.90 21.54
CA ASP H 229 -15.76 29.14 20.53
C ASP H 229 -16.94 28.38 21.12
N GLU H 230 -16.73 27.65 22.22
CA GLU H 230 -17.85 26.94 22.80
C GLU H 230 -18.84 27.85 23.51
N THR H 231 -18.44 29.06 23.89
CA THR H 231 -19.42 29.96 24.49
C THR H 231 -20.31 30.57 23.42
N CYS H 232 -19.75 30.86 22.24
CA CYS H 232 -20.58 31.28 21.11
C CYS H 232 -21.54 30.18 20.70
N LYS H 233 -21.12 28.92 20.78
CA LYS H 233 -22.00 27.82 20.38
C LYS H 233 -23.15 27.61 21.37
N GLU H 234 -22.91 27.81 22.66
CA GLU H 234 -24.02 27.63 23.59
C GLU H 234 -24.96 28.84 23.59
N HIS H 235 -24.45 30.04 23.32
CA HIS H 235 -25.34 31.18 23.10
C HIS H 235 -26.06 31.11 21.77
N ALA H 236 -25.52 30.36 20.81
CA ALA H 236 -26.28 30.10 19.59
C ALA H 236 -27.42 29.12 19.85
N LYS H 237 -27.14 28.04 20.59
CA LYS H 237 -28.14 26.99 20.82
C LYS H 237 -29.35 27.48 21.59
N SER H 238 -29.17 28.50 22.44
CA SER H 238 -30.33 29.13 23.08
C SER H 238 -31.24 29.78 22.04
N PHE H 239 -30.67 30.67 21.22
CA PHE H 239 -31.49 31.44 20.28
C PHE H 239 -31.92 30.61 19.08
N ALA H 240 -31.15 29.59 18.71
CA ALA H 240 -31.55 28.75 17.60
C ALA H 240 -32.71 27.84 17.98
N LYS H 241 -32.73 27.35 19.23
CA LYS H 241 -33.87 26.58 19.70
C LYS H 241 -35.14 27.42 19.74
N VAL H 242 -35.02 28.72 20.04
CA VAL H 242 -36.17 29.60 20.03
C VAL H 242 -36.74 29.75 18.61
N CYS H 243 -35.85 29.94 17.63
CA CYS H 243 -36.30 30.20 16.27
C CYS H 243 -36.88 28.97 15.61
N ILE H 244 -36.30 27.80 15.86
CA ILE H 244 -36.77 26.57 15.21
C ILE H 244 -38.13 26.16 15.76
N HIS H 245 -38.30 26.26 17.09
CA HIS H 245 -39.57 25.89 17.70
C HIS H 245 -40.69 26.83 17.28
N GLN H 246 -40.39 28.12 17.18
CA GLN H 246 -41.37 29.09 16.71
C GLN H 246 -41.69 28.91 15.23
N TYR H 247 -40.77 28.37 14.43
CA TYR H 247 -41.08 28.08 13.03
C TYR H 247 -42.09 26.95 12.91
N PHE H 248 -41.91 25.87 13.66
CA PHE H 248 -42.82 24.74 13.58
C PHE H 248 -44.13 24.96 14.31
N GLU H 249 -44.30 26.08 15.03
CA GLU H 249 -45.61 26.42 15.58
C GLU H 249 -46.62 26.68 14.46
N ASN H 250 -46.17 27.27 13.36
CA ASN H 250 -47.08 27.63 12.28
C ASN H 250 -47.07 26.56 11.19
N ILE H 251 -45.90 25.99 10.90
CA ILE H 251 -45.80 25.11 9.76
C ILE H 251 -46.36 23.72 10.08
N SER H 252 -46.28 23.28 11.35
CA SER H 252 -46.99 22.06 11.73
C SER H 252 -48.50 22.24 11.73
N GLY H 253 -48.97 23.49 11.82
CA GLY H 253 -50.38 23.75 11.54
C GLY H 253 -50.74 23.48 10.09
N GLU H 254 -49.77 23.67 9.19
CA GLU H 254 -49.95 23.25 7.81
C GLU H 254 -49.63 21.78 7.61
N MET H 255 -48.64 21.23 8.32
CA MET H 255 -48.27 19.82 8.21
C MET H 255 -49.34 18.88 8.76
N GLN H 256 -50.36 19.39 9.44
CA GLN H 256 -51.57 18.63 9.73
C GLN H 256 -52.17 18.04 8.46
N ASN H 257 -52.66 18.90 7.58
CA ASN H 257 -53.27 18.43 6.35
C ASN H 257 -52.25 17.96 5.32
N PHE H 258 -50.99 18.40 5.45
CA PHE H 258 -50.00 18.12 4.42
C PHE H 258 -49.29 16.79 4.62
N HIS H 259 -49.28 16.25 5.85
CA HIS H 259 -48.65 14.96 6.11
C HIS H 259 -49.49 14.09 7.03
N ARG H 260 -50.81 14.22 6.95
CA ARG H 260 -51.70 13.25 7.58
C ARG H 260 -52.95 13.06 6.72
CAA Y01 I . -8.22 16.44 -18.87
CBA Y01 I . -7.96 17.17 -17.55
CAB Y01 I . -7.28 18.51 -17.82
CAN Y01 I . -9.24 17.34 -16.75
CAJ Y01 I . -9.16 18.27 -15.56
CAO Y01 I . -10.50 18.45 -14.88
CBB Y01 I . -11.07 19.88 -14.83
CAC Y01 I . -10.63 20.66 -16.06
CBE Y01 I . -12.60 19.89 -14.69
CAP Y01 I . -13.28 18.63 -15.31
CAQ Y01 I . -14.67 18.52 -14.67
CBG Y01 I . -14.80 19.87 -13.97
CBI Y01 I . -13.39 20.06 -13.37
CAE Y01 I . -13.00 18.96 -12.37
CAU Y01 I . -13.36 21.40 -12.67
CAS Y01 I . -14.45 21.43 -11.59
CBF Y01 I . -15.85 21.40 -12.23
CBD Y01 I . -16.03 20.15 -13.11
CAK Y01 I . -17.26 20.39 -13.97
CAI Y01 I . -18.41 20.99 -13.22
CAZ Y01 I . -18.34 21.39 -11.96
CAV Y01 I . -19.59 21.73 -11.17
CBH Y01 I . -17.02 21.53 -11.22
CAD Y01 I . -16.94 20.45 -10.12
CAT Y01 I . -17.01 22.94 -10.58
CAR Y01 I . -18.23 23.18 -9.69
CBC Y01 I . -19.52 23.07 -10.46
OAW Y01 I . -20.65 23.23 -9.54
CAY Y01 I . -20.70 22.61 -8.34
OAG Y01 I . -20.51 21.44 -8.16
CAM Y01 I . -20.98 23.58 -7.25
CAL Y01 I . -22.25 23.45 -6.43
CAX Y01 I . -22.10 22.72 -5.11
OAH Y01 I . -22.07 21.47 -5.12
OAF Y01 I . -22.01 23.40 -4.08
CAA Y01 J . -2.14 38.95 -11.81
CBA Y01 J . -1.39 37.63 -11.96
CAB Y01 J . -2.31 36.56 -12.52
CAN Y01 J . -0.14 37.81 -12.81
CAJ Y01 J . -0.36 38.24 -14.24
CAO Y01 J . 0.86 38.90 -14.84
CBB Y01 J . 0.75 39.32 -16.30
CAC Y01 J . -0.61 39.97 -16.56
CBE Y01 J . 1.94 40.25 -16.66
CAP Y01 J . 3.28 39.75 -16.05
CAQ Y01 J . 4.34 39.85 -17.15
CBG Y01 J . 3.78 40.95 -18.03
CBI Y01 J . 2.29 40.58 -18.15
CAE Y01 J . 2.06 39.34 -19.02
CAU Y01 J . 1.62 41.81 -18.79
CAS Y01 J . 2.23 42.14 -20.17
CBF Y01 J . 3.76 42.33 -20.15
CBD Y01 J . 4.45 41.19 -19.38
CAK Y01 J . 5.92 41.51 -19.22
CAI Y01 J . 6.54 41.82 -20.54
CAZ Y01 J . 5.83 42.17 -21.62
CAV Y01 J . 6.52 42.37 -22.95
CBH Y01 J . 4.35 42.49 -21.59
CAD Y01 J . 3.64 41.55 -22.59
CAT Y01 J . 4.21 43.95 -22.10
CAR Y01 J . 4.92 44.18 -23.43
CBC Y01 J . 6.38 43.79 -23.41
OAW Y01 J . 6.95 43.88 -24.74
CAY Y01 J . 8.28 43.82 -24.87
OAG Y01 J . 9.06 44.01 -23.98
CAM Y01 J . 8.68 43.48 -26.28
CAL Y01 J . 10.18 43.22 -26.42
CAX Y01 J . 10.64 42.89 -27.83
OAH Y01 J . 9.79 42.89 -28.76
OAF Y01 J . 11.85 42.64 -28.01
CAA Y01 K . -4.17 35.92 -7.90
CBA Y01 K . -3.82 36.68 -6.64
CAB Y01 K . -4.00 38.17 -6.85
CAN Y01 K . -4.65 36.19 -5.46
CAJ Y01 K . -4.51 36.96 -4.17
CAO Y01 K . -3.25 36.66 -3.40
CBB Y01 K . -3.18 37.23 -1.98
CAC Y01 K . -3.53 38.72 -2.00
CBE Y01 K . -4.01 36.37 -1.00
CAP Y01 K . -3.74 34.86 -1.24
CAQ Y01 K . -3.92 34.15 0.12
CBG Y01 K . -4.55 35.22 1.00
CBI Y01 K . -3.86 36.52 0.55
CAE Y01 K . -2.36 36.54 0.91
CAU Y01 K . -4.60 37.66 1.25
CAS Y01 K . -4.60 37.50 2.77
CBF Y01 K . -5.22 36.18 3.23
CBD Y01 K . -4.59 34.98 2.51
CAK Y01 K . -5.36 33.71 2.84
CAI Y01 K . -5.78 33.62 4.27
CAZ Y01 K . -5.61 34.59 5.16
CAV Y01 K . -5.89 34.35 6.63
CBH Y01 K . -5.16 35.99 4.78
CAD Y01 K . -3.73 36.20 5.31
CAT Y01 K . -6.12 37.00 5.44
CAR Y01 K . -6.32 36.76 6.93
CBC Y01 K . -6.83 35.37 7.21
OAW Y01 K . -6.87 35.21 8.66
CAY Y01 K . -7.66 34.29 9.21
OAG Y01 K . -8.36 33.54 8.58
CAM Y01 K . -7.62 34.34 10.70
CAL Y01 K . -8.49 33.34 11.46
CAX Y01 K . -7.90 31.96 11.61
OAH Y01 K . -6.91 31.82 12.35
OAF Y01 K . -8.44 31.01 11.01
CAA Y01 L . 6.20 23.49 -10.19
CBA Y01 L . 6.64 23.36 -8.73
CAB Y01 L . 8.01 23.99 -8.54
CAN Y01 L . 5.61 23.97 -7.79
CAJ Y01 L . 6.04 24.15 -6.36
CAO Y01 L . 5.00 24.84 -5.51
CBB Y01 L . 5.39 26.17 -4.86
CAC Y01 L . 6.39 26.92 -5.74
CBE Y01 L . 4.16 27.06 -4.57
CAP Y01 L . 2.99 26.80 -5.53
CAQ Y01 L . 1.72 27.33 -4.83
CBG Y01 L . 2.32 28.12 -3.67
CBI Y01 L . 3.44 27.17 -3.19
CAE Y01 L . 2.95 25.80 -2.73
CAU Y01 L . 4.16 27.85 -2.04
CAS Y01 L . 3.16 28.14 -0.92
CBF Y01 L . 2.13 29.19 -1.37
CBD Y01 L . 1.38 28.74 -2.64
CAK Y01 L . 0.68 29.97 -3.21
CAI Y01 L . 0.02 30.81 -2.16
CAZ Y01 L . 0.12 30.59 -0.86
CAV Y01 L . -0.79 31.32 0.13
CBH Y01 L . 1.13 29.63 -0.26
CAD Y01 L . 0.38 28.42 0.32
CAT Y01 L . 1.88 30.39 0.86
CAR Y01 L . 0.92 30.97 1.90
CBC Y01 L . -0.04 31.95 1.29
OAW Y01 L . -0.98 32.42 2.31
CAY Y01 L . -1.57 31.57 3.18
OAG Y01 L . -2.14 30.56 2.89
CAM Y01 L . -1.38 32.02 4.59
CAL Y01 L . -2.58 32.40 5.43
CAX Y01 L . -3.10 31.32 6.35
OAH Y01 L . -3.82 30.42 5.87
OAF Y01 L . -2.78 31.37 7.55
CAA Y01 M . 7.68 18.61 -10.20
CBA Y01 M . 6.93 17.51 -9.48
CAB Y01 M . 7.82 16.84 -8.44
CAN Y01 M . 5.63 18.01 -8.87
CAJ Y01 M . 4.60 18.48 -9.86
CAO Y01 M . 3.28 18.80 -9.22
CBB Y01 M . 3.24 20.09 -8.38
CAC Y01 M . 3.20 21.31 -9.29
CBE Y01 M . 2.09 20.07 -7.35
CAP Y01 M . 1.45 18.67 -7.11
CAQ Y01 M . 1.12 18.58 -5.60
CBG Y01 M . 1.10 20.06 -5.21
CBI Y01 M . 2.35 20.64 -5.92
CAE Y01 M . 3.67 20.06 -5.37
CAU Y01 M . 2.32 22.16 -5.78
CAS Y01 M . 2.10 22.62 -4.33
CBF Y01 M . 0.85 22.00 -3.68
CBD Y01 M . 0.91 20.47 -3.76
CAK Y01 M . -0.39 19.86 -3.21
CAI Y01 M . -0.90 20.55 -1.97
CAZ Y01 M . -0.44 21.70 -1.50
CAV Y01 M . -0.90 22.24 -0.16
CBH Y01 M . 0.58 22.54 -2.24
CAD Y01 M . 1.88 22.56 -1.41
CAT Y01 M . -0.04 23.95 -2.34
CAR Y01 M . -0.34 24.53 -0.96
CBC Y01 M . -1.34 23.70 -0.20
OAW Y01 M . -1.38 24.15 1.19
CAY Y01 M . -1.89 25.34 1.53
OAG Y01 M . -2.44 26.09 0.78
CAM Y01 M . -1.70 25.61 2.99
CAL Y01 M . -2.97 25.68 3.80
CAX Y01 M . -2.76 25.95 5.27
OAH Y01 M . -3.32 26.95 5.76
OAF Y01 M . -2.04 25.16 5.91
CAA Y01 N . -4.11 13.87 -17.33
CBA Y01 N . -4.10 12.92 -16.15
CAB Y01 N . -3.11 13.37 -15.08
CAN Y01 N . -5.50 12.74 -15.58
CAJ Y01 N . -6.49 12.07 -16.50
CAO Y01 N . -7.79 11.75 -15.82
CBB Y01 N . -8.69 12.96 -15.51
CAC Y01 N . -9.36 13.46 -16.78
CBE Y01 N . -9.70 12.65 -14.39
CAP Y01 N . -9.38 11.38 -13.55
CAQ Y01 N . -9.76 11.69 -12.09
CBG Y01 N . -10.71 12.87 -12.27
CBI Y01 N . -10.00 13.75 -13.32
CAE Y01 N . -8.67 14.34 -12.81
CAU Y01 N . -10.96 14.87 -13.74
CAS Y01 N . -11.57 15.60 -12.54
CBF Y01 N . -12.25 14.68 -11.53
CBD Y01 N . -11.27 13.59 -11.05
CAK Y01 N . -11.97 12.61 -10.12
CAI Y01 N . -12.94 13.25 -9.16
CAZ Y01 N . -13.32 14.52 -9.22
CAV Y01 N . -14.16 15.14 -8.12
CBH Y01 N . -12.95 15.45 -10.37
CAD Y01 N . -12.03 16.55 -9.80
CAT Y01 N . -14.27 16.03 -10.87
CAR Y01 N . -15.01 16.79 -9.77
CBC Y01 N . -15.39 15.89 -8.63
OAW Y01 N . -15.84 16.70 -7.50
CAY Y01 N . -17.00 17.38 -7.55
OAG Y01 N . -17.80 17.30 -8.42
CAM Y01 N . -17.18 18.24 -6.34
CAL Y01 N . -18.31 17.84 -5.42
CAX Y01 N . -18.46 18.71 -4.19
OAH Y01 N . -19.56 19.28 -4.02
OAF Y01 N . -17.49 18.83 -3.43
CAA Y01 O . -14.38 -0.44 -22.07
CBA Y01 O . -14.75 0.73 -21.17
CAB Y01 O . -14.99 1.98 -22.00
CAN Y01 O . -15.95 0.40 -20.30
CAJ Y01 O . -16.58 1.55 -19.56
CAO Y01 O . -17.82 1.14 -18.79
CBB Y01 O . -19.14 1.83 -19.18
CAC Y01 O . -19.14 2.18 -20.66
CBE Y01 O . -20.38 0.97 -18.82
CAP Y01 O . -20.07 -0.54 -18.83
CAQ Y01 O . -21.17 -1.20 -17.98
CBG Y01 O . -22.17 -0.07 -17.82
CBI Y01 O . -21.24 1.13 -17.54
CAE Y01 O . -20.38 0.97 -16.28
CAU Y01 O . -22.11 2.37 -17.39
CAS Y01 O . -23.10 2.15 -16.25
CBF Y01 O . -24.11 1.05 -16.61
CBD Y01 O . -23.40 -0.28 -16.94
CAK Y01 O . -24.42 -1.18 -17.63
CAI Y01 O . -25.77 -1.15 -16.98
CAZ Y01 O . -26.10 -0.34 -15.98
CAV Y01 O . -27.39 -0.56 -15.19
CBH Y01 O . -25.23 0.83 -15.55
CAD Y01 O . -24.63 0.52 -14.16
CAT Y01 O . -26.14 2.07 -15.48
CAR Y01 O . -27.35 1.85 -14.56
CBC Y01 O . -28.21 0.71 -15.03
OAW Y01 O . -29.31 0.49 -14.08
CAY Y01 O . -29.09 0.48 -12.74
OAG Y01 O . -28.26 -0.16 -12.18
CAM Y01 O . -30.02 1.42 -12.05
CAL Y01 O . -31.03 0.88 -11.05
CAX Y01 O . -30.62 0.95 -9.60
OAH Y01 O . -29.84 0.09 -9.16
OAF Y01 O . -31.07 1.89 -8.92
CAA Y01 P . -23.98 21.79 -24.72
CBA Y01 P . -22.58 21.25 -24.50
CAB Y01 P . -22.59 19.73 -24.48
CAN Y01 P . -21.60 21.80 -25.53
CAJ Y01 P . -21.89 21.43 -26.97
CAO Y01 P . -21.26 22.39 -27.94
CBB Y01 P . -21.44 22.08 -29.43
CAC Y01 P . -22.87 21.62 -29.69
CBE Y01 P . -21.03 23.30 -30.28
CAP Y01 P . -19.73 23.97 -29.74
CAQ Y01 P . -18.83 24.27 -30.94
CBG Y01 P . -19.85 24.37 -32.07
CBI Y01 P . -20.79 23.17 -31.82
CAE Y01 P . -20.12 21.83 -32.12
CAU Y01 P . -21.99 23.41 -32.75
CAS Y01 P . -21.56 23.48 -34.23
CBF Y01 P . -20.47 24.53 -34.52
CBD Y01 P . -19.33 24.43 -33.50
CAK Y01 P . -18.37 25.59 -33.69
CAI Y01 P . -17.92 25.68 -35.12
CAZ Y01 P . -18.57 25.10 -36.12
CAV Y01 P . -18.01 25.13 -37.52
CBH Y01 P . -19.94 24.44 -35.99
CAD Y01 P . -19.82 22.98 -36.45
CAT Y01 P . -20.87 25.21 -36.96
CAR Y01 P . -20.32 25.28 -38.38
CBC Y01 P . -18.93 25.89 -38.44
OAW Y01 P . -18.40 25.79 -39.79
CAY Y01 P . -17.29 26.49 -40.08
OAG Y01 P . -16.89 27.42 -39.46
CAM Y01 P . -16.61 25.96 -41.31
CAL Y01 P . -15.27 26.60 -41.59
CAX Y01 P . -14.54 26.11 -42.83
OAH Y01 P . -15.10 25.25 -43.54
OAF Y01 P . -13.42 26.57 -43.09
CAA Y01 Q . -24.17 19.92 -19.71
CBA Y01 Q . -24.49 21.15 -18.88
CAB Y01 Q . -25.52 22.01 -19.60
CAN Y01 Q . -24.97 20.75 -17.50
CAJ Y01 Q . -25.49 21.87 -16.62
CAO Y01 Q . -24.39 22.70 -15.99
CBB Y01 Q . -24.83 23.70 -14.90
CAC Y01 Q . -26.01 24.52 -15.41
CBE Y01 Q . -25.08 22.96 -13.57
CAP Y01 Q . -23.92 21.96 -13.27
CAQ Y01 Q . -23.78 21.87 -11.75
CBG Y01 Q . -25.02 22.58 -11.22
CBI Y01 Q . -25.21 23.75 -12.22
CAE Y01 Q . -24.09 24.78 -12.13
CAU Y01 Q . -26.57 24.37 -11.88
CAS Y01 Q . -26.64 24.84 -10.43
CBF Y01 Q . -26.37 23.71 -9.43
CBD Y01 Q . -25.06 22.96 -9.75
CAK Y01 Q . -24.96 21.72 -8.87
CAI Y01 Q . -25.38 21.97 -7.46
CAZ Y01 Q . -25.93 23.09 -7.01
CAV Y01 Q . -26.16 23.31 -5.53
CBH Y01 Q . -26.38 24.20 -7.94
CAD Y01 Q . -25.44 25.41 -7.75
CAT Y01 Q . -27.82 24.59 -7.56
CAR Y01 Q . -27.99 24.87 -6.07
CBC Y01 Q . -27.59 23.69 -5.23
OAW Y01 Q . -27.68 24.10 -3.83
CAY Y01 Q . -27.81 23.19 -2.88
OAG Y01 Q . -27.82 22.01 -3.07
CAM Y01 Q . -27.97 23.81 -1.53
CAL Y01 Q . -28.13 22.88 -0.33
CAX Y01 Q . -26.84 22.31 0.23
OAH Y01 Q . -26.06 23.09 0.80
OAF Y01 Q . -26.63 21.10 0.10
CAA Y01 R . -9.74 0.78 -20.35
CBA Y01 R . -9.29 0.56 -18.92
CAB Y01 R . -8.89 1.87 -18.25
CAN Y01 R . -10.34 -0.19 -18.11
CAJ Y01 R . -10.62 -1.60 -18.56
CAO Y01 R . -11.53 -2.34 -17.62
CBB Y01 R . -13.00 -1.91 -17.65
CAC Y01 R . -13.69 -2.44 -18.89
CBE Y01 R . -13.74 -2.30 -16.35
CAP Y01 R . -12.81 -2.70 -15.17
CAQ Y01 R . -13.44 -2.14 -13.88
CBG Y01 R . -14.89 -1.94 -14.32
CBI Y01 R . -14.75 -1.29 -15.72
CAE Y01 R . -14.11 0.11 -15.66
CAU Y01 R . -16.13 -1.23 -16.36
CAS Y01 R . -17.20 -0.62 -15.45
CBF Y01 R . -17.28 -1.30 -14.07
CBD Y01 R . -15.91 -1.30 -13.38
CAK Y01 R . -15.97 -2.07 -12.06
CAI Y01 R . -17.22 -1.82 -11.27
CAZ Y01 R . -18.28 -1.17 -11.73
CAV Y01 R . -19.44 -0.82 -10.81
CBH Y01 R . -18.42 -0.73 -13.17
CAD Y01 R . -18.43 0.81 -13.20
CAT Y01 R . -19.77 -1.30 -13.65
CAR Y01 R . -20.93 -0.79 -12.80
CBC Y01 R . -20.80 -1.21 -11.36
OAW Y01 R . -21.78 -0.47 -10.56
CAY Y01 R . -23.10 -0.71 -10.67
OAG Y01 R . -23.59 -1.58 -11.32
CAM Y01 R . -23.89 0.26 -9.84
CAL Y01 R . -24.64 -0.35 -8.68
CAX Y01 R . -25.43 0.64 -7.86
OAH Y01 R . -26.65 0.45 -7.74
OAF Y01 R . -24.81 1.59 -7.34
CAA Y01 S . -8.64 -17.25 -17.90
CBA Y01 S . -9.74 -16.30 -17.45
CAB Y01 S . -10.60 -15.89 -18.62
CAN Y01 S . -10.58 -16.94 -16.34
CAJ Y01 S . -11.86 -16.21 -15.99
CAO Y01 S . -12.67 -16.95 -14.94
CBB Y01 S . -14.09 -17.39 -15.35
CAC Y01 S . -14.14 -17.71 -16.83
CBE Y01 S . -14.58 -18.60 -14.52
CAP Y01 S . -13.42 -19.50 -14.02
CAQ Y01 S . -13.98 -20.30 -12.83
CBG Y01 S . -15.47 -20.03 -12.94
CBI Y01 S . -15.49 -18.53 -13.27
CAE Y01 S . -14.86 -17.65 -12.18
CAU Y01 S . -16.95 -18.11 -13.44
CAS Y01 S . -17.73 -18.42 -12.16
CBF Y01 S . -17.81 -19.94 -11.95
CBD Y01 S . -16.41 -20.58 -11.86
CAK Y01 S . -16.59 -22.09 -12.02
CAI Y01 S . -17.75 -22.63 -11.23
CAZ Y01 S . -18.60 -21.88 -10.55
CAV Y01 S . -19.57 -22.49 -9.55
CBH Y01 S . -18.67 -20.35 -10.72
CAD Y01 S . -18.18 -19.69 -9.43
CAT Y01 S . -20.15 -20.00 -10.97
CAR Y01 S . -21.07 -20.53 -9.86
CBC Y01 S . -21.00 -22.03 -9.74
OAW Y01 S . -21.84 -22.48 -8.62
CAY Y01 S . -21.82 -21.84 -7.43
OAG Y01 S . -20.84 -21.59 -6.80
CAM Y01 S . -23.20 -21.47 -6.99
CAL Y01 S . -23.77 -22.08 -5.72
CAX Y01 S . -23.65 -21.23 -4.48
OAH Y01 S . -22.56 -21.20 -3.87
OAF Y01 S . -24.65 -20.57 -4.12
CAA Y01 T . -29.39 -8.32 -27.00
CBA Y01 T . -27.99 -7.77 -26.81
CAB Y01 T . -27.07 -8.85 -26.24
CAN Y01 T . -27.43 -7.20 -28.12
CAJ Y01 T . -27.28 -8.18 -29.24
CAO Y01 T . -27.25 -7.49 -30.59
CBB Y01 T . -27.04 -8.39 -31.82
CAC Y01 T . -27.86 -9.67 -31.67
CBE Y01 T . -27.37 -7.61 -33.11
CAP Y01 T . -26.82 -6.16 -33.05
CAQ Y01 T . -26.16 -5.87 -34.40
CBG Y01 T . -26.89 -6.84 -35.32
CBI Y01 T . -26.93 -8.14 -34.50
CAE Y01 T . -25.55 -8.80 -34.40
CAU Y01 T . -27.91 -9.04 -35.27
CAS Y01 T . -27.46 -9.31 -36.72
CBF Y01 T . -27.21 -8.02 -37.54
CBD Y01 T . -26.36 -7.02 -36.74
CAK Y01 T . -26.29 -5.69 -37.49
CAI Y01 T . -25.83 -5.92 -38.89
CAZ Y01 T . -25.88 -7.09 -39.51
CAV Y01 T . -25.29 -7.26 -40.89
CBH Y01 T . -26.58 -8.32 -38.94
CAD Y01 T . -25.54 -9.46 -38.84
CAT Y01 T . -27.66 -8.71 -39.96
CAR Y01 T . -27.11 -8.87 -41.39
CBC Y01 T . -26.39 -7.64 -41.87
OAW Y01 T . -25.75 -7.89 -43.16
CAY Y01 T . -25.27 -6.86 -43.85
OAG Y01 T . -25.59 -5.73 -43.67
CAM Y01 T . -24.28 -7.29 -44.89
CAL Y01 T . -23.57 -6.14 -45.58
CAX Y01 T . -22.57 -6.53 -46.64
OAH Y01 T . -22.42 -7.74 -46.91
OAF Y01 T . -21.94 -5.63 -47.23
CAA Y01 U . -28.97 -7.84 -21.69
CBA Y01 U . -30.05 -6.85 -21.32
CAB Y01 U . -31.30 -7.13 -22.15
CAN Y01 U . -30.35 -6.89 -19.83
CAJ Y01 U . -31.53 -6.07 -19.36
CAO Y01 U . -31.23 -4.60 -19.27
CBB Y01 U . -32.31 -3.75 -18.56
CAC Y01 U . -33.68 -4.05 -19.15
CBE Y01 U . -32.20 -3.90 -17.03
CAP Y01 U . -30.72 -3.80 -16.56
CAQ Y01 U . -30.72 -3.21 -15.15
CBG Y01 U . -32.19 -3.24 -14.75
CBI Y01 U . -32.93 -2.91 -16.06
CAE Y01 U . -32.69 -1.48 -16.52
CAU Y01 U . -34.42 -3.16 -15.77
CAS Y01 U . -34.92 -2.31 -14.60
CBF Y01 U . -34.14 -2.57 -13.30
CBD Y01 U . -32.63 -2.44 -13.52
CAK Y01 U . -31.88 -2.91 -12.28
CAI Y01 U . -32.52 -2.46 -11.01
CAZ Y01 U . -33.68 -1.83 -10.92
CAV Y01 U . -34.16 -1.24 -9.61
CBH Y01 U . -34.61 -1.67 -12.13
CAD Y01 U . -34.62 -0.17 -12.52
CAT Y01 U . -36.02 -2.10 -11.69
CAR Y01 U . -36.49 -1.44 -10.40
CBC Y01 U . -35.56 -1.72 -9.26
OAW Y01 U . -36.03 -0.95 -8.11
CAY Y01 U . -35.68 -1.31 -6.87
OAG Y01 U . -34.96 -2.22 -6.62
CAM Y01 U . -36.33 -0.43 -5.84
CAL Y01 U . -36.03 -0.74 -4.38
CAX Y01 U . -34.74 -0.17 -3.85
OAH Y01 U . -34.65 1.07 -3.74
OAF Y01 U . -33.81 -0.94 -3.56
CAA Y01 V . -5.92 -12.96 -17.47
CBA Y01 V . -5.58 -12.30 -16.14
CAB Y01 V . -6.15 -10.89 -16.07
CAN Y01 V . -6.06 -13.15 -14.97
CAJ Y01 V . -5.37 -14.49 -14.83
CAO Y01 V . -5.74 -15.20 -13.56
CBB Y01 V . -7.15 -15.78 -13.51
CAC Y01 V . -7.23 -17.04 -14.36
CBE Y01 V . -7.64 -16.00 -12.06
CAP Y01 V . -6.80 -15.28 -10.98
CAQ Y01 V . -7.78 -14.78 -9.90
CBG Y01 V . -8.99 -15.67 -10.15
CBI Y01 V . -9.12 -15.66 -11.69
CAE Y01 V . -9.48 -14.27 -12.26
CAU Y01 V . -10.17 -16.69 -12.10
CAS Y01 V . -11.49 -16.54 -11.32
CBF Y01 V . -11.29 -16.55 -9.79
CBD Y01 V . -10.28 -15.46 -9.37
CAK Y01 V . -10.01 -15.54 -7.87
CAI Y01 V . -11.23 -15.81 -7.04
CAZ Y01 V . -12.42 -16.16 -7.54
CAV Y01 V . -13.65 -16.26 -6.65
CBH Y01 V . -12.63 -16.49 -9.00
CAD Y01 V . -13.58 -15.41 -9.59
CAT Y01 V . -13.30 -17.87 -9.02
CAR Y01 V . -14.62 -17.89 -8.26
CBC Y01 V . -14.42 -17.56 -6.80
OAW Y01 V . -15.73 -17.32 -6.18
CAY Y01 V . -16.60 -18.31 -6.00
OAG Y01 V . -16.40 -19.47 -6.20
CAM Y01 V . -17.91 -17.79 -5.48
CAL Y01 V . -18.25 -18.23 -4.07
CAX Y01 V . -19.57 -17.69 -3.56
OAH Y01 V . -20.43 -18.50 -3.18
OAF Y01 V . -19.73 -16.45 -3.53
CAA Y01 W . 5.59 -24.18 -8.84
CBA Y01 W . 4.10 -23.99 -8.59
CAB Y01 W . 3.29 -24.65 -9.70
CAN Y01 W . 3.69 -24.51 -7.22
CAJ Y01 W . 2.21 -24.63 -6.96
CAO Y01 W . 1.90 -25.23 -5.61
CBB Y01 W . 1.09 -26.55 -5.60
CAC Y01 W . 1.41 -27.37 -6.85
CBE Y01 W . 1.35 -27.38 -4.33
CAP Y01 W . 2.75 -27.13 -3.72
CAQ Y01 W . 2.66 -27.58 -2.25
CBG Y01 W . 1.34 -28.33 -2.22
CBI Y01 W . 0.44 -27.39 -3.07
CAE Y01 W . 0.30 -25.98 -2.50
CAU Y01 W . -0.93 -28.03 -3.17
CAS Y01 W . -1.49 -28.23 -1.76
CBF Y01 W . -0.67 -29.27 -0.99
CBD Y01 W . 0.81 -28.86 -0.89
CAK Y01 W . 1.59 -30.09 -0.46
CAI Y01 W . 0.92 -30.87 0.64
CAZ Y01 W . -0.28 -30.58 1.12
CAV Y01 W . -0.78 -31.22 2.41
CBH Y01 W . -1.23 -29.62 0.42
CAD Y01 W . -1.38 -28.36 1.30
CAT Y01 W . -2.59 -30.34 0.29
CAR Y01 W . -3.11 -30.84 1.64
CBC Y01 W . -2.17 -31.81 2.29
OAW Y01 W . -2.69 -32.20 3.60
CAY Y01 W . -3.17 -31.29 4.47
OAG Y01 W . -2.62 -30.28 4.80
CAM Y01 W . -4.53 -31.67 4.95
CAL Y01 W . -4.76 -31.97 6.42
CAX Y01 W . -5.31 -30.82 7.23
OAH Y01 W . -4.54 -29.93 7.61
OAF Y01 W . -6.53 -30.82 7.48
CAA Y01 X . -15.22 -33.63 -17.28
CBA Y01 X . -14.46 -32.34 -17.51
CAB Y01 X . -13.15 -32.34 -16.74
CAN Y01 X . -14.23 -32.09 -19.01
CAJ Y01 X . -13.39 -33.13 -19.72
CAO Y01 X . -13.64 -33.14 -21.21
CBB Y01 X . -12.80 -34.11 -22.04
CAC Y01 X . -12.69 -35.45 -21.31
CBE Y01 X . -13.39 -34.24 -23.46
CAP Y01 X . -13.84 -32.85 -24.02
CAQ Y01 X . -13.34 -32.77 -25.47
CBG Y01 X . -13.24 -34.25 -25.85
CBI Y01 X . -12.57 -34.89 -24.62
CAE Y01 X . -11.10 -34.50 -24.49
CAU Y01 X . -12.72 -36.40 -24.84
CAS Y01 X . -12.05 -36.86 -26.15
CBF Y01 X . -12.53 -36.11 -27.40
CBD Y01 X . -12.55 -34.60 -27.16
CAK Y01 X . -13.22 -33.90 -28.35
CAI Y01 X . -12.58 -34.32 -29.62
CAZ Y01 X . -11.83 -35.41 -29.75
CAV Y01 X . -11.12 -35.72 -31.05
CBH Y01 X . -11.70 -36.49 -28.67
CAD Y01 X . -10.21 -36.65 -28.33
CAT Y01 X . -12.22 -37.79 -29.31
CAR Y01 X . -11.53 -38.12 -30.64
CBC Y01 X . -11.65 -37.00 -31.65
OAW Y01 X . -10.85 -37.30 -32.83
CAY Y01 X . -11.03 -36.54 -33.92
OAG Y01 X . -11.99 -35.85 -34.12
CAM Y01 X . -9.87 -36.65 -34.87
CAL Y01 X . -9.94 -35.68 -36.03
CAX Y01 X . -8.80 -35.76 -37.02
OAH Y01 X . -7.91 -36.63 -36.84
OAF Y01 X . -8.78 -34.97 -37.98
CAA Y01 Y . -15.73 -31.01 -12.63
CBA Y01 Y . -17.24 -30.82 -12.50
CAB Y01 Y . -17.97 -32.07 -12.96
CAN Y01 Y . -17.60 -30.46 -11.07
CAJ Y01 Y . -19.08 -30.40 -10.75
CAO Y01 Y . -19.75 -29.14 -11.24
CBB Y01 Y . -21.19 -28.90 -10.74
CAC Y01 Y . -22.02 -30.17 -10.96
CBE Y01 Y . -21.18 -28.37 -9.29
CAP Y01 Y . -20.12 -27.25 -9.13
CAQ Y01 Y . -20.63 -26.28 -8.05
CBG Y01 Y . -21.81 -27.03 -7.43
CBI Y01 Y . -22.46 -27.74 -8.64
CAE Y01 Y . -23.08 -26.75 -9.63
CAU Y01 Y . -23.51 -28.69 -8.06
CAS Y01 Y . -24.54 -27.94 -7.21
CBF Y01 Y . -23.91 -27.16 -6.06
CBD Y01 Y . -22.77 -26.25 -6.54
CAK Y01 Y . -22.03 -25.68 -5.34
CAI Y01 Y . -22.95 -25.25 -4.24
CAZ Y01 Y . -24.26 -25.46 -4.22
CAV Y01 Y . -25.13 -24.84 -3.14
CBH Y01 Y . -24.95 -26.35 -5.23
CAD Y01 Y . -25.82 -25.45 -6.14
CAT Y01 Y . -25.85 -27.34 -4.45
CAR Y01 Y . -26.76 -26.66 -3.44
CBC Y01 Y . -25.98 -25.86 -2.43
OAW Y01 Y . -26.94 -25.16 -1.58
CAY Y01 Y . -26.59 -24.74 -0.38
OAG Y01 Y . -25.49 -24.86 0.08
CAM Y01 Y . -27.73 -24.13 0.36
CAL Y01 Y . -27.47 -23.60 1.77
CAX Y01 Y . -26.85 -22.22 1.84
OAH Y01 Y . -27.54 -21.25 1.49
OAF Y01 Y . -25.69 -22.12 2.25
CAA Y01 Z . 5.10 -19.36 -10.42
CBA Y01 Z . 4.82 -18.19 -9.49
CAB Y01 Z . 3.52 -17.50 -9.86
CAN Y01 Z . 4.84 -18.62 -8.03
CAJ Y01 Z . 6.17 -19.11 -7.52
CAO Y01 Z . 6.17 -19.35 -6.04
CBB Y01 Z . 5.40 -20.59 -5.57
CAC Y01 Z . 6.19 -21.85 -5.87
CBE Y01 Z . 5.00 -20.48 -4.08
CAP Y01 Z . 5.10 -19.05 -3.48
CAQ Y01 Z . 3.91 -18.87 -2.51
CBG Y01 Z . 3.52 -20.32 -2.25
CBI Y01 Z . 3.58 -20.98 -3.64
CAE Y01 Z . 2.52 -20.41 -4.61
CAU Y01 Z . 3.41 -22.49 -3.48
CAS Y01 Z . 2.21 -22.87 -2.61
CBF Y01 Z . 2.20 -22.17 -1.24
CBD Y01 Z . 2.29 -20.65 -1.40
CAK Y01 Z . 2.40 -19.98 -0.03
CAI Y01 Z . 1.50 -20.58 1.01
CAZ Y01 Z . 0.83 -21.71 0.86
CAV Y01 Z . -0.18 -22.17 1.90
CBH Y01 Z . 1.02 -22.63 -0.33
CAD Y01 Z . -0.31 -22.65 -1.12
CAT Y01 Z . 1.33 -24.02 0.25
CAR Y01 Z . 0.21 -24.52 1.17
CBC Y01 Z . 0.01 -23.62 2.35
OAW Y01 Z . -1.23 -23.99 3.03
CAY Y01 Z . -1.35 -25.15 3.70
OAG Y01 Z . -0.46 -25.92 3.90
CAM Y01 Z . -2.75 -25.35 4.19
CAL Y01 Z . -2.91 -25.33 5.69
CAX Y01 Z . -4.33 -25.53 6.17
OAH Y01 Z . -4.55 -26.49 6.94
OAF Y01 Z . -5.19 -24.73 5.77
CAA Y01 AA . 20.00 -17.11 -0.15
CBA Y01 AA . 18.68 -17.77 0.23
CAB Y01 AA . 18.57 -19.15 -0.42
CAN Y01 AA . 18.53 -17.87 1.74
CAJ Y01 AA . 17.40 -18.73 2.25
CAO Y01 AA . 17.38 -18.84 3.76
CBB Y01 AA . 17.54 -20.24 4.37
CAC Y01 AA . 18.42 -21.10 3.48
CBE Y01 AA . 18.11 -20.20 5.79
CAP Y01 AA . 18.99 -18.96 6.06
CAQ Y01 AA . 19.04 -18.77 7.58
CBG Y01 AA . 18.44 -20.07 8.09
CBI Y01 AA . 17.26 -20.27 7.09
CAE Y01 AA . 16.23 -19.14 7.14
CAU Y01 AA . 16.58 -21.57 7.46
CAS Y01 AA . 16.10 -21.52 8.91
CBF Y01 AA . 17.29 -21.47 9.88
CBD Y01 AA . 18.20 -20.26 9.58
CAK Y01 AA . 19.52 -20.50 10.31
CAI Y01 AA . 19.34 -21.04 11.70
CAZ Y01 AA . 18.16 -21.36 12.22
CAV Y01 AA . 18.01 -21.62 13.72
CBH Y01 AA . 16.91 -21.52 11.38
CAD Y01 AA . 15.93 -20.38 11.73
CAT Y01 AA . 16.29 -22.88 11.73
CAR Y01 AA . 16.03 -23.04 13.22
CBC Y01 AA . 17.30 -22.92 14.03
OAW Y01 AA . 16.98 -23.00 15.46
CAY Y01 AA . 15.95 -22.32 15.99
OAG Y01 AA . 15.74 -21.15 15.85
CAM Y01 AA . 15.05 -23.22 16.79
CAL Y01 AA . 14.91 -23.01 18.28
CAX Y01 AA . 13.67 -22.22 18.70
OAH Y01 AA . 13.71 -20.97 18.60
OAF Y01 AA . 12.68 -22.84 19.11
CAA Y01 BA . 10.27 -39.41 -1.29
CBA Y01 BA . 10.11 -38.14 -2.09
CAB Y01 BA . 11.06 -37.07 -1.58
CAN Y01 BA . 10.32 -38.39 -3.58
CAJ Y01 BA . 11.67 -38.90 -3.99
CAO Y01 BA . 11.64 -39.62 -5.31
CBB Y01 BA . 12.99 -40.12 -5.85
CAC Y01 BA . 13.81 -40.72 -4.72
CBE Y01 BA . 12.75 -41.10 -7.02
CAP Y01 BA . 11.63 -40.61 -7.97
CAQ Y01 BA . 12.13 -40.81 -9.41
CBG Y01 BA . 13.15 -41.92 -9.24
CBI Y01 BA . 13.93 -41.52 -7.97
CAE Y01 BA . 14.84 -40.31 -8.22
CAU Y01 BA . 14.76 -42.75 -7.60
CAS Y01 BA . 15.70 -43.18 -8.73
CBF Y01 BA . 15.00 -43.41 -10.09
CBD Y01 BA . 14.04 -42.26 -10.42
CAK Y01 BA . 13.23 -42.61 -11.65
CAI Y01 BA . 14.13 -43.01 -12.77
CAZ Y01 BA . 15.38 -43.40 -12.61
CAV Y01 BA . 16.27 -43.69 -13.80
CBH Y01 BA . 16.02 -43.67 -11.25
CAD Y01 BA . 17.26 -42.76 -11.10
CAT Y01 BA . 16.49 -45.14 -11.28
CAR Y01 BA . 17.37 -45.47 -12.49
CBC Y01 BA . 16.70 -45.13 -13.80
OAW Y01 BA . 17.64 -45.31 -14.91
CAY Y01 BA . 17.17 -45.29 -16.15
OAG Y01 BA . 16.01 -45.45 -16.44
CAM Y01 BA . 18.25 -45.04 -17.16
CAL Y01 BA . 17.73 -44.83 -18.57
CAX Y01 BA . 18.80 -44.59 -19.63
OAH Y01 BA . 19.99 -44.60 -19.28
OAF Y01 BA . 18.42 -44.38 -20.80
CAA Y01 CA . 7.77 -36.12 2.11
CBA Y01 CA . 6.46 -36.83 2.39
CAB Y01 CA . 6.68 -38.32 2.53
CAN Y01 CA . 5.79 -36.25 3.63
CAJ Y01 CA . 4.56 -36.97 4.12
CAO Y01 CA . 3.32 -36.66 3.32
CBB Y01 CA . 1.99 -37.17 3.91
CAC Y01 CA . 2.12 -38.64 4.30
CBE Y01 CA . 1.51 -36.23 5.04
CAP Y01 CA . 1.65 -34.74 4.63
CAQ Y01 CA . 0.54 -33.95 5.35
CBG Y01 CA . 0.01 -34.96 6.36
CBI Y01 CA . 0.05 -36.30 5.60
CAE Y01 CA . -0.93 -36.36 4.43
CAU Y01 CA . -0.27 -37.39 6.64
CAS Y01 CA . -1.63 -37.15 7.31
CBF Y01 CA . -1.73 -35.78 7.99
CBD Y01 CA . -1.32 -34.64 7.04
CAK Y01 CA . -1.23 -33.34 7.83
CAI Y01 CA . -2.33 -33.15 8.83
CAZ Y01 CA . -3.22 -34.08 9.12
CAV Y01 CA . -4.41 -33.76 10.01
CBH Y01 CA . -3.13 -35.52 8.62
CAD Y01 CA . -4.25 -35.76 7.59
CAT Y01 CA . -3.32 -36.46 9.83
CAR Y01 CA . -4.57 -36.14 10.66
CBC Y01 CA . -4.54 -34.73 11.16
OAW Y01 CA . -5.82 -34.48 11.83
CAY Y01 CA . -5.92 -33.51 12.73
OAG Y01 CA . -5.03 -32.76 13.03
CAM Y01 CA . -7.29 -33.49 13.37
CAL Y01 CA . -7.55 -32.43 14.43
CAX Y01 CA . -7.91 -31.05 13.90
OAH Y01 CA . -9.00 -30.92 13.32
OAF Y01 CA . -7.09 -30.12 14.05
CAA Y01 DA . 16.87 -14.60 -3.29
CBA Y01 DA . 15.83 -13.59 -2.82
CAB Y01 DA . 14.42 -14.01 -3.20
CAN Y01 DA . 15.96 -13.33 -1.32
CAJ Y01 DA . 17.24 -12.69 -0.88
CAO Y01 DA . 17.23 -12.29 0.57
CBB Y01 DA . 17.31 -13.44 1.58
CAC Y01 DA . 18.74 -13.98 1.63
CBE Y01 DA . 16.77 -13.05 2.96
CAP Y01 DA . 15.91 -11.74 2.98
CAQ Y01 DA . 14.76 -11.97 3.98
CBG Y01 DA . 15.31 -13.12 4.81
CBI Y01 DA . 15.91 -14.08 3.76
CAE Y01 DA . 14.84 -14.68 2.82
CAU Y01 DA . 16.67 -15.18 4.49
CAS Y01 DA . 15.85 -15.85 5.61
CBF Y01 DA . 15.27 -14.84 6.62
CBD Y01 DA . 14.44 -13.76 5.90
CAK Y01 DA . 13.97 -12.71 6.89
CAI Y01 DA . 13.52 -13.27 8.21
CAZ Y01 DA . 13.69 -14.53 8.59
CAV Y01 DA . 13.07 -15.06 9.86
CBH Y01 DA . 14.52 -15.53 7.79
CAD Y01 DA . 13.58 -16.63 7.28
CAT Y01 DA . 15.55 -16.09 8.78
CAR Y01 DA . 14.87 -16.77 9.98
CBC Y01 DA . 14.04 -15.80 10.77
OAW Y01 DA . 13.21 -16.54 11.72
CAY Y01 DA . 13.75 -17.18 12.77
OAG Y01 DA . 14.89 -17.12 13.10
CAM Y01 DA . 12.71 -17.98 13.51
CAL Y01 DA . 12.42 -17.48 14.90
CAX Y01 DA . 11.36 -18.29 15.64
OAH Y01 DA . 11.68 -18.81 16.72
OAF Y01 DA . 10.24 -18.40 15.11
CAA Y01 EA . 26.17 -0.25 3.04
CBA Y01 EA . 25.49 -1.36 3.84
CAB Y01 EA . 26.30 -2.64 3.76
CAN Y01 EA . 25.26 -0.94 5.28
CAJ Y01 EA . 24.84 -2.03 6.24
CAO Y01 EA . 24.72 -1.54 7.67
CBB Y01 EA . 25.63 -2.21 8.71
CAC Y01 EA . 26.94 -2.63 8.07
CBE Y01 EA . 25.89 -1.29 9.93
CAP Y01 EA . 25.81 0.21 9.57
CAQ Y01 EA . 25.56 0.95 10.90
CBG Y01 EA . 25.83 -0.14 11.93
CBI Y01 EA . 25.12 -1.35 11.28
CAE Y01 EA . 23.62 -1.16 11.06
CAU Y01 EA . 25.34 -2.55 12.18
CAS Y01 EA . 24.76 -2.24 13.57
CBF Y01 EA . 25.57 -1.13 14.26
CBD Y01 EA . 25.59 0.16 13.41
CAK Y01 EA . 26.69 1.05 13.96
CAI Y01 EA . 26.72 1.10 15.46
CAZ Y01 EA . 25.94 0.36 16.24
CAV Y01 EA . 25.82 0.66 17.73
CBH Y01 EA . 25.13 -0.82 15.71
CAD Y01 EA . 23.63 -0.46 15.78
CAT Y01 EA . 25.43 -2.03 16.63
CAR Y01 EA . 25.16 -1.72 18.10
CBC Y01 EA . 25.99 -0.57 18.60
OAW Y01 EA . 25.64 -0.27 20.00
CAY Y01 EA . 24.35 -0.20 20.40
OAG Y01 EA . 23.50 0.44 19.87
CAM Y01 EA . 24.11 -1.07 21.59
CAL Y01 EA . 23.69 -0.45 22.90
CAX Y01 EA . 22.21 -0.46 23.18
OAH Y01 EA . 21.49 0.40 22.64
OAF Y01 EA . 21.76 -1.34 23.94
CAA Y01 FA . 32.10 -22.26 11.63
CBA Y01 FA . 31.28 -21.75 10.44
CAB Y01 FA . 31.33 -20.24 10.38
CAN Y01 FA . 31.76 -22.39 9.14
CAJ Y01 FA . 33.19 -22.09 8.74
CAO Y01 FA . 33.74 -23.12 7.79
CBB Y01 FA . 35.16 -22.88 7.28
CAC Y01 FA . 36.05 -22.39 8.42
CBE Y01 FA . 35.71 -24.15 6.60
CAP Y01 FA . 34.62 -24.84 5.71
CAQ Y01 FA . 35.29 -25.23 4.39
CBG Y01 FA . 36.75 -25.35 4.81
CBI Y01 FA . 36.98 -24.11 5.69
CAE Y01 FA . 37.00 -22.81 4.89
CAU Y01 FA . 38.34 -24.36 6.37
CAS Y01 FA . 39.47 -24.52 5.33
CBF Y01 FA . 39.21 -25.62 4.28
CBD Y01 FA . 37.79 -25.51 3.70
CAK Y01 FA . 37.49 -26.72 2.82
CAI Y01 FA . 38.57 -26.88 1.80
CAZ Y01 FA . 39.77 -26.33 1.90
CAV Y01 FA . 40.78 -26.46 0.77
CBH Y01 FA . 40.30 -25.63 3.15
CAD Y01 FA . 40.70 -24.20 2.76
CAT Y01 FA . 41.55 -26.42 3.59
CAR Y01 FA . 42.57 -26.58 2.47
CBC Y01 FA . 41.99 -27.23 1.23
OAW Y01 FA . 42.96 -27.22 0.15
CAY Y01 FA . 42.71 -27.97 -0.93
OAG Y01 FA . 41.93 -28.88 -0.96
CAM Y01 FA . 43.52 -27.53 -2.11
CAL Y01 FA . 43.15 -28.23 -3.40
CAX Y01 FA . 43.95 -27.82 -4.63
OAH Y01 FA . 44.87 -26.99 -4.48
OAF Y01 FA . 43.67 -28.34 -5.73
CAA Y01 GA . 27.75 -20.12 13.92
CBA Y01 GA . 27.12 -21.30 14.64
CAB Y01 GA . 28.19 -22.17 15.29
CAN Y01 GA . 26.11 -20.81 15.67
CAJ Y01 GA . 25.51 -21.87 16.57
CAO Y01 GA . 24.44 -22.70 15.91
CBB Y01 GA . 23.63 -23.62 16.84
CAC Y01 GA . 24.59 -24.44 17.71
CBE Y01 GA . 22.57 -22.81 17.62
CAP Y01 GA . 21.82 -21.84 16.66
CAQ Y01 GA . 20.39 -21.66 17.21
CBG Y01 GA . 20.46 -22.31 18.59
CBI Y01 GA . 21.40 -23.52 18.38
CAE Y01 GA . 20.78 -24.58 17.47
CAU Y01 GA . 21.68 -24.08 19.77
CAS Y01 GA . 20.40 -24.47 20.51
CBF Y01 GA . 19.42 -23.30 20.65
CBD Y01 GA . 19.14 -22.61 19.30
CAK Y01 GA . 18.36 -21.33 19.53
CAI Y01 GA . 17.27 -21.49 20.55
CAZ Y01 GA . 17.08 -22.57 21.29
CAV Y01 GA . 15.85 -22.70 22.17
CBH Y01 GA . 18.08 -23.71 21.34
CAD Y01 GA . 17.44 -24.93 20.65
CAT Y01 GA . 18.36 -24.03 22.82
CAR Y01 GA . 17.10 -24.22 23.65
CBC Y01 GA . 16.21 -23.02 23.61
OAW Y01 GA . 14.98 -23.35 24.33
CAY Y01 GA . 14.21 -22.39 24.82
OAG Y01 GA . 14.43 -21.22 24.69
CAM Y01 GA . 13.06 -22.94 25.59
CAL Y01 GA . 12.09 -21.94 26.22
CAX Y01 GA . 11.04 -21.38 25.29
OAH Y01 GA . 10.15 -22.15 24.88
OAF Y01 GA . 11.10 -20.18 24.97
CAA Y01 HA . 22.52 -1.53 -0.28
CBA Y01 HA . 21.05 -1.24 -0.06
CAB Y01 HA . 20.23 -2.53 -0.04
CAN Y01 HA . 20.81 -0.42 1.21
CAJ Y01 HA . 21.39 0.97 1.18
CAO Y01 HA . 20.98 1.79 2.37
CBB Y01 HA . 21.64 1.41 3.70
CAC Y01 HA . 23.08 1.90 3.74
CBE Y01 HA . 20.82 1.89 4.92
CAP Y01 HA . 19.36 2.32 4.59
CAQ Y01 HA . 18.48 1.85 5.76
CBG Y01 HA . 19.51 1.67 6.87
CBI Y01 HA . 20.68 0.95 6.16
CAE Y01 HA . 20.30 -0.46 5.68
CAU Y01 HA . 21.87 0.90 7.11
CAS Y01 HA . 21.50 0.38 8.50
CBF Y01 HA . 20.33 1.13 9.15
CBD Y01 HA . 19.11 1.12 8.22
CAK Y01 HA . 17.98 1.96 8.82
CAI Y01 HA . 17.82 1.79 10.31
CAZ Y01 HA . 18.68 1.15 11.09
CAV Y01 HA . 18.36 0.88 12.55
CBH Y01 HA . 20.02 0.64 10.60
CAD Y01 HA . 20.00 -0.90 10.67
CAT Y01 HA . 21.06 1.23 11.56
CAR Y01 HA . 20.81 0.80 13.01
CBC Y01 HA . 19.47 1.29 13.51
OAW Y01 HA . 19.17 0.63 14.78
CAY Y01 HA . 19.87 0.90 15.89
OAG Y01 HA . 20.69 1.75 16.00
CAM Y01 HA . 19.45 0.00 17.02
CAL Y01 HA . 18.76 0.70 18.17
CAX Y01 HA . 18.34 -0.22 19.30
OAH Y01 HA . 18.78 0.02 20.44
OAF Y01 HA . 17.58 -1.16 19.02
CAA Y01 IA . 20.44 16.58 -1.11
CBA Y01 IA . 20.50 15.69 0.13
CAB Y01 IA . 21.93 15.24 0.40
CAN Y01 IA . 19.90 16.40 1.34
CAJ Y01 IA . 20.13 15.73 2.68
CAO Y01 IA . 19.58 16.56 3.83
CBB Y01 IA . 20.59 17.02 4.89
CAC Y01 IA . 21.95 17.26 4.26
CBE Y01 IA . 20.11 18.29 5.63
CAP Y01 IA . 19.17 19.18 4.77
CAQ Y01 IA . 18.38 20.05 5.76
CBG Y01 IA . 19.14 19.82 7.06
CBI Y01 IA . 19.40 18.30 7.01
CAE Y01 IA . 18.11 17.47 6.97
CAU Y01 IA . 20.19 17.93 8.25
CAS Y01 IA . 19.40 18.33 9.50
CBF Y01 IA . 19.28 19.86 9.60
CBD Y01 IA . 18.62 20.46 8.35
CAK Y01 IA . 18.89 21.96 8.37
CAI Y01 IA . 18.71 22.58 9.72
CAZ Y01 IA . 18.46 21.89 10.82
CAV Y01 IA . 18.02 22.59 12.10
CBH Y01 IA . 18.59 20.37 10.89
CAD Y01 IA . 17.19 19.75 11.05
CAT Y01 IA . 19.46 20.05 12.13
CAR Y01 IA . 18.89 20.66 13.41
CBC Y01 IA . 18.81 22.16 13.33
OAW Y01 IA . 18.20 22.68 14.55
CAY Y01 IA . 17.10 22.12 15.09
OAG Y01 IA . 16.08 21.87 14.49
CAM Y01 IA . 17.30 21.81 16.53
CAL Y01 IA . 16.45 22.50 17.58
CAX Y01 IA . 15.25 21.72 18.07
OAH Y01 IA . 14.22 21.69 17.36
OAF Y01 IA . 15.35 21.12 19.15
CAA Y01 JA . 37.51 7.81 13.89
CBA Y01 JA . 36.69 7.23 12.75
CAB Y01 JA . 35.82 8.30 12.13
CAN Y01 JA . 37.59 6.57 11.70
CAJ Y01 JA . 38.58 7.48 11.01
CAO Y01 JA . 39.75 6.72 10.43
CBB Y01 JA . 40.78 7.54 9.65
CAC Y01 JA . 41.06 8.86 10.39
CBE Y01 JA . 42.05 6.70 9.41
CAP Y01 JA . 41.71 5.23 9.02
CAQ Y01 JA . 42.61 4.86 7.84
CBG Y01 JA . 43.80 5.79 8.04
CBI Y01 JA . 43.14 7.14 8.37
CAE Y01 JA . 42.44 7.77 7.16
CAU Y01 JA . 44.28 8.04 8.87
CAS Y01 JA . 45.38 8.20 7.80
CBF Y01 JA . 45.96 6.87 7.28
CBD Y01 JA . 44.83 5.88 6.92
CAK Y01 JA . 45.42 4.53 6.60
CAI Y01 JA . 46.49 4.66 5.56
CAZ Y01 JA . 47.10 5.80 5.27
CAV Y01 JA . 48.09 5.88 4.13
CBH Y01 JA . 46.94 7.08 6.08
CAD Y01 JA . 46.44 8.19 5.14
CAT Y01 JA . 48.36 7.45 6.58
CAR Y01 JA . 49.39 7.51 5.45
CBC Y01 JA . 49.46 6.23 4.65
OAW Y01 JA . 50.33 6.40 3.50
CAY Y01 JA . 50.71 5.32 2.82
OAG Y01 JA . 50.66 4.20 3.24
CAM Y01 JA . 51.21 5.67 1.45
CAL Y01 JA . 51.48 4.45 0.57
CAX Y01 JA . 52.00 4.75 -0.82
OAH Y01 JA . 52.21 5.95 -1.13
OAF Y01 JA . 52.21 3.80 -1.60
CAA Y01 KA . 32.55 7.60 15.89
CBA Y01 KA . 32.68 6.66 17.07
CAB Y01 KA . 33.97 6.93 17.81
CAN Y01 KA . 31.48 6.79 17.99
CAJ Y01 KA . 31.54 6.03 19.30
CAO Y01 KA . 31.27 4.56 19.16
CBB Y01 KA . 31.09 3.78 20.47
CAC Y01 KA . 32.25 4.09 21.42
CBE Y01 KA . 29.68 4.01 21.05
CAP Y01 KA . 28.61 3.89 19.93
CAQ Y01 KA . 27.32 3.37 20.59
CBG Y01 KA . 27.61 3.47 22.08
CBI Y01 KA . 29.10 3.10 22.18
CAE Y01 KA . 29.36 1.63 21.83
CAU Y01 KA . 29.51 3.40 23.63
CAS Y01 KA . 28.65 2.64 24.64
CBF Y01 KA . 27.16 2.94 24.50
CBD Y01 KA . 26.68 2.75 23.05
CAK Y01 KA . 25.25 3.26 22.91
CAI Y01 KA . 24.38 2.90 24.07
CAZ Y01 KA . 24.80 2.31 25.17
CAV Y01 KA . 23.82 1.81 26.22
CBH Y01 KA . 26.28 2.11 25.49
CAD Y01 KA . 26.60 0.61 25.39
CAT Y01 KA . 26.54 2.62 26.92
CAR Y01 KA . 25.57 2.04 27.95
CBC Y01 KA . 24.14 2.34 27.60
OAW Y01 KA . 23.30 1.65 28.57
CAY Y01 KA . 22.05 2.06 28.79
OAG Y01 KA . 21.53 2.98 28.21
CAM Y01 KA . 21.39 1.28 29.88
CAL Y01 KA . 19.95 1.65 30.23
CAX Y01 KA . 18.89 1.07 29.34
OAH Y01 KA . 18.70 -0.16 29.38
OAF Y01 KA . 18.24 1.83 28.60
CAA Y01 LA . 18.71 12.24 -3.14
CBA Y01 LA . 17.35 11.64 -2.82
CAB Y01 LA . 17.49 10.25 -2.21
CAN Y01 LA . 16.54 12.57 -1.92
CAJ Y01 LA . 16.15 13.89 -2.54
CAO Y01 LA . 15.20 14.68 -1.68
CBB Y01 LA . 15.81 15.30 -0.42
CAC Y01 LA . 16.64 16.52 -0.78
CBE Y01 LA . 14.73 15.62 0.64
CAP Y01 LA . 13.36 14.92 0.41
CAQ Y01 LA . 12.82 14.51 1.79
CBG Y01 LA . 13.62 15.43 2.72
CBI Y01 LA . 15.06 15.34 2.15
CAE Y01 LA . 15.67 13.93 2.29
CAU Y01 LA . 15.92 16.38 2.86
CAS Y01 LA . 15.79 16.31 4.38
CBF Y01 LA . 14.35 16.39 4.89
CBD Y01 LA . 13.48 15.30 4.23
CAK Y01 LA . 12.03 15.45 4.65
CAI Y01 LA . 11.84 15.80 6.09
CAZ Y01 LA . 12.82 16.16 6.91
CAV Y01 LA . 12.57 16.34 8.40
CBH Y01 LA . 14.24 16.41 6.44
CAD Y01 LA . 15.14 15.34 7.08
CAT Y01 LA . 14.60 17.81 6.96
CAR Y01 LA . 14.50 17.90 8.48
CBC Y01 LA . 13.10 17.66 8.96
OAW Y01 LA . 13.11 17.48 10.41
CAY Y01 LA . 13.38 18.51 11.23
OAG Y01 LA . 13.51 19.65 10.90
CAM Y01 LA . 13.47 18.07 12.66
CAL Y01 LA . 12.38 18.59 13.57
CAX Y01 LA . 12.48 18.11 15.00
OAH Y01 LA . 12.57 18.97 15.90
OAF Y01 LA . 12.49 16.88 15.21
CAA Y01 MA . 23.33 33.16 4.18
CBA Y01 MA . 23.16 31.82 3.46
CAB Y01 MA . 21.88 31.83 2.64
CAN Y01 MA . 24.39 31.50 2.61
CAJ Y01 MA . 24.69 32.47 1.49
CAO Y01 MA . 26.13 32.41 1.06
CBB Y01 MA . 26.53 33.31 -0.12
CAC Y01 MA . 25.87 34.68 0.04
CBE Y01 MA . 28.07 33.38 -0.22
CAP Y01 MA . 28.73 31.99 0.00
CAQ Y01 MA . 29.80 31.82 -1.08
CBG Y01 MA . 30.14 33.26 -1.42
CBI Y01 MA . 28.76 33.95 -1.51
CAE Y01 MA . 27.97 33.52 -2.75
CAU Y01 MA . 29.07 35.45 -1.55
CAS Y01 MA . 29.96 35.81 -2.75
CBF Y01 MA . 31.27 35.02 -2.84
CBD Y01 MA . 31.02 33.52 -2.63
CAK Y01 MA . 32.35 32.79 -2.53
CAI Y01 MA . 33.22 33.11 -3.69
CAZ Y01 MA . 33.04 34.17 -4.47
CAV Y01 MA . 33.90 34.39 -5.70
CBH Y01 MA . 32.05 35.30 -4.17
CAD Y01 MA . 31.09 35.43 -5.36
CAT Y01 MA . 32.89 36.59 -4.06
CAR Y01 MA . 33.79 36.82 -5.28
CBC Y01 MA . 34.71 35.65 -5.56
OAW Y01 MA . 35.42 35.86 -6.81
CAY Y01 MA . 36.45 35.05 -7.10
OAG Y01 MA . 37.03 34.39 -6.30
CAM Y01 MA . 36.78 35.08 -8.56
CAL Y01 MA . 37.82 34.05 -8.96
CAX Y01 MA . 38.20 34.05 -10.43
OAH Y01 MA . 37.68 34.90 -11.19
OAF Y01 MA . 39.03 33.20 -10.83
CAA Y01 NA . 19.32 30.81 6.84
CBA Y01 NA . 19.87 30.67 8.26
CAB Y01 NA . 20.64 31.92 8.65
CAN Y01 NA . 18.74 30.40 9.24
CAJ Y01 NA . 19.11 30.40 10.70
CAO Y01 NA . 19.80 29.14 11.16
CBB Y01 NA . 19.99 28.98 12.68
CAC Y01 NA . 20.60 30.26 13.26
CBE Y01 NA . 18.67 28.53 13.34
CAP Y01 NA . 18.02 27.38 12.52
CAQ Y01 NA . 17.25 26.49 13.51
CBG Y01 NA . 17.25 27.30 14.80
CBI Y01 NA . 18.64 27.97 14.80
CAE Y01 NA . 19.77 26.95 14.97
CAU Y01 NA . 18.63 28.98 15.96
CAS Y01 NA . 18.30 28.31 17.29
CBF Y01 NA . 16.96 27.57 17.28
CBD Y01 NA . 16.85 26.60 16.09
CAK Y01 NA . 15.43 26.07 16.00
CAI Y01 NA . 14.84 25.73 17.33
CAZ Y01 NA . 15.41 25.99 18.49
CAV Y01 NA . 14.82 25.45 19.78
CBH Y01 NA . 16.65 26.84 18.62
CAD Y01 NA . 17.83 25.93 19.04
CAT Y01 NA . 16.39 27.90 19.72
CAR Y01 NA . 15.87 27.30 21.02
CBC Y01 NA . 14.60 26.54 20.81
OAW Y01 NA . 14.24 25.91 22.08
CAY Y01 NA . 12.99 25.54 22.32
OAG Y01 NA . 12.09 25.65 21.54
CAM Y01 NA . 12.82 25.01 23.71
CAL Y01 NA . 11.43 24.55 24.12
CAX Y01 NA . 11.04 23.15 23.67
OAH Y01 NA . 11.63 22.19 24.19
OAF Y01 NA . 10.15 23.03 22.82
#